data_3I3O
#
_entry.id   3I3O
#
_cell.length_a   131.757
_cell.length_b   168.156
_cell.length_c   107.194
_cell.angle_alpha   90.00
_cell.angle_beta   90.00
_cell.angle_gamma   90.00
#
_symmetry.space_group_name_H-M   'P 21 21 2'
#
loop_
_entity.id
_entity.type
_entity.pdbx_description
1 polymer 'Short chain dehydrogenase'
2 non-polymer 'MAGNESIUM ION'
3 non-polymer 'NICOTINAMIDE ADENINE DINUCLEOTIDE ACETONE ADDUCT'
4 non-polymer 'CACODYLATE ION'
5 non-polymer 'CHLORIDE ION'
6 water water
#
_entity_poly.entity_id   1
_entity_poly.type   'polypeptide(L)'
_entity_poly.pdbx_seq_one_letter_code
;SNAMPQQKNFVTMPAQHQNKQPGIESLMNPLPQFEDPNYKGSEKLKGKNVLITGGDSGIGRAVSIAFAKEGANIAIAYLD
EEGDANETKQYVEKEGVKCVLLPGDLSDEQHCKDIVQETVRQLGSLNILVNNVAQQYPQQGLEYITAEQLEKTFRINIFS
YFHVTKAALSHLKQGDVIINTASIVAYEGNETLIDYSATKGAIVAFTRSLSQSLVQKGIRVNGVAPGPIWTPLIPSSFDE
KKVSQFGSNVPMQRPGQPYELAPAYVYLASSDSSYVTGQMIHVNGGVIVNG
;
_entity_poly.pdbx_strand_id   A,B,C,D,E,F,G,H
#
# COMPACT_ATOMS: atom_id res chain seq x y z
N PHE A 10 -46.87 -9.17 1.71
CA PHE A 10 -45.77 -10.14 1.96
C PHE A 10 -45.70 -10.59 3.44
N VAL A 11 -45.84 -11.90 3.65
CA VAL A 11 -45.82 -12.51 4.99
C VAL A 11 -44.42 -12.56 5.59
N THR A 12 -44.25 -11.92 6.74
CA THR A 12 -42.96 -11.85 7.43
C THR A 12 -42.94 -12.68 8.73
N MET A 13 -44.09 -12.74 9.41
CA MET A 13 -44.21 -13.43 10.69
C MET A 13 -45.48 -14.30 10.70
N PRO A 14 -45.58 -15.22 11.69
CA PRO A 14 -46.81 -16.00 11.77
C PRO A 14 -47.99 -15.15 12.21
N ALA A 15 -49.17 -15.43 11.64
CA ALA A 15 -50.38 -14.70 12.01
C ALA A 15 -50.66 -14.93 13.49
N GLN A 16 -50.77 -13.85 14.26
CA GLN A 16 -51.04 -13.99 15.69
C GLN A 16 -51.53 -12.67 16.26
N HIS A 17 -52.23 -12.76 17.39
CA HIS A 17 -52.75 -11.61 18.10
C HIS A 17 -52.84 -11.93 19.60
N GLN A 18 -52.76 -10.89 20.43
CA GLN A 18 -52.89 -11.05 21.87
C GLN A 18 -54.05 -10.20 22.40
N ASN A 19 -54.76 -10.75 23.38
CA ASN A 19 -55.91 -10.10 24.01
C ASN A 19 -55.62 -8.72 24.61
N LYS A 20 -54.67 -8.68 25.53
CA LYS A 20 -54.37 -7.44 26.25
C LYS A 20 -53.02 -6.83 25.90
N GLN A 21 -52.90 -5.56 26.25
CA GLN A 21 -51.70 -4.76 26.06
C GLN A 21 -51.38 -4.09 27.41
N PRO A 22 -50.09 -4.00 27.82
CA PRO A 22 -48.85 -4.48 27.18
C PRO A 22 -48.84 -5.98 26.80
N GLY A 23 -48.25 -6.28 25.64
CA GLY A 23 -48.15 -7.66 25.17
C GLY A 23 -47.16 -8.45 26.00
N ILE A 24 -47.31 -9.78 25.97
CA ILE A 24 -46.43 -10.69 26.73
C ILE A 24 -45.47 -11.38 25.76
N GLU A 25 -44.18 -11.17 25.96
CA GLU A 25 -43.15 -11.68 25.03
C GLU A 25 -43.09 -13.22 24.94
N SER A 26 -43.34 -13.91 26.07
CA SER A 26 -43.30 -15.37 26.11
C SER A 26 -44.40 -16.05 25.27
N LEU A 27 -45.44 -15.28 24.91
CA LEU A 27 -46.51 -15.82 24.07
C LEU A 27 -46.21 -15.64 22.56
N MET A 28 -45.13 -14.94 22.21
CA MET A 28 -44.83 -14.65 20.80
C MET A 28 -44.19 -15.81 20.02
N ASN A 29 -44.52 -15.92 18.74
CA ASN A 29 -43.95 -16.93 17.86
C ASN A 29 -43.55 -16.31 16.51
N PRO A 30 -42.22 -16.27 16.21
CA PRO A 30 -41.14 -16.74 17.07
C PRO A 30 -40.84 -15.72 18.16
N LEU A 31 -40.04 -16.09 19.15
CA LEU A 31 -39.68 -15.15 20.19
C LEU A 31 -38.82 -14.04 19.56
N PRO A 32 -39.08 -12.78 19.93
CA PRO A 32 -38.19 -11.75 19.41
C PRO A 32 -36.75 -12.09 19.72
N GLN A 33 -35.82 -11.74 18.85
CA GLN A 33 -34.41 -11.96 19.15
C GLN A 33 -33.99 -10.71 19.88
N PHE A 34 -33.84 -10.82 21.21
CA PHE A 34 -33.52 -9.67 22.06
C PHE A 34 -32.05 -9.55 22.41
N GLU A 35 -31.30 -10.58 22.04
CA GLU A 35 -29.88 -10.63 22.28
C GLU A 35 -29.10 -11.11 21.07
N ASP A 36 -28.00 -10.44 20.81
CA ASP A 36 -27.09 -10.87 19.77
C ASP A 36 -26.02 -11.72 20.47
N PRO A 37 -25.95 -13.03 20.14
CA PRO A 37 -24.94 -13.92 20.74
C PRO A 37 -23.51 -13.47 20.51
N ASN A 38 -23.28 -12.82 19.39
CA ASN A 38 -21.95 -12.35 19.01
C ASN A 38 -21.54 -11.04 19.67
N TYR A 39 -22.48 -10.39 20.36
CA TYR A 39 -22.19 -9.12 20.99
C TYR A 39 -21.11 -9.28 22.05
N LYS A 40 -20.07 -8.46 21.97
CA LYS A 40 -18.99 -8.44 22.94
C LYS A 40 -19.00 -7.10 23.66
N GLY A 41 -19.27 -7.13 24.95
CA GLY A 41 -19.26 -5.93 25.76
C GLY A 41 -17.85 -5.44 25.95
N SER A 42 -17.67 -4.15 26.22
CA SER A 42 -16.30 -3.60 26.36
C SER A 42 -16.24 -2.55 27.47
N GLU A 43 -17.10 -2.71 28.48
CA GLU A 43 -17.14 -1.85 29.66
C GLU A 43 -17.56 -0.43 29.34
N LYS A 44 -18.39 -0.25 28.31
CA LYS A 44 -18.75 1.09 27.87
C LYS A 44 -19.56 1.87 28.91
N LEU A 45 -20.31 1.15 29.75
CA LEU A 45 -21.14 1.73 30.76
C LEU A 45 -20.82 1.19 32.18
N LYS A 46 -19.55 0.81 32.38
CA LYS A 46 -19.13 0.22 33.65
C LYS A 46 -19.50 1.06 34.89
N GLY A 47 -20.22 0.44 35.82
CA GLY A 47 -20.60 1.07 37.07
C GLY A 47 -21.71 2.11 36.95
N LYS A 48 -22.21 2.34 35.74
CA LYS A 48 -23.29 3.31 35.54
C LYS A 48 -24.61 2.74 36.04
N ASN A 49 -25.46 3.60 36.59
CA ASN A 49 -26.76 3.21 37.10
C ASN A 49 -27.83 3.69 36.13
N VAL A 50 -28.68 2.77 35.67
CA VAL A 50 -29.63 3.09 34.63
C VAL A 50 -31.02 2.81 35.06
N LEU A 51 -31.92 3.72 34.67
CA LEU A 51 -33.34 3.49 34.85
C LEU A 51 -33.92 3.40 33.43
N ILE A 52 -34.67 2.34 33.16
CA ILE A 52 -35.33 2.17 31.89
C ILE A 52 -36.82 1.85 32.04
N THR A 53 -37.65 2.71 31.44
CA THR A 53 -39.08 2.52 31.48
C THR A 53 -39.44 1.62 30.29
N GLY A 54 -40.21 0.58 30.58
CA GLY A 54 -40.58 -0.45 29.60
C GLY A 54 -39.36 -1.32 29.25
N GLY A 55 -38.52 -1.61 30.23
CA GLY A 55 -37.30 -2.41 30.02
C GLY A 55 -37.50 -3.90 30.13
N ASP A 56 -38.74 -4.34 30.25
CA ASP A 56 -39.05 -5.73 30.50
C ASP A 56 -39.20 -6.62 29.28
N SER A 57 -39.44 -6.02 28.12
CA SER A 57 -39.69 -6.77 26.89
C SER A 57 -39.33 -5.92 25.71
N GLY A 58 -39.46 -6.50 24.52
CA GLY A 58 -39.18 -5.81 23.27
C GLY A 58 -37.85 -5.10 23.26
N ILE A 59 -37.87 -3.87 22.74
CA ILE A 59 -36.69 -3.05 22.62
C ILE A 59 -36.08 -2.80 23.97
N GLY A 60 -36.90 -2.48 24.96
CA GLY A 60 -36.39 -2.25 26.31
C GLY A 60 -35.66 -3.43 26.92
N ARG A 61 -36.15 -4.65 26.63
CA ARG A 61 -35.45 -5.85 27.07
C ARG A 61 -34.05 -5.93 26.46
N ALA A 62 -33.95 -5.67 25.16
CA ALA A 62 -32.68 -5.74 24.44
C ALA A 62 -31.71 -4.68 24.97
N VAL A 63 -32.25 -3.49 25.24
CA VAL A 63 -31.45 -2.39 25.77
C VAL A 63 -30.95 -2.73 27.19
N SER A 64 -31.82 -3.25 28.05
CA SER A 64 -31.40 -3.64 29.40
C SER A 64 -30.25 -4.66 29.38
N ILE A 65 -30.38 -5.67 28.51
CA ILE A 65 -29.39 -6.74 28.41
C ILE A 65 -28.07 -6.24 27.85
N ALA A 66 -28.13 -5.42 26.79
CA ALA A 66 -26.94 -4.85 26.22
C ALA A 66 -26.25 -3.91 27.23
N PHE A 67 -27.01 -3.10 27.96
CA PHE A 67 -26.42 -2.20 28.97
C PHE A 67 -25.67 -3.02 30.03
N ALA A 68 -26.30 -4.12 30.43
CA ALA A 68 -25.71 -5.06 31.42
C ALA A 68 -24.38 -5.64 30.92
N LYS A 69 -24.34 -6.06 29.65
CA LYS A 69 -23.14 -6.54 29.03
C LYS A 69 -22.03 -5.48 28.98
N GLU A 70 -22.42 -4.19 29.01
CA GLU A 70 -21.49 -3.08 29.06
C GLU A 70 -21.13 -2.65 30.49
N GLY A 71 -21.58 -3.41 31.48
CA GLY A 71 -21.23 -3.12 32.91
C GLY A 71 -22.21 -2.25 33.70
N ALA A 72 -23.37 -1.86 33.12
CA ALA A 72 -24.34 -1.02 33.85
C ALA A 72 -25.26 -1.81 34.78
N ASN A 73 -25.64 -1.19 35.88
CA ASN A 73 -26.65 -1.68 36.81
C ASN A 73 -27.95 -1.12 36.28
N ILE A 74 -28.97 -1.98 36.19
CA ILE A 74 -30.22 -1.63 35.54
C ILE A 74 -31.46 -1.71 36.42
N ALA A 75 -32.18 -0.59 36.50
CA ALA A 75 -33.50 -0.55 37.15
C ALA A 75 -34.53 -0.54 36.00
N ILE A 76 -35.44 -1.49 36.04
CA ILE A 76 -36.42 -1.70 35.00
C ILE A 76 -37.82 -1.42 35.49
N ALA A 77 -38.47 -0.45 34.89
CA ALA A 77 -39.83 -0.09 35.21
C ALA A 77 -40.70 -0.72 34.14
N TYR A 78 -41.89 -1.16 34.53
CA TYR A 78 -42.80 -1.86 33.64
C TYR A 78 -44.17 -1.84 34.33
N LEU A 79 -45.24 -2.20 33.61
CA LEU A 79 -46.58 -2.17 34.16
C LEU A 79 -46.89 -3.37 35.06
N ASP A 80 -47.05 -4.55 34.47
CA ASP A 80 -47.44 -5.73 35.23
C ASP A 80 -46.99 -7.08 34.64
N GLU A 81 -46.09 -7.05 33.66
CA GLU A 81 -45.72 -8.30 32.99
C GLU A 81 -44.61 -8.96 33.81
N GLU A 82 -45.00 -9.56 34.93
CA GLU A 82 -44.01 -10.11 35.89
C GLU A 82 -43.15 -11.18 35.26
N GLY A 83 -43.75 -12.05 34.44
CA GLY A 83 -42.98 -13.13 33.80
C GLY A 83 -41.90 -12.55 32.88
N ASP A 84 -42.27 -11.56 32.07
CA ASP A 84 -41.29 -10.95 31.17
C ASP A 84 -40.19 -10.21 31.96
N ALA A 85 -40.62 -9.43 32.95
CA ALA A 85 -39.67 -8.68 33.77
C ALA A 85 -38.68 -9.62 34.45
N ASN A 86 -39.17 -10.75 34.96
CA ASN A 86 -38.32 -11.73 35.59
C ASN A 86 -37.29 -12.34 34.64
N GLU A 87 -37.69 -12.68 33.43
CA GLU A 87 -36.79 -13.25 32.44
C GLU A 87 -35.69 -12.26 32.08
N THR A 88 -36.08 -11.00 31.88
CA THR A 88 -35.11 -9.93 31.57
C THR A 88 -34.09 -9.79 32.70
N LYS A 89 -34.59 -9.82 33.93
CA LYS A 89 -33.74 -9.75 35.11
C LYS A 89 -32.69 -10.88 35.16
N GLN A 90 -33.09 -12.09 34.82
CA GLN A 90 -32.15 -13.19 34.83
C GLN A 90 -31.05 -12.98 33.79
N TYR A 91 -31.40 -12.48 32.60
CA TYR A 91 -30.37 -12.16 31.59
C TYR A 91 -29.45 -11.03 32.06
N VAL A 92 -30.03 -10.03 32.70
CA VAL A 92 -29.22 -8.93 33.18
C VAL A 92 -28.23 -9.41 34.26
N GLU A 93 -28.73 -10.17 35.24
CA GLU A 93 -27.90 -10.60 36.36
C GLU A 93 -26.80 -11.58 35.95
N LYS A 94 -27.07 -12.36 34.91
CA LYS A 94 -26.11 -13.24 34.28
C LYS A 94 -24.80 -12.49 33.92
N GLU A 95 -24.88 -11.17 33.68
CA GLU A 95 -23.71 -10.34 33.39
C GLU A 95 -23.02 -9.84 34.63
N GLY A 96 -23.48 -10.27 35.77
CA GLY A 96 -22.86 -9.88 37.02
C GLY A 96 -23.15 -8.46 37.47
N VAL A 97 -24.20 -7.84 36.97
CA VAL A 97 -24.56 -6.50 37.40
C VAL A 97 -25.82 -6.56 38.25
N LYS A 98 -26.17 -5.44 38.87
CA LYS A 98 -27.38 -5.37 39.70
C LYS A 98 -28.59 -5.08 38.83
N CYS A 99 -29.73 -5.66 39.22
CA CYS A 99 -30.98 -5.45 38.55
C CYS A 99 -32.08 -5.21 39.59
N VAL A 100 -32.89 -4.18 39.38
CA VAL A 100 -34.02 -3.79 40.22
C VAL A 100 -35.29 -3.76 39.39
N LEU A 101 -36.33 -4.47 39.84
CA LEU A 101 -37.61 -4.50 39.11
C LEU A 101 -38.60 -3.52 39.76
N LEU A 102 -39.22 -2.66 38.96
CA LEU A 102 -40.10 -1.59 39.46
C LEU A 102 -41.45 -1.61 38.76
N PRO A 103 -42.34 -2.49 39.21
CA PRO A 103 -43.69 -2.55 38.63
C PRO A 103 -44.58 -1.36 39.04
N GLY A 104 -45.54 -1.05 38.18
CA GLY A 104 -46.49 0.04 38.47
C GLY A 104 -46.90 0.84 37.24
N ASP A 105 -47.99 1.57 37.39
CA ASP A 105 -48.60 2.29 36.28
C ASP A 105 -47.99 3.66 36.14
N LEU A 106 -47.21 3.86 35.07
CA LEU A 106 -46.57 5.16 34.87
C LEU A 106 -47.52 6.24 34.34
N SER A 107 -48.80 5.92 34.18
CA SER A 107 -49.76 6.97 33.82
C SER A 107 -50.06 7.82 35.07
N ASP A 108 -49.55 7.40 36.24
CA ASP A 108 -49.72 8.14 37.48
C ASP A 108 -48.51 8.99 37.79
N GLU A 109 -48.66 10.30 37.93
CA GLU A 109 -47.50 11.17 38.23
C GLU A 109 -46.72 10.71 39.46
N GLN A 110 -47.40 10.44 40.56
CA GLN A 110 -46.69 10.05 41.78
C GLN A 110 -45.82 8.81 41.57
N HIS A 111 -46.33 7.83 40.85
CA HIS A 111 -45.53 6.62 40.58
C HIS A 111 -44.27 6.93 39.72
N CYS A 112 -44.37 7.90 38.81
CA CYS A 112 -43.23 8.29 38.00
C CYS A 112 -42.16 8.83 38.93
N LYS A 113 -42.56 9.61 39.94
CA LYS A 113 -41.59 10.10 40.92
C LYS A 113 -41.03 8.98 41.78
N ASP A 114 -41.89 8.04 42.18
CA ASP A 114 -41.47 6.88 43.02
C ASP A 114 -40.43 5.98 42.36
N ILE A 115 -40.51 5.77 41.05
CA ILE A 115 -39.56 4.87 40.40
C ILE A 115 -38.18 5.49 40.37
N VAL A 116 -38.10 6.82 40.31
CA VAL A 116 -36.80 7.50 40.34
C VAL A 116 -36.24 7.44 41.76
N GLN A 117 -37.09 7.74 42.74
CA GLN A 117 -36.67 7.66 44.12
C GLN A 117 -36.20 6.24 44.44
N GLU A 118 -36.92 5.24 43.96
CA GLU A 118 -36.61 3.84 44.27
C GLU A 118 -35.31 3.40 43.63
N THR A 119 -35.11 3.83 42.38
CA THR A 119 -33.85 3.58 41.68
C THR A 119 -32.67 4.10 42.46
N VAL A 120 -32.76 5.33 42.94
CA VAL A 120 -31.66 5.95 43.67
C VAL A 120 -31.43 5.23 44.99
N ARG A 121 -32.53 4.85 45.64
CA ARG A 121 -32.42 4.08 46.88
C ARG A 121 -31.67 2.74 46.69
N GLN A 122 -32.00 2.01 45.64
CA GLN A 122 -31.47 0.67 45.45
C GLN A 122 -30.12 0.66 44.77
N LEU A 123 -29.90 1.52 43.78
CA LEU A 123 -28.63 1.58 43.05
C LEU A 123 -27.59 2.57 43.64
N GLY A 124 -28.08 3.54 44.41
CA GLY A 124 -27.18 4.53 45.03
C GLY A 124 -27.19 5.84 44.29
N SER A 125 -27.46 5.81 42.99
CA SER A 125 -27.49 7.03 42.20
C SER A 125 -28.11 6.71 40.84
N LEU A 126 -28.19 7.73 39.98
CA LEU A 126 -28.76 7.56 38.65
C LEU A 126 -27.89 8.28 37.65
N ASN A 127 -27.47 7.58 36.61
CA ASN A 127 -26.63 8.20 35.58
C ASN A 127 -27.32 8.34 34.23
N ILE A 128 -28.13 7.36 33.88
CA ILE A 128 -28.70 7.32 32.53
C ILE A 128 -30.16 6.93 32.65
N LEU A 129 -31.03 7.70 32.00
CA LEU A 129 -32.46 7.46 32.03
C LEU A 129 -32.87 7.14 30.62
N VAL A 130 -33.55 6.02 30.44
CA VAL A 130 -34.12 5.67 29.15
C VAL A 130 -35.67 5.67 29.26
N ASN A 131 -36.31 6.69 28.68
CA ASN A 131 -37.78 6.79 28.63
C ASN A 131 -38.16 6.02 27.41
N ASN A 132 -38.85 4.90 27.62
CA ASN A 132 -39.14 3.95 26.56
C ASN A 132 -40.55 3.34 26.61
N VAL A 133 -41.30 3.56 27.68
CA VAL A 133 -42.65 3.01 27.77
C VAL A 133 -43.59 3.57 26.68
N ALA A 134 -44.52 2.73 26.21
CA ALA A 134 -45.51 3.16 25.26
C ALA A 134 -46.68 2.21 25.14
N GLN A 135 -47.84 2.73 24.77
CA GLN A 135 -48.97 1.91 24.41
C GLN A 135 -49.49 2.47 23.09
N GLN A 136 -50.17 1.64 22.29
CA GLN A 136 -50.70 2.09 21.00
C GLN A 136 -52.02 1.34 20.73
N TYR A 137 -53.01 2.07 20.24
CA TYR A 137 -54.32 1.49 19.97
C TYR A 137 -54.73 1.87 18.54
N PRO A 138 -54.36 1.06 17.56
CA PRO A 138 -54.70 1.40 16.18
C PRO A 138 -56.22 1.61 16.00
N GLN A 139 -56.60 2.55 15.14
CA GLN A 139 -58.00 2.82 14.82
C GLN A 139 -58.10 3.17 13.34
N GLN A 140 -59.22 2.81 12.70
CA GLN A 140 -59.33 3.05 11.26
C GLN A 140 -59.45 4.54 10.85
N GLY A 141 -59.68 5.43 11.79
CA GLY A 141 -59.75 6.85 11.46
C GLY A 141 -59.93 7.63 12.74
N LEU A 142 -59.73 8.94 12.66
CA LEU A 142 -59.85 9.86 13.80
C LEU A 142 -61.22 9.78 14.49
N GLU A 143 -62.27 9.54 13.71
N GLU A 143 -62.29 9.58 13.73
CA GLU A 143 -63.63 9.48 14.26
CA GLU A 143 -63.63 9.49 14.30
C GLU A 143 -63.77 8.32 15.27
C GLU A 143 -63.76 8.33 15.30
N TYR A 144 -62.87 7.34 15.19
CA TYR A 144 -62.86 6.18 16.09
C TYR A 144 -61.90 6.33 17.28
N ILE A 145 -61.36 7.52 17.50
CA ILE A 145 -60.51 7.78 18.67
C ILE A 145 -61.33 8.53 19.69
N THR A 146 -61.63 7.87 20.81
CA THR A 146 -62.38 8.50 21.88
C THR A 146 -61.48 9.42 22.68
N ALA A 147 -62.09 10.32 23.43
CA ALA A 147 -61.37 11.23 24.32
C ALA A 147 -60.60 10.38 25.33
N GLU A 148 -61.24 9.33 25.81
CA GLU A 148 -60.63 8.43 26.79
C GLU A 148 -59.32 7.80 26.20
N GLN A 149 -59.39 7.31 24.96
CA GLN A 149 -58.20 6.72 24.34
C GLN A 149 -57.07 7.75 24.08
N LEU A 150 -57.45 8.90 23.56
CA LEU A 150 -56.53 9.99 23.32
C LEU A 150 -55.73 10.32 24.58
N GLU A 151 -56.43 10.56 25.68
CA GLU A 151 -55.77 10.96 26.92
C GLU A 151 -54.94 9.86 27.55
N LYS A 152 -55.43 8.64 27.48
CA LYS A 152 -54.67 7.49 27.98
C LYS A 152 -53.33 7.36 27.23
N THR A 153 -53.40 7.51 25.91
CA THR A 153 -52.27 7.38 25.01
C THR A 153 -51.23 8.47 25.31
N PHE A 154 -51.66 9.71 25.48
CA PHE A 154 -50.76 10.80 25.84
C PHE A 154 -50.19 10.67 27.27
N ARG A 155 -51.02 10.24 28.20
CA ARG A 155 -50.61 10.15 29.58
C ARG A 155 -49.48 9.13 29.73
N ILE A 156 -49.59 8.00 29.05
CA ILE A 156 -48.52 6.99 29.11
C ILE A 156 -47.34 7.27 28.18
N ASN A 157 -47.59 7.72 26.96
CA ASN A 157 -46.51 7.87 25.99
C ASN A 157 -45.67 9.13 26.12
N ILE A 158 -46.27 10.23 26.56
CA ILE A 158 -45.51 11.46 26.66
C ILE A 158 -45.52 12.08 28.07
N PHE A 159 -46.64 12.09 28.79
CA PHE A 159 -46.60 12.70 30.13
C PHE A 159 -45.66 11.93 31.05
N SER A 160 -45.62 10.61 30.94
CA SER A 160 -44.70 9.82 31.78
C SER A 160 -43.23 10.21 31.52
N TYR A 161 -42.92 10.57 30.28
CA TYR A 161 -41.54 11.02 29.95
C TYR A 161 -41.28 12.35 30.66
N PHE A 162 -42.29 13.23 30.71
CA PHE A 162 -42.13 14.47 31.44
C PHE A 162 -41.90 14.25 32.94
N HIS A 163 -42.76 13.50 33.58
CA HIS A 163 -42.70 13.32 35.00
C HIS A 163 -41.53 12.54 35.50
N VAL A 164 -41.19 11.45 34.81
CA VAL A 164 -40.03 10.68 35.18
C VAL A 164 -38.74 11.52 35.01
N THR A 165 -38.63 12.23 33.87
CA THR A 165 -37.39 13.00 33.60
C THR A 165 -37.30 14.14 34.59
N LYS A 166 -38.44 14.77 34.88
CA LYS A 166 -38.47 15.85 35.85
C LYS A 166 -37.95 15.38 37.21
N ALA A 167 -38.38 14.20 37.63
CA ALA A 167 -37.95 13.67 38.92
C ALA A 167 -36.47 13.26 38.87
N ALA A 168 -36.00 12.76 37.73
CA ALA A 168 -34.57 12.36 37.60
C ALA A 168 -33.58 13.56 37.66
N LEU A 169 -34.03 14.74 37.24
CA LEU A 169 -33.18 15.93 37.18
C LEU A 169 -32.50 16.26 38.49
N SER A 170 -33.14 15.99 39.61
CA SER A 170 -32.52 16.17 40.93
C SER A 170 -31.25 15.35 41.09
N HIS A 171 -31.16 14.24 40.36
CA HIS A 171 -30.07 13.29 40.53
C HIS A 171 -29.04 13.26 39.42
N LEU A 172 -29.31 13.95 38.34
CA LEU A 172 -28.41 13.92 37.19
C LEU A 172 -27.42 15.06 37.31
N LYS A 173 -26.20 14.77 36.88
CA LYS A 173 -25.08 15.68 36.99
C LYS A 173 -24.35 15.70 35.67
N GLN A 174 -23.33 16.53 35.61
CA GLN A 174 -22.45 16.60 34.44
C GLN A 174 -21.99 15.19 34.05
N GLY A 175 -22.14 14.82 32.79
CA GLY A 175 -21.74 13.48 32.31
C GLY A 175 -22.90 12.48 32.24
N ASP A 176 -24.07 12.85 32.77
CA ASP A 176 -25.21 11.94 32.74
C ASP A 176 -25.98 12.08 31.43
N VAL A 177 -26.92 11.17 31.20
CA VAL A 177 -27.55 11.07 29.89
C VAL A 177 -28.99 10.67 29.93
N ILE A 178 -29.76 11.21 29.00
CA ILE A 178 -31.14 10.84 28.83
C ILE A 178 -31.32 10.39 27.38
N ILE A 179 -32.02 9.27 27.19
CA ILE A 179 -32.39 8.75 25.88
C ILE A 179 -33.93 8.52 25.86
N ASN A 180 -34.60 9.01 24.81
CA ASN A 180 -36.01 8.87 24.60
C ASN A 180 -36.29 8.05 23.38
N THR A 181 -37.14 7.04 23.55
CA THR A 181 -37.55 6.26 22.41
C THR A 181 -38.71 6.99 21.69
N ALA A 182 -38.49 7.43 20.46
CA ALA A 182 -39.53 8.09 19.67
C ALA A 182 -40.03 7.00 18.72
N SER A 183 -40.21 7.30 17.44
CA SER A 183 -40.65 6.32 16.45
C SER A 183 -40.56 6.95 15.09
N ILE A 184 -40.34 6.11 14.08
CA ILE A 184 -40.43 6.53 12.71
C ILE A 184 -41.78 7.22 12.39
N VAL A 185 -42.87 6.81 13.07
CA VAL A 185 -44.19 7.43 12.76
C VAL A 185 -44.19 8.94 13.03
N ALA A 186 -43.30 9.41 13.87
CA ALA A 186 -43.19 10.84 14.15
C ALA A 186 -42.72 11.57 12.90
N TYR A 187 -41.91 10.89 12.09
CA TYR A 187 -41.32 11.50 10.93
C TYR A 187 -42.11 11.26 9.68
N GLU A 188 -42.68 10.06 9.58
CA GLU A 188 -43.34 9.65 8.37
C GLU A 188 -44.88 9.66 8.45
N GLY A 189 -45.44 9.68 9.66
CA GLY A 189 -46.89 9.62 9.89
C GLY A 189 -47.38 8.16 9.81
N ASN A 190 -48.49 7.87 10.47
CA ASN A 190 -49.19 6.58 10.33
C ASN A 190 -50.70 6.81 10.43
N GLU A 191 -51.42 6.51 9.35
CA GLU A 191 -52.85 6.75 9.29
C GLU A 191 -53.72 5.98 10.28
N THR A 192 -53.24 4.83 10.77
CA THR A 192 -54.04 4.06 11.75
C THR A 192 -53.60 4.28 13.20
N LEU A 193 -52.61 5.14 13.41
CA LEU A 193 -52.06 5.44 14.74
C LEU A 193 -51.88 6.94 14.86
N ILE A 194 -52.96 7.68 14.66
CA ILE A 194 -52.88 9.15 14.66
C ILE A 194 -52.52 9.73 16.05
N ASP A 195 -53.22 9.30 17.10
CA ASP A 195 -52.89 9.75 18.45
C ASP A 195 -51.48 9.29 18.86
N TYR A 196 -51.17 8.02 18.63
CA TYR A 196 -49.85 7.49 18.97
C TYR A 196 -48.75 8.27 18.25
N SER A 197 -48.91 8.53 16.97
N SER A 197 -48.90 8.53 16.96
CA SER A 197 -47.91 9.27 16.22
CA SER A 197 -47.89 9.28 16.22
C SER A 197 -47.75 10.69 16.79
C SER A 197 -47.75 10.69 16.81
N ALA A 198 -48.87 11.29 17.21
CA ALA A 198 -48.82 12.60 17.81
C ALA A 198 -47.97 12.54 19.09
N THR A 199 -48.11 11.50 19.91
CA THR A 199 -47.29 11.40 21.13
C THR A 199 -45.80 11.22 20.79
N LYS A 200 -45.50 10.51 19.72
CA LYS A 200 -44.11 10.32 19.34
C LYS A 200 -43.54 11.60 18.78
N GLY A 201 -44.37 12.40 18.09
CA GLY A 201 -43.94 13.71 17.59
C GLY A 201 -43.66 14.61 18.79
N ALA A 202 -44.45 14.46 19.85
CA ALA A 202 -44.19 15.24 21.09
C ALA A 202 -42.84 14.85 21.71
N ILE A 203 -42.53 13.56 21.69
CA ILE A 203 -41.27 13.07 22.21
C ILE A 203 -40.08 13.61 21.42
N VAL A 204 -40.23 13.70 20.11
CA VAL A 204 -39.15 14.32 19.31
C VAL A 204 -38.91 15.79 19.72
N ALA A 205 -39.96 16.61 19.78
CA ALA A 205 -39.77 18.02 20.17
C ALA A 205 -39.30 18.15 21.61
N PHE A 206 -39.78 17.26 22.47
CA PHE A 206 -39.32 17.21 23.89
C PHE A 206 -37.81 16.94 23.97
N THR A 207 -37.33 16.02 23.14
CA THR A 207 -35.92 15.66 23.09
C THR A 207 -35.08 16.87 22.64
N ARG A 208 -35.53 17.55 21.58
CA ARG A 208 -34.80 18.72 21.12
C ARG A 208 -34.74 19.84 22.17
N SER A 209 -35.89 20.15 22.76
CA SER A 209 -36.03 21.22 23.72
C SER A 209 -35.24 20.92 25.00
N LEU A 210 -35.37 19.70 25.51
CA LEU A 210 -34.66 19.30 26.70
C LEU A 210 -33.13 19.29 26.49
N SER A 211 -32.67 18.90 25.29
CA SER A 211 -31.23 18.91 25.04
C SER A 211 -30.67 20.32 25.18
N GLN A 212 -31.42 21.32 24.71
CA GLN A 212 -30.93 22.69 24.77
C GLN A 212 -31.00 23.20 26.21
N SER A 213 -32.02 22.79 26.95
CA SER A 213 -32.14 23.15 28.35
C SER A 213 -31.01 22.62 29.24
N LEU A 214 -30.58 21.38 29.02
CA LEU A 214 -29.59 20.73 29.89
C LEU A 214 -28.13 20.73 29.43
N VAL A 215 -27.84 21.33 28.28
CA VAL A 215 -26.49 21.27 27.71
C VAL A 215 -25.45 21.91 28.62
N GLN A 216 -25.74 23.08 29.18
CA GLN A 216 -24.80 23.68 30.09
C GLN A 216 -24.71 22.98 31.46
N LYS A 217 -25.62 22.05 31.74
CA LYS A 217 -25.49 21.23 32.94
C LYS A 217 -24.66 19.96 32.66
N GLY A 218 -24.23 19.77 31.41
CA GLY A 218 -23.45 18.59 31.01
C GLY A 218 -24.28 17.32 30.92
N ILE A 219 -25.58 17.44 30.64
CA ILE A 219 -26.44 16.29 30.50
C ILE A 219 -26.88 16.25 29.05
N ARG A 220 -26.60 15.13 28.38
CA ARG A 220 -26.94 14.97 26.99
C ARG A 220 -28.30 14.30 26.88
N VAL A 221 -29.05 14.73 25.87
CA VAL A 221 -30.39 14.21 25.63
C VAL A 221 -30.51 13.86 24.13
N ASN A 222 -30.84 12.62 23.85
CA ASN A 222 -30.98 12.14 22.46
C ASN A 222 -32.10 11.16 22.36
N GLY A 223 -32.44 10.78 21.14
CA GLY A 223 -33.45 9.79 20.91
C GLY A 223 -33.11 8.72 19.91
N VAL A 224 -33.91 7.65 19.94
CA VAL A 224 -33.85 6.59 18.92
C VAL A 224 -35.24 6.48 18.33
N ALA A 225 -35.34 6.39 17.00
CA ALA A 225 -36.61 6.27 16.29
C ALA A 225 -36.64 4.93 15.54
N PRO A 226 -37.18 3.89 16.19
CA PRO A 226 -37.27 2.60 15.55
C PRO A 226 -38.33 2.54 14.46
N GLY A 227 -38.15 1.64 13.50
CA GLY A 227 -39.13 1.35 12.50
C GLY A 227 -39.81 0.10 13.05
N PRO A 228 -40.31 -0.80 12.18
CA PRO A 228 -41.04 -1.96 12.68
C PRO A 228 -40.14 -3.01 13.31
N ILE A 229 -40.31 -3.22 14.61
CA ILE A 229 -39.47 -4.16 15.38
C ILE A 229 -40.36 -5.22 15.97
N TRP A 230 -39.95 -6.47 15.84
CA TRP A 230 -40.72 -7.58 16.35
C TRP A 230 -40.66 -7.62 17.89
N THR A 231 -41.69 -7.06 18.53
CA THR A 231 -41.78 -6.93 20.02
C THR A 231 -43.26 -7.17 20.42
N PRO A 232 -43.55 -7.36 21.73
CA PRO A 232 -44.94 -7.62 22.22
C PRO A 232 -45.99 -6.54 21.90
N LEU A 233 -45.53 -5.30 21.71
CA LEU A 233 -46.37 -4.18 21.32
C LEU A 233 -47.15 -4.47 20.03
N ILE A 234 -46.58 -5.33 19.18
CA ILE A 234 -47.13 -5.61 17.85
C ILE A 234 -48.35 -6.56 17.84
N PRO A 235 -48.18 -7.82 18.27
CA PRO A 235 -49.36 -8.70 18.26
C PRO A 235 -50.47 -8.26 19.26
N SER A 236 -50.10 -7.44 20.25
CA SER A 236 -51.06 -6.90 21.23
C SER A 236 -51.85 -5.68 20.72
N SER A 237 -51.41 -5.04 19.63
CA SER A 237 -52.10 -3.84 19.08
C SER A 237 -52.76 -4.10 17.71
N PHE A 238 -52.05 -4.77 16.80
CA PHE A 238 -52.57 -5.04 15.46
C PHE A 238 -53.28 -6.39 15.32
N ASP A 239 -54.11 -6.50 14.27
CA ASP A 239 -54.80 -7.75 13.93
C ASP A 239 -53.79 -8.77 13.37
N GLU A 240 -54.19 -10.05 13.39
CA GLU A 240 -53.34 -11.16 12.93
C GLU A 240 -52.77 -10.97 11.53
N LYS A 241 -53.65 -10.60 10.60
CA LYS A 241 -53.31 -10.40 9.19
C LYS A 241 -52.21 -9.31 9.10
N LYS A 242 -52.40 -8.20 9.81
CA LYS A 242 -51.41 -7.11 9.86
C LYS A 242 -50.07 -7.58 10.50
N VAL A 243 -50.19 -8.40 11.55
CA VAL A 243 -49.03 -8.97 12.25
C VAL A 243 -48.23 -9.88 11.32
N SER A 244 -48.95 -10.69 10.54
CA SER A 244 -48.33 -11.61 9.58
C SER A 244 -47.52 -10.91 8.48
N GLN A 245 -47.81 -9.63 8.21
CA GLN A 245 -47.14 -8.85 7.17
C GLN A 245 -46.21 -7.76 7.72
N PHE A 246 -46.15 -7.66 9.05
CA PHE A 246 -45.32 -6.66 9.72
C PHE A 246 -43.88 -6.62 9.18
N GLY A 247 -43.45 -5.45 8.74
CA GLY A 247 -42.05 -5.25 8.28
C GLY A 247 -41.77 -5.45 6.81
N SER A 248 -42.78 -5.88 6.06
CA SER A 248 -42.61 -6.14 4.64
C SER A 248 -42.47 -4.84 3.84
N ASN A 249 -43.00 -3.75 4.39
CA ASN A 249 -42.99 -2.43 3.73
C ASN A 249 -41.66 -1.65 3.67
N VAL A 250 -40.70 -1.94 4.53
CA VAL A 250 -39.46 -1.17 4.53
C VAL A 250 -38.46 -1.71 3.49
N PRO A 251 -37.45 -0.89 3.10
CA PRO A 251 -36.53 -1.37 2.04
C PRO A 251 -35.75 -2.67 2.33
N MET A 252 -35.45 -2.98 3.60
CA MET A 252 -34.79 -4.28 3.94
C MET A 252 -35.78 -5.45 3.91
N GLN A 253 -37.05 -5.13 3.69
CA GLN A 253 -38.12 -6.08 3.53
C GLN A 253 -38.24 -7.07 4.68
N ARG A 254 -38.00 -6.60 5.89
CA ARG A 254 -38.11 -7.42 7.07
C ARG A 254 -38.27 -6.53 8.31
N PRO A 255 -38.94 -7.05 9.35
CA PRO A 255 -39.00 -6.27 10.55
C PRO A 255 -37.62 -6.32 11.21
N GLY A 256 -37.29 -5.37 12.05
CA GLY A 256 -36.03 -5.43 12.79
C GLY A 256 -36.19 -6.33 14.02
N GLN A 257 -35.09 -6.85 14.57
CA GLN A 257 -35.19 -7.62 15.80
C GLN A 257 -34.76 -6.65 16.89
N PRO A 258 -35.31 -6.80 18.10
CA PRO A 258 -34.93 -5.91 19.20
C PRO A 258 -33.43 -5.80 19.45
N TYR A 259 -32.65 -6.86 19.28
CA TYR A 259 -31.20 -6.72 19.49
C TYR A 259 -30.59 -5.72 18.51
N GLU A 260 -31.19 -5.54 17.34
CA GLU A 260 -30.70 -4.53 16.36
C GLU A 260 -30.88 -3.08 16.79
N LEU A 261 -31.68 -2.84 17.81
CA LEU A 261 -31.84 -1.49 18.34
C LEU A 261 -30.86 -1.19 19.45
N ALA A 262 -30.45 -2.21 20.19
CA ALA A 262 -29.63 -1.96 21.39
C ALA A 262 -28.33 -1.18 21.19
N PRO A 263 -27.57 -1.46 20.09
CA PRO A 263 -26.29 -0.72 20.04
C PRO A 263 -26.47 0.77 19.81
N ALA A 264 -27.59 1.18 19.21
CA ALA A 264 -27.87 2.63 19.11
C ALA A 264 -27.98 3.26 20.50
N TYR A 265 -28.62 2.56 21.43
CA TYR A 265 -28.77 3.04 22.80
C TYR A 265 -27.45 3.03 23.53
N VAL A 266 -26.64 1.99 23.31
CA VAL A 266 -25.32 1.93 23.88
C VAL A 266 -24.48 3.11 23.41
N TYR A 267 -24.52 3.38 22.11
CA TYR A 267 -23.84 4.51 21.53
C TYR A 267 -24.26 5.82 22.23
N LEU A 268 -25.57 6.03 22.35
CA LEU A 268 -26.07 7.30 22.93
C LEU A 268 -25.87 7.41 24.41
N ALA A 269 -25.79 6.26 25.10
CA ALA A 269 -25.65 6.25 26.56
C ALA A 269 -24.23 6.47 27.08
N SER A 270 -23.24 6.08 26.27
CA SER A 270 -21.84 6.10 26.67
C SER A 270 -21.09 7.33 26.21
N SER A 271 -19.82 7.42 26.62
N SER A 271 -19.82 7.42 26.64
CA SER A 271 -18.93 8.52 26.23
CA SER A 271 -18.94 8.52 26.26
C SER A 271 -18.62 8.54 24.74
C SER A 271 -18.60 8.52 24.76
N ASP A 272 -18.94 7.44 24.05
CA ASP A 272 -18.76 7.35 22.60
C ASP A 272 -19.47 8.49 21.85
N SER A 273 -20.58 9.00 22.43
CA SER A 273 -21.35 10.10 21.86
C SER A 273 -21.25 11.42 22.66
N SER A 274 -20.10 11.66 23.26
CA SER A 274 -19.85 12.87 24.07
C SER A 274 -20.11 14.18 23.31
N TYR A 275 -20.03 14.18 21.97
CA TYR A 275 -20.29 15.38 21.21
C TYR A 275 -21.68 15.36 20.57
N VAL A 276 -22.56 14.48 21.07
CA VAL A 276 -23.91 14.33 20.51
C VAL A 276 -25.02 14.67 21.51
N THR A 277 -25.82 15.68 21.16
CA THR A 277 -27.02 16.01 21.93
C THR A 277 -28.06 16.63 21.01
N GLY A 278 -29.33 16.35 21.31
CA GLY A 278 -30.46 16.83 20.54
C GLY A 278 -30.77 16.06 19.26
N GLN A 279 -30.17 14.89 19.11
CA GLN A 279 -30.27 14.12 17.89
C GLN A 279 -31.17 12.88 17.97
N MET A 280 -31.45 12.31 16.82
CA MET A 280 -32.24 11.08 16.70
C MET A 280 -31.48 10.05 15.87
N ILE A 281 -31.38 8.82 16.37
CA ILE A 281 -30.79 7.71 15.62
C ILE A 281 -31.96 6.89 15.02
N HIS A 282 -32.01 6.86 13.69
CA HIS A 282 -33.06 6.19 12.93
C HIS A 282 -32.65 4.75 12.56
N VAL A 283 -33.30 3.75 13.17
CA VAL A 283 -33.02 2.33 13.00
C VAL A 283 -34.31 1.70 12.49
N ASN A 284 -34.48 1.72 11.18
CA ASN A 284 -35.79 1.42 10.60
C ASN A 284 -35.81 0.63 9.30
N GLY A 285 -34.70 -0.05 8.97
CA GLY A 285 -34.67 -0.89 7.77
C GLY A 285 -34.50 -0.12 6.47
N GLY A 286 -34.13 1.15 6.56
CA GLY A 286 -33.84 1.90 5.36
C GLY A 286 -34.85 2.92 4.88
N VAL A 287 -35.86 3.20 5.70
CA VAL A 287 -36.84 4.21 5.35
C VAL A 287 -36.15 5.58 5.42
N ILE A 288 -36.14 6.30 4.31
CA ILE A 288 -35.51 7.61 4.27
C ILE A 288 -36.49 8.61 4.88
N VAL A 289 -36.03 9.36 5.88
CA VAL A 289 -36.88 10.32 6.60
C VAL A 289 -36.29 11.74 6.60
N ASN A 290 -35.42 12.05 5.63
CA ASN A 290 -34.73 13.36 5.55
C ASN A 290 -33.90 13.61 6.82
N GLY A 291 -33.37 12.52 7.38
CA GLY A 291 -32.55 12.59 8.58
C GLY A 291 -31.11 13.05 8.36
N ASN B 9 -19.83 34.66 20.15
CA ASN B 9 -18.46 34.32 19.66
C ASN B 9 -17.39 34.59 20.72
N PHE B 10 -16.47 33.63 20.87
CA PHE B 10 -15.40 33.72 21.87
C PHE B 10 -14.25 32.80 21.53
N VAL B 11 -13.08 33.02 22.15
CA VAL B 11 -11.91 32.20 21.86
C VAL B 11 -12.02 30.76 22.41
N THR B 12 -11.73 29.81 21.54
CA THR B 12 -11.72 28.39 21.88
C THR B 12 -10.35 27.75 21.61
N MET B 13 -9.57 28.35 20.70
CA MET B 13 -8.27 27.84 20.25
C MET B 13 -7.27 28.99 20.03
N PRO B 14 -5.97 28.66 19.93
CA PRO B 14 -4.99 29.71 19.62
C PRO B 14 -5.08 30.17 18.14
N ALA B 15 -4.90 31.47 17.92
CA ALA B 15 -4.91 32.03 16.56
C ALA B 15 -3.82 31.35 15.74
N GLN B 16 -4.20 30.79 14.60
CA GLN B 16 -3.23 30.13 13.72
C GLN B 16 -3.83 29.92 12.34
N HIS B 17 -2.95 29.77 11.35
CA HIS B 17 -3.32 29.60 9.96
C HIS B 17 -2.22 28.81 9.21
N GLN B 18 -2.63 28.02 8.22
CA GLN B 18 -1.69 27.30 7.35
C GLN B 18 -1.94 27.83 5.93
N ASN B 19 -0.88 28.17 5.18
CA ASN B 19 -1.06 28.75 3.83
C ASN B 19 -1.27 27.74 2.71
N LYS B 20 -1.39 26.47 3.06
CA LYS B 20 -1.60 25.41 2.08
C LYS B 20 -2.67 24.44 2.59
N GLN B 21 -3.51 24.00 1.66
CA GLN B 21 -4.55 23.03 1.90
C GLN B 21 -4.37 21.88 0.88
N PRO B 22 -4.53 20.60 1.29
CA PRO B 22 -4.86 20.03 2.61
C PRO B 22 -3.84 20.37 3.70
N GLY B 23 -4.38 20.62 4.89
CA GLY B 23 -3.61 21.02 6.04
C GLY B 23 -2.80 19.86 6.62
N ILE B 24 -1.72 20.24 7.30
CA ILE B 24 -0.76 19.33 7.95
C ILE B 24 -1.05 19.32 9.46
N GLU B 25 -1.36 18.14 10.00
CA GLU B 25 -1.74 18.03 11.41
C GLU B 25 -0.60 18.33 12.39
N SER B 26 0.61 17.90 12.03
CA SER B 26 1.78 18.13 12.88
C SER B 26 2.02 19.63 13.14
N LEU B 27 1.55 20.50 12.25
CA LEU B 27 1.71 21.95 12.45
C LEU B 27 0.65 22.60 13.39
N MET B 28 -0.32 21.82 13.88
CA MET B 28 -1.41 22.39 14.70
C MET B 28 -1.06 22.55 16.18
N ASN B 29 -1.67 23.55 16.81
CA ASN B 29 -1.53 23.85 18.23
C ASN B 29 -2.88 24.27 18.84
N PRO B 30 -3.45 23.43 19.73
CA PRO B 30 -2.99 22.12 20.17
C PRO B 30 -3.21 21.05 19.12
N LEU B 31 -2.37 20.01 19.13
CA LEU B 31 -2.55 18.92 18.20
C LEU B 31 -3.95 18.35 18.45
N PRO B 32 -4.71 18.07 17.39
CA PRO B 32 -6.01 17.47 17.67
C PRO B 32 -5.91 16.16 18.46
N GLN B 33 -6.91 15.87 19.30
CA GLN B 33 -6.95 14.60 20.00
C GLN B 33 -7.66 13.64 19.04
N PHE B 34 -6.88 12.73 18.44
CA PHE B 34 -7.39 11.77 17.45
C PHE B 34 -7.65 10.42 18.04
N GLU B 35 -7.30 10.25 19.30
CA GLU B 35 -7.43 9.00 19.93
C GLU B 35 -7.94 9.16 21.34
N ASP B 36 -8.82 8.27 21.74
CA ASP B 36 -9.24 8.24 23.12
C ASP B 36 -8.42 7.10 23.81
N PRO B 37 -7.57 7.44 24.80
CA PRO B 37 -6.80 6.44 25.59
C PRO B 37 -7.69 5.41 26.27
N ASN B 38 -8.87 5.86 26.68
CA ASN B 38 -9.87 5.01 27.32
C ASN B 38 -10.60 4.10 26.35
N TYR B 39 -10.42 4.27 25.05
CA TYR B 39 -11.16 3.44 24.09
C TYR B 39 -10.76 1.97 24.13
N LYS B 40 -11.74 1.09 24.31
CA LYS B 40 -11.52 -0.33 24.34
C LYS B 40 -12.17 -0.96 23.13
N GLY B 41 -11.35 -1.60 22.30
CA GLY B 41 -11.81 -2.30 21.13
C GLY B 41 -12.47 -3.58 21.58
N SER B 42 -13.33 -4.13 20.74
CA SER B 42 -14.03 -5.36 21.04
C SER B 42 -14.30 -6.16 19.77
N GLU B 43 -13.38 -6.12 18.81
CA GLU B 43 -13.47 -6.91 17.58
C GLU B 43 -14.70 -6.65 16.73
N LYS B 44 -15.23 -5.45 16.80
CA LYS B 44 -16.40 -5.10 16.01
C LYS B 44 -16.18 -5.22 14.51
N LEU B 45 -14.95 -4.99 14.07
CA LEU B 45 -14.57 -5.05 12.66
C LEU B 45 -13.43 -6.06 12.40
N LYS B 46 -13.39 -7.14 13.15
CA LYS B 46 -12.30 -8.10 13.03
C LYS B 46 -12.17 -8.68 11.64
N GLY B 47 -11.00 -8.49 11.02
CA GLY B 47 -10.69 -9.09 9.72
C GLY B 47 -11.27 -8.34 8.54
N LYS B 48 -11.96 -7.23 8.81
CA LYS B 48 -12.59 -6.43 7.78
C LYS B 48 -11.52 -5.58 7.09
N ASN B 49 -11.71 -5.41 5.78
CA ASN B 49 -10.79 -4.67 4.92
C ASN B 49 -11.47 -3.37 4.56
N VAL B 50 -10.83 -2.27 4.97
CA VAL B 50 -11.36 -0.96 4.82
C VAL B 50 -10.52 -0.03 3.95
N LEU B 51 -11.18 0.78 3.15
CA LEU B 51 -10.56 1.84 2.38
C LEU B 51 -11.18 3.15 2.90
N ILE B 52 -10.31 4.04 3.36
N ILE B 52 -10.35 4.06 3.37
CA ILE B 52 -10.71 5.35 3.87
CA ILE B 52 -10.84 5.37 3.83
C ILE B 52 -10.06 6.43 3.03
C ILE B 52 -10.10 6.48 3.13
N THR B 53 -10.85 7.31 2.40
CA THR B 53 -10.26 8.42 1.66
C THR B 53 -10.07 9.56 2.66
N GLY B 54 -8.91 10.20 2.63
CA GLY B 54 -8.55 11.22 3.61
C GLY B 54 -8.37 10.67 5.01
N GLY B 55 -7.88 9.46 5.12
CA GLY B 55 -7.69 8.80 6.41
C GLY B 55 -6.37 9.12 7.12
N ASP B 56 -5.63 10.09 6.61
CA ASP B 56 -4.32 10.46 7.14
C ASP B 56 -4.29 11.46 8.27
N SER B 57 -5.36 12.23 8.40
CA SER B 57 -5.44 13.27 9.42
C SER B 57 -6.91 13.56 9.82
N GLY B 58 -7.08 14.45 10.81
CA GLY B 58 -8.40 14.83 11.26
C GLY B 58 -9.30 13.64 11.60
N ILE B 59 -10.54 13.73 11.16
CA ILE B 59 -11.54 12.66 11.42
C ILE B 59 -11.05 11.33 10.83
N GLY B 60 -10.57 11.37 9.58
CA GLY B 60 -10.13 10.14 8.94
C GLY B 60 -9.07 9.38 9.70
N ARG B 61 -8.13 10.11 10.31
CA ARG B 61 -7.11 9.54 11.19
C ARG B 61 -7.77 8.86 12.39
N ALA B 62 -8.68 9.58 13.05
CA ALA B 62 -9.34 9.03 14.22
C ALA B 62 -10.15 7.77 13.83
N VAL B 63 -10.77 7.78 12.64
CA VAL B 63 -11.52 6.61 12.15
C VAL B 63 -10.58 5.45 11.84
N SER B 64 -9.50 5.73 11.11
CA SER B 64 -8.53 4.68 10.80
C SER B 64 -8.04 3.99 12.08
N ILE B 65 -7.72 4.79 13.09
CA ILE B 65 -7.21 4.23 14.34
C ILE B 65 -8.25 3.44 15.11
N ALA B 66 -9.46 3.99 15.26
CA ALA B 66 -10.54 3.26 15.92
C ALA B 66 -10.88 1.94 15.21
N PHE B 67 -10.92 1.98 13.88
CA PHE B 67 -11.22 0.78 13.09
C PHE B 67 -10.13 -0.28 13.36
N ALA B 68 -8.86 0.17 13.41
CA ALA B 68 -7.72 -0.72 13.73
C ALA B 68 -7.89 -1.34 15.11
N LYS B 69 -8.29 -0.53 16.09
CA LYS B 69 -8.60 -1.04 17.42
C LYS B 69 -9.72 -2.06 17.40
N GLU B 70 -10.59 -2.00 16.40
CA GLU B 70 -11.69 -2.96 16.28
C GLU B 70 -11.31 -4.15 15.39
N GLY B 71 -10.02 -4.21 14.99
CA GLY B 71 -9.52 -5.35 14.24
C GLY B 71 -9.57 -5.31 12.72
N ALA B 72 -9.85 -4.13 12.14
CA ALA B 72 -9.93 -3.98 10.68
C ALA B 72 -8.55 -3.66 10.10
N ASN B 73 -8.31 -4.11 8.88
CA ASN B 73 -7.11 -3.73 8.13
C ASN B 73 -7.46 -2.44 7.39
N ILE B 74 -6.54 -1.48 7.34
CA ILE B 74 -6.86 -0.19 6.77
C ILE B 74 -5.99 0.29 5.60
N ALA B 75 -6.65 0.58 4.47
CA ALA B 75 -6.05 1.23 3.33
C ALA B 75 -6.45 2.70 3.45
N ILE B 76 -5.44 3.57 3.57
CA ILE B 76 -5.60 5.01 3.72
C ILE B 76 -5.21 5.76 2.44
N ALA B 77 -6.17 6.46 1.83
CA ALA B 77 -5.89 7.29 0.65
C ALA B 77 -5.80 8.73 1.14
N TYR B 78 -4.88 9.48 0.58
CA TYR B 78 -4.62 10.84 1.02
C TYR B 78 -3.90 11.52 -0.12
N LEU B 79 -3.84 12.83 -0.12
CA LEU B 79 -3.24 13.53 -1.23
C LEU B 79 -1.70 13.44 -1.28
N ASP B 80 -1.03 14.10 -0.34
CA ASP B 80 0.42 14.11 -0.35
C ASP B 80 1.04 14.27 1.02
N GLU B 81 0.23 14.21 2.09
CA GLU B 81 0.72 14.47 3.44
C GLU B 81 1.38 13.21 4.04
N GLU B 82 2.59 12.90 3.55
CA GLU B 82 3.28 11.65 3.90
C GLU B 82 3.58 11.58 5.37
N GLY B 83 3.99 12.70 5.96
CA GLY B 83 4.29 12.78 7.38
C GLY B 83 3.08 12.40 8.21
N ASP B 84 1.93 13.01 7.91
CA ASP B 84 0.69 12.66 8.62
C ASP B 84 0.24 11.23 8.37
N ALA B 85 0.34 10.78 7.13
CA ALA B 85 -0.07 9.43 6.82
C ALA B 85 0.85 8.42 7.54
N ASN B 86 2.16 8.64 7.53
N ASN B 86 2.15 8.69 7.59
CA ASN B 86 3.06 7.70 8.18
CA ASN B 86 3.07 7.80 8.30
C ASN B 86 2.77 7.64 9.68
C ASN B 86 2.73 7.66 9.78
N GLU B 87 2.42 8.77 10.28
N GLU B 87 2.48 8.79 10.44
CA GLU B 87 2.08 8.84 11.70
CA GLU B 87 2.09 8.76 11.86
C GLU B 87 0.84 7.99 11.98
C GLU B 87 0.80 7.97 12.04
N THR B 88 -0.17 8.17 11.15
CA THR B 88 -1.43 7.40 11.25
C THR B 88 -1.17 5.89 11.13
N LYS B 89 -0.37 5.54 10.12
CA LYS B 89 0.10 4.15 9.92
C LYS B 89 0.72 3.56 11.20
N GLN B 90 1.60 4.31 11.86
CA GLN B 90 2.22 3.82 13.10
C GLN B 90 1.16 3.44 14.16
N TYR B 91 0.15 4.32 14.36
CA TYR B 91 -0.91 4.03 15.31
C TYR B 91 -1.79 2.84 14.84
N VAL B 92 -2.06 2.71 13.54
CA VAL B 92 -2.87 1.59 13.03
C VAL B 92 -2.11 0.28 13.28
N GLU B 93 -0.83 0.28 12.92
CA GLU B 93 -0.02 -0.94 13.04
C GLU B 93 0.26 -1.31 14.48
N LYS B 94 0.17 -0.35 15.39
CA LYS B 94 0.31 -0.67 16.81
C LYS B 94 -0.76 -1.71 17.22
N GLU B 95 -1.90 -1.73 16.53
CA GLU B 95 -3.01 -2.65 16.87
C GLU B 95 -2.86 -4.03 16.25
N GLY B 96 -1.74 -4.29 15.56
CA GLY B 96 -1.50 -5.59 14.94
C GLY B 96 -2.24 -5.86 13.63
N VAL B 97 -2.82 -4.84 13.03
CA VAL B 97 -3.53 -5.03 11.77
C VAL B 97 -2.67 -4.46 10.64
N LYS B 98 -3.12 -4.68 9.42
CA LYS B 98 -2.37 -4.25 8.22
C LYS B 98 -2.79 -2.84 7.84
N CYS B 99 -1.82 -2.04 7.42
CA CYS B 99 -2.08 -0.70 6.96
C CYS B 99 -1.44 -0.50 5.62
N VAL B 100 -2.17 0.04 4.64
CA VAL B 100 -1.62 0.33 3.29
C VAL B 100 -1.81 1.82 2.99
N LEU B 101 -0.74 2.50 2.56
CA LEU B 101 -0.82 3.91 2.24
C LEU B 101 -0.97 4.10 0.72
N LEU B 102 -1.93 4.90 0.33
CA LEU B 102 -2.23 5.18 -1.07
C LEU B 102 -2.28 6.69 -1.34
N PRO B 103 -1.10 7.32 -1.55
CA PRO B 103 -1.12 8.75 -1.88
C PRO B 103 -1.58 9.00 -3.32
N GLY B 104 -2.06 10.22 -3.58
CA GLY B 104 -2.42 10.61 -4.93
C GLY B 104 -3.64 11.48 -4.96
N ASP B 105 -3.91 12.08 -6.12
CA ASP B 105 -4.99 13.06 -6.29
C ASP B 105 -6.31 12.43 -6.68
N LEU B 106 -7.24 12.37 -5.73
CA LEU B 106 -8.58 11.85 -5.97
C LEU B 106 -9.49 12.79 -6.79
N SER B 107 -8.99 13.95 -7.21
CA SER B 107 -9.75 14.77 -8.15
C SER B 107 -9.59 14.16 -9.57
N ASP B 108 -8.73 13.14 -9.71
CA ASP B 108 -8.49 12.45 -10.98
C ASP B 108 -9.28 11.14 -10.96
N GLU B 109 -10.22 11.00 -11.86
CA GLU B 109 -11.06 9.79 -11.96
C GLU B 109 -10.24 8.48 -11.99
N GLN B 110 -9.22 8.43 -12.84
CA GLN B 110 -8.41 7.20 -12.94
C GLN B 110 -7.78 6.85 -11.62
N HIS B 111 -7.29 7.87 -10.88
CA HIS B 111 -6.70 7.60 -9.59
C HIS B 111 -7.73 7.05 -8.59
N CYS B 112 -8.98 7.49 -8.68
CA CYS B 112 -10.04 6.93 -7.85
C CYS B 112 -10.22 5.43 -8.15
N LYS B 113 -10.14 5.06 -9.41
CA LYS B 113 -10.24 3.64 -9.77
C LYS B 113 -9.01 2.88 -9.24
N ASP B 114 -7.82 3.49 -9.38
CA ASP B 114 -6.55 2.84 -8.98
C ASP B 114 -6.50 2.51 -7.50
N ILE B 115 -7.05 3.39 -6.64
CA ILE B 115 -6.96 3.12 -5.19
C ILE B 115 -7.79 1.93 -4.77
N VAL B 116 -8.90 1.71 -5.46
CA VAL B 116 -9.75 0.56 -5.16
C VAL B 116 -9.00 -0.71 -5.61
N GLN B 117 -8.52 -0.69 -6.86
CA GLN B 117 -7.75 -1.83 -7.38
C GLN B 117 -6.60 -2.16 -6.42
N GLU B 118 -5.83 -1.14 -6.03
CA GLU B 118 -4.71 -1.35 -5.13
C GLU B 118 -5.12 -1.88 -3.72
N THR B 119 -6.18 -1.35 -3.15
CA THR B 119 -6.66 -1.87 -1.89
C THR B 119 -6.96 -3.38 -1.99
N VAL B 120 -7.65 -3.80 -3.05
CA VAL B 120 -7.98 -5.22 -3.20
C VAL B 120 -6.71 -6.07 -3.44
N ARG B 121 -5.77 -5.54 -4.22
CA ARG B 121 -4.49 -6.26 -4.38
C ARG B 121 -3.76 -6.44 -3.04
N GLN B 122 -3.59 -5.38 -2.26
CA GLN B 122 -2.80 -5.49 -1.02
C GLN B 122 -3.58 -6.18 0.13
N LEU B 123 -4.86 -5.85 0.31
CA LEU B 123 -5.63 -6.45 1.42
C LEU B 123 -6.32 -7.76 1.07
N GLY B 124 -6.53 -7.99 -0.22
CA GLY B 124 -7.17 -9.24 -0.70
C GLY B 124 -8.63 -9.03 -1.06
N SER B 125 -9.29 -8.07 -0.43
CA SER B 125 -10.71 -7.79 -0.68
C SER B 125 -11.03 -6.46 -0.07
N LEU B 126 -12.27 -6.03 -0.27
CA LEU B 126 -12.78 -4.79 0.27
C LEU B 126 -14.15 -5.01 0.93
N ASN B 127 -14.29 -4.59 2.18
CA ASN B 127 -15.58 -4.74 2.88
C ASN B 127 -16.25 -3.43 3.22
N ILE B 128 -15.48 -2.39 3.56
CA ILE B 128 -16.04 -1.13 4.07
C ILE B 128 -15.31 0.00 3.38
N LEU B 129 -16.08 0.87 2.75
CA LEU B 129 -15.60 2.06 2.09
C LEU B 129 -16.04 3.29 2.89
N VAL B 130 -15.08 4.16 3.26
CA VAL B 130 -15.37 5.38 3.96
C VAL B 130 -14.89 6.51 3.03
N ASN B 131 -15.86 7.19 2.40
CA ASN B 131 -15.60 8.35 1.58
C ASN B 131 -15.59 9.55 2.53
N ASN B 132 -14.43 10.20 2.60
CA ASN B 132 -14.19 11.23 3.58
C ASN B 132 -13.31 12.41 3.17
N VAL B 133 -12.74 12.39 1.98
N VAL B 133 -12.69 12.39 1.99
CA VAL B 133 -11.88 13.45 1.47
CA VAL B 133 -11.87 13.51 1.56
C VAL B 133 -12.68 14.74 1.23
C VAL B 133 -12.71 14.75 1.32
N ALA B 134 -12.09 15.91 1.53
CA ALA B 134 -12.75 17.16 1.26
C ALA B 134 -11.78 18.31 1.25
N GLN B 135 -12.10 19.34 0.49
CA GLN B 135 -11.36 20.59 0.58
C GLN B 135 -12.45 21.65 0.74
N GLN B 136 -12.10 22.80 1.28
CA GLN B 136 -13.04 23.90 1.41
C GLN B 136 -12.33 25.24 1.27
N TYR B 137 -12.97 26.14 0.53
CA TYR B 137 -12.41 27.47 0.24
C TYR B 137 -13.44 28.56 0.57
N PRO B 138 -13.43 29.04 1.82
CA PRO B 138 -14.37 30.09 2.22
C PRO B 138 -14.25 31.36 1.41
N GLN B 139 -15.39 31.99 1.15
CA GLN B 139 -15.48 33.25 0.44
C GLN B 139 -16.61 34.06 1.07
N GLN B 140 -16.47 35.38 1.00
CA GLN B 140 -17.42 36.26 1.65
C GLN B 140 -18.79 36.29 0.98
N GLY B 141 -18.90 35.84 -0.26
CA GLY B 141 -20.22 35.79 -0.96
C GLY B 141 -20.04 35.05 -2.26
N LEU B 142 -21.15 34.73 -2.92
CA LEU B 142 -21.18 33.99 -4.18
C LEU B 142 -20.36 34.63 -5.31
N GLU B 143 -20.33 35.97 -5.31
N GLU B 143 -20.33 35.96 -5.36
CA GLU B 143 -19.63 36.72 -6.32
CA GLU B 143 -19.58 36.67 -6.39
C GLU B 143 -18.09 36.54 -6.25
C GLU B 143 -18.07 36.42 -6.32
N TYR B 144 -17.58 35.94 -5.18
CA TYR B 144 -16.17 35.66 -4.98
C TYR B 144 -15.82 34.20 -5.23
N ILE B 145 -16.76 33.40 -5.75
CA ILE B 145 -16.53 32.00 -6.10
C ILE B 145 -16.33 31.92 -7.60
N THR B 146 -15.09 31.67 -8.05
CA THR B 146 -14.83 31.54 -9.47
C THR B 146 -15.35 30.14 -9.90
N ALA B 147 -15.54 29.99 -11.20
CA ALA B 147 -15.90 28.70 -11.82
C ALA B 147 -14.82 27.69 -11.50
N GLU B 148 -13.56 28.11 -11.55
N GLU B 148 -13.56 28.11 -11.55
CA GLU B 148 -12.46 27.21 -11.22
CA GLU B 148 -12.44 27.23 -11.23
C GLU B 148 -12.60 26.66 -9.80
C GLU B 148 -12.57 26.67 -9.80
N GLN B 149 -12.87 27.54 -8.83
CA GLN B 149 -13.07 27.08 -7.44
C GLN B 149 -14.29 26.18 -7.32
N LEU B 150 -15.39 26.59 -7.94
CA LEU B 150 -16.64 25.78 -7.92
C LEU B 150 -16.34 24.35 -8.42
N GLU B 151 -15.70 24.25 -9.57
CA GLU B 151 -15.41 22.92 -10.13
C GLU B 151 -14.44 22.10 -9.31
N LYS B 152 -13.39 22.75 -8.82
CA LYS B 152 -12.43 22.09 -7.98
C LYS B 152 -13.09 21.53 -6.74
N THR B 153 -13.99 22.31 -6.16
CA THR B 153 -14.61 21.87 -4.93
C THR B 153 -15.47 20.67 -5.16
N PHE B 154 -16.29 20.69 -6.21
CA PHE B 154 -17.13 19.56 -6.52
C PHE B 154 -16.33 18.33 -6.96
N ARG B 155 -15.26 18.53 -7.71
CA ARG B 155 -14.49 17.37 -8.24
C ARG B 155 -13.92 16.53 -7.09
N ILE B 156 -13.32 17.17 -6.08
CA ILE B 156 -12.81 16.43 -4.94
C ILE B 156 -13.89 16.04 -3.89
N ASN B 157 -14.89 16.90 -3.66
CA ASN B 157 -15.84 16.64 -2.57
C ASN B 157 -16.95 15.69 -2.85
N ILE B 158 -17.42 15.66 -4.08
CA ILE B 158 -18.48 14.73 -4.44
C ILE B 158 -18.16 13.87 -5.68
N PHE B 159 -17.51 14.40 -6.71
CA PHE B 159 -17.23 13.50 -7.85
C PHE B 159 -16.31 12.33 -7.43
N SER B 160 -15.39 12.58 -6.51
CA SER B 160 -14.49 11.49 -6.06
C SER B 160 -15.30 10.43 -5.35
N TYR B 161 -16.34 10.86 -4.61
CA TYR B 161 -17.19 9.92 -3.91
C TYR B 161 -17.89 9.03 -4.94
N PHE B 162 -18.34 9.60 -6.05
CA PHE B 162 -18.95 8.82 -7.12
C PHE B 162 -17.94 7.86 -7.72
N HIS B 163 -16.78 8.37 -8.12
CA HIS B 163 -15.79 7.52 -8.82
C HIS B 163 -15.22 6.41 -7.97
N VAL B 164 -14.87 6.72 -6.73
CA VAL B 164 -14.35 5.69 -5.82
C VAL B 164 -15.40 4.61 -5.50
N THR B 165 -16.64 5.04 -5.21
CA THR B 165 -17.70 4.09 -4.89
C THR B 165 -18.04 3.22 -6.08
N LYS B 166 -18.15 3.86 -7.24
CA LYS B 166 -18.42 3.17 -8.46
C LYS B 166 -17.46 1.99 -8.66
N ALA B 167 -16.17 2.27 -8.49
CA ALA B 167 -15.10 1.26 -8.63
C ALA B 167 -15.22 0.20 -7.57
N ALA B 168 -15.62 0.63 -6.39
CA ALA B 168 -15.78 -0.30 -5.28
C ALA B 168 -16.89 -1.30 -5.46
N LEU B 169 -17.93 -0.96 -6.23
CA LEU B 169 -19.12 -1.84 -6.37
C LEU B 169 -18.84 -3.24 -6.87
N SER B 170 -17.88 -3.44 -7.76
CA SER B 170 -17.64 -4.81 -8.21
C SER B 170 -16.97 -5.63 -7.12
N HIS B 171 -16.54 -5.01 -6.04
CA HIS B 171 -15.87 -5.72 -4.95
C HIS B 171 -16.73 -5.94 -3.70
N LEU B 172 -17.85 -5.22 -3.59
CA LEU B 172 -18.73 -5.29 -2.42
C LEU B 172 -19.81 -6.33 -2.63
N LYS B 173 -20.13 -7.01 -1.56
CA LYS B 173 -21.07 -8.12 -1.57
C LYS B 173 -21.97 -7.95 -0.35
N GLN B 174 -22.94 -8.85 -0.20
CA GLN B 174 -23.83 -8.89 0.95
C GLN B 174 -23.04 -8.74 2.28
N GLY B 175 -23.48 -7.81 3.14
CA GLY B 175 -22.80 -7.58 4.42
C GLY B 175 -21.74 -6.48 4.38
N ASP B 176 -21.44 -5.95 3.21
CA ASP B 176 -20.48 -4.86 3.08
C ASP B 176 -21.16 -3.50 3.37
N VAL B 177 -20.35 -2.46 3.51
CA VAL B 177 -20.83 -1.18 4.00
C VAL B 177 -20.08 -0.04 3.41
N ILE B 178 -20.81 1.05 3.19
CA ILE B 178 -20.31 2.30 2.73
C ILE B 178 -20.70 3.41 3.76
N ILE B 179 -19.76 4.27 4.09
CA ILE B 179 -20.04 5.42 4.97
C ILE B 179 -19.48 6.65 4.27
N ASN B 180 -20.30 7.70 4.17
CA ASN B 180 -19.94 8.96 3.56
C ASN B 180 -19.91 10.07 4.58
N THR B 181 -18.85 10.89 4.59
CA THR B 181 -18.76 12.01 5.50
C THR B 181 -19.42 13.18 4.83
N ALA B 182 -20.50 13.68 5.43
CA ALA B 182 -21.18 14.86 4.91
C ALA B 182 -20.74 16.02 5.82
N SER B 183 -21.68 16.79 6.32
CA SER B 183 -21.42 17.94 7.18
C SER B 183 -22.74 18.57 7.65
N ILE B 184 -22.67 19.21 8.80
CA ILE B 184 -23.80 19.96 9.32
C ILE B 184 -24.23 21.03 8.32
N VAL B 185 -23.29 21.58 7.52
CA VAL B 185 -23.63 22.68 6.58
C VAL B 185 -24.63 22.26 5.51
N ALA B 186 -24.74 20.96 5.21
CA ALA B 186 -25.78 20.47 4.27
C ALA B 186 -27.17 20.67 4.84
N TYR B 187 -27.25 20.65 6.16
CA TYR B 187 -28.52 20.75 6.85
C TYR B 187 -28.84 22.16 7.30
N GLU B 188 -27.80 22.92 7.65
N GLU B 188 -27.81 22.90 7.73
CA GLU B 188 -28.01 24.22 8.21
CA GLU B 188 -27.97 24.28 8.23
C GLU B 188 -27.51 25.37 7.32
C GLU B 188 -27.61 25.36 7.22
N GLY B 189 -26.76 25.04 6.27
CA GLY B 189 -26.19 26.04 5.37
C GLY B 189 -25.03 26.77 6.04
N ASN B 190 -24.19 27.42 5.24
CA ASN B 190 -23.08 28.27 5.71
C ASN B 190 -22.84 29.33 4.67
N GLU B 191 -23.09 30.56 5.06
CA GLU B 191 -23.04 31.68 4.16
C GLU B 191 -21.66 31.93 3.60
N THR B 192 -20.61 31.42 4.22
CA THR B 192 -19.27 31.68 3.70
C THR B 192 -18.65 30.47 2.97
N LEU B 193 -19.40 29.38 2.87
CA LEU B 193 -18.95 28.15 2.24
C LEU B 193 -20.07 27.60 1.35
N ILE B 194 -20.56 28.44 0.44
CA ILE B 194 -21.74 28.16 -0.35
C ILE B 194 -21.51 26.94 -1.29
N ASP B 195 -20.38 26.96 -2.01
CA ASP B 195 -20.02 25.82 -2.90
C ASP B 195 -19.76 24.56 -2.13
N TYR B 196 -18.96 24.68 -1.06
CA TYR B 196 -18.71 23.55 -0.18
C TYR B 196 -20.01 22.94 0.38
N SER B 197 -20.93 23.78 0.83
N SER B 197 -20.93 23.77 0.85
CA SER B 197 -22.19 23.30 1.41
CA SER B 197 -22.17 23.25 1.44
C SER B 197 -22.97 22.54 0.37
C SER B 197 -22.98 22.53 0.37
N ALA B 198 -22.98 23.06 -0.85
CA ALA B 198 -23.68 22.43 -1.98
C ALA B 198 -23.06 21.03 -2.18
N THR B 199 -21.73 20.90 -2.04
CA THR B 199 -21.17 19.53 -2.22
C THR B 199 -21.62 18.58 -1.14
N LYS B 200 -21.77 19.09 0.08
CA LYS B 200 -22.20 18.30 1.21
C LYS B 200 -23.68 17.91 1.12
N GLY B 201 -24.50 18.82 0.58
CA GLY B 201 -25.89 18.49 0.25
C GLY B 201 -25.94 17.37 -0.80
N ALA B 202 -25.05 17.44 -1.81
CA ALA B 202 -24.97 16.37 -2.84
C ALA B 202 -24.63 15.04 -2.17
N ILE B 203 -23.71 15.02 -1.20
CA ILE B 203 -23.37 13.78 -0.48
C ILE B 203 -24.55 13.20 0.27
N VAL B 204 -25.31 14.09 0.93
CA VAL B 204 -26.49 13.67 1.69
C VAL B 204 -27.46 12.95 0.74
N ALA B 205 -27.77 13.56 -0.40
CA ALA B 205 -28.71 12.93 -1.36
C ALA B 205 -28.13 11.68 -1.99
N PHE B 206 -26.83 11.72 -2.28
CA PHE B 206 -26.09 10.56 -2.80
C PHE B 206 -26.23 9.37 -1.84
N THR B 207 -26.09 9.61 -0.55
CA THR B 207 -26.20 8.59 0.49
C THR B 207 -27.60 8.01 0.47
N ARG B 208 -28.63 8.86 0.46
CA ARG B 208 -30.02 8.42 0.45
C ARG B 208 -30.30 7.52 -0.75
N SER B 209 -29.92 8.02 -1.93
CA SER B 209 -30.19 7.33 -3.16
C SER B 209 -29.43 6.02 -3.32
N LEU B 210 -28.14 6.04 -2.98
CA LEU B 210 -27.35 4.84 -3.10
C LEU B 210 -27.84 3.79 -2.09
N SER B 211 -28.34 4.20 -0.91
CA SER B 211 -28.83 3.22 0.04
C SER B 211 -29.96 2.41 -0.56
N GLN B 212 -30.86 3.08 -1.26
N GLN B 212 -30.84 3.08 -1.28
CA GLN B 212 -32.01 2.42 -1.85
CA GLN B 212 -31.99 2.46 -1.90
C GLN B 212 -31.54 1.53 -3.01
C GLN B 212 -31.55 1.54 -3.02
N SER B 213 -30.54 1.98 -3.75
CA SER B 213 -30.01 1.22 -4.85
C SER B 213 -29.35 -0.10 -4.41
N LEU B 214 -28.68 -0.10 -3.28
CA LEU B 214 -27.90 -1.23 -2.86
C LEU B 214 -28.52 -2.10 -1.80
N VAL B 215 -29.70 -1.72 -1.32
CA VAL B 215 -30.29 -2.41 -0.19
C VAL B 215 -30.56 -3.86 -0.50
N GLN B 216 -31.00 -4.15 -1.71
CA GLN B 216 -31.26 -5.54 -2.07
C GLN B 216 -30.03 -6.38 -2.34
N LYS B 217 -28.88 -5.73 -2.51
CA LYS B 217 -27.62 -6.43 -2.64
C LYS B 217 -27.02 -6.66 -1.25
N GLY B 218 -27.70 -6.22 -0.19
CA GLY B 218 -27.19 -6.37 1.17
C GLY B 218 -26.04 -5.45 1.54
N ILE B 219 -25.91 -4.32 0.87
CA ILE B 219 -24.87 -3.33 1.18
C ILE B 219 -25.55 -2.12 1.83
N ARG B 220 -25.14 -1.77 3.04
CA ARG B 220 -25.69 -0.58 3.69
C ARG B 220 -24.89 0.67 3.38
N VAL B 221 -25.59 1.80 3.31
CA VAL B 221 -25.04 3.09 2.98
C VAL B 221 -25.56 4.15 3.94
N ASN B 222 -24.66 4.71 4.72
CA ASN B 222 -24.99 5.71 5.74
C ASN B 222 -23.98 6.83 5.74
N GLY B 223 -24.30 7.89 6.48
CA GLY B 223 -23.39 9.02 6.61
C GLY B 223 -23.19 9.53 8.00
N VAL B 224 -22.17 10.39 8.15
CA VAL B 224 -21.89 11.09 9.41
C VAL B 224 -21.82 12.56 9.04
N ALA B 225 -22.53 13.42 9.79
CA ALA B 225 -22.53 14.87 9.55
C ALA B 225 -21.85 15.51 10.75
N PRO B 226 -20.54 15.77 10.64
CA PRO B 226 -19.87 16.46 11.74
C PRO B 226 -20.20 17.93 11.81
N GLY B 227 -20.15 18.48 13.00
CA GLY B 227 -20.23 19.91 13.22
C GLY B 227 -18.77 20.38 13.25
N PRO B 228 -18.46 21.40 14.06
CA PRO B 228 -17.05 21.91 13.96
C PRO B 228 -16.04 21.03 14.69
N ILE B 229 -15.14 20.41 13.94
CA ILE B 229 -14.16 19.50 14.53
C ILE B 229 -12.76 20.07 14.32
N TRP B 230 -11.95 20.01 15.37
CA TRP B 230 -10.57 20.51 15.30
C TRP B 230 -9.70 19.55 14.44
N THR B 231 -9.47 19.96 13.19
CA THR B 231 -8.71 19.13 12.23
C THR B 231 -7.85 20.06 11.35
N PRO B 232 -6.93 19.48 10.51
CA PRO B 232 -6.09 20.31 9.60
C PRO B 232 -6.88 21.15 8.56
N LEU B 233 -8.10 20.71 8.27
CA LEU B 233 -8.99 21.44 7.35
C LEU B 233 -9.30 22.88 7.83
N ILE B 234 -9.25 23.08 9.15
CA ILE B 234 -9.66 24.35 9.77
C ILE B 234 -8.59 25.48 9.63
N PRO B 235 -7.37 25.30 10.18
CA PRO B 235 -6.35 26.33 9.98
C PRO B 235 -5.88 26.48 8.50
N SER B 236 -6.02 25.42 7.69
CA SER B 236 -5.66 25.48 6.27
C SER B 236 -6.74 26.20 5.41
N SER B 237 -7.98 26.31 5.90
CA SER B 237 -9.05 26.98 5.12
C SER B 237 -9.47 28.34 5.69
N PHE B 238 -9.67 28.41 7.00
CA PHE B 238 -10.11 29.67 7.66
C PHE B 238 -8.97 30.61 8.10
N ASP B 239 -9.30 31.90 8.23
CA ASP B 239 -8.33 32.91 8.71
C ASP B 239 -8.13 32.77 10.22
N GLU B 240 -7.01 33.32 10.71
CA GLU B 240 -6.59 33.23 12.12
C GLU B 240 -7.64 33.55 13.15
N LYS B 241 -8.38 34.62 12.88
CA LYS B 241 -9.38 35.13 13.80
C LYS B 241 -10.52 34.13 13.90
N LYS B 242 -11.05 33.72 12.74
CA LYS B 242 -12.16 32.75 12.75
C LYS B 242 -11.70 31.42 13.36
N VAL B 243 -10.45 31.02 13.10
CA VAL B 243 -9.88 29.79 13.70
C VAL B 243 -9.89 29.86 15.23
N SER B 244 -9.48 31.00 15.77
CA SER B 244 -9.41 31.21 17.23
C SER B 244 -10.74 31.04 17.95
N GLN B 245 -11.86 31.25 17.24
CA GLN B 245 -13.18 31.12 17.86
C GLN B 245 -13.95 29.91 17.35
N PHE B 246 -13.27 29.03 16.62
CA PHE B 246 -13.89 27.85 15.99
C PHE B 246 -14.58 27.00 17.05
N GLY B 247 -15.86 26.66 16.79
CA GLY B 247 -16.67 25.82 17.67
C GLY B 247 -17.38 26.55 18.81
N SER B 248 -17.20 27.86 18.90
CA SER B 248 -17.80 28.64 19.97
C SER B 248 -19.33 28.80 19.84
N ASN B 249 -19.86 28.62 18.63
N ASN B 249 -19.87 28.63 18.64
CA ASN B 249 -21.27 28.87 18.37
CA ASN B 249 -21.29 28.86 18.39
C ASN B 249 -22.23 27.70 18.60
C ASN B 249 -22.20 27.64 18.39
N VAL B 250 -21.71 26.52 18.90
CA VAL B 250 -22.59 25.35 19.07
C VAL B 250 -23.00 25.28 20.54
N PRO B 251 -24.13 24.62 20.85
CA PRO B 251 -24.61 24.63 22.25
C PRO B 251 -23.60 24.12 23.29
N MET B 252 -22.78 23.12 22.96
CA MET B 252 -21.77 22.64 23.93
C MET B 252 -20.62 23.65 24.02
N GLN B 253 -20.58 24.64 23.14
CA GLN B 253 -19.64 25.76 23.24
C GLN B 253 -18.15 25.41 23.11
N ARG B 254 -17.88 24.41 22.29
CA ARG B 254 -16.52 23.98 22.02
C ARG B 254 -16.53 23.20 20.71
N PRO B 255 -15.40 23.20 19.97
CA PRO B 255 -15.36 22.33 18.81
C PRO B 255 -15.21 20.88 19.30
N GLY B 256 -15.54 19.94 18.44
CA GLY B 256 -15.35 18.52 18.76
C GLY B 256 -13.90 18.11 18.50
N GLN B 257 -13.47 17.05 19.15
CA GLN B 257 -12.18 16.48 18.85
C GLN B 257 -12.40 15.32 17.90
N PRO B 258 -11.44 15.11 16.98
CA PRO B 258 -11.60 13.99 16.04
C PRO B 258 -11.94 12.64 16.67
N TYR B 259 -11.42 12.33 17.86
CA TYR B 259 -11.74 11.03 18.48
C TYR B 259 -13.22 10.93 18.83
N GLU B 260 -13.89 12.07 19.01
CA GLU B 260 -15.31 12.06 19.28
C GLU B 260 -16.16 11.65 18.07
N LEU B 261 -15.59 11.68 16.86
CA LEU B 261 -16.31 11.20 15.72
C LEU B 261 -16.17 9.74 15.42
N ALA B 262 -15.06 9.13 15.83
CA ALA B 262 -14.77 7.75 15.46
C ALA B 262 -15.83 6.74 15.84
N PRO B 263 -16.44 6.86 17.05
CA PRO B 263 -17.44 5.83 17.41
C PRO B 263 -18.69 5.77 16.51
N ALA B 264 -19.07 6.91 15.92
CA ALA B 264 -20.21 6.97 15.01
C ALA B 264 -19.89 6.11 13.79
N TYR B 265 -18.67 6.27 13.28
CA TYR B 265 -18.21 5.47 12.16
C TYR B 265 -18.13 3.99 12.53
N VAL B 266 -17.63 3.69 13.72
CA VAL B 266 -17.58 2.27 14.14
C VAL B 266 -18.99 1.67 14.16
N TYR B 267 -19.93 2.39 14.74
CA TYR B 267 -21.33 1.96 14.76
C TYR B 267 -21.84 1.65 13.38
N LEU B 268 -21.65 2.60 12.46
CA LEU B 268 -22.13 2.46 11.11
C LEU B 268 -21.44 1.38 10.27
N ALA B 269 -20.17 1.11 10.57
CA ALA B 269 -19.32 0.19 9.79
C ALA B 269 -19.56 -1.25 10.23
N SER B 270 -20.00 -1.46 11.48
CA SER B 270 -20.18 -2.82 12.02
C SER B 270 -21.59 -3.36 11.98
N SER B 271 -21.70 -4.65 12.31
N SER B 271 -21.73 -4.64 12.29
CA SER B 271 -22.98 -5.32 12.44
CA SER B 271 -23.02 -5.28 12.36
C SER B 271 -23.90 -4.65 13.45
C SER B 271 -23.89 -4.71 13.51
N ASP B 272 -23.35 -3.78 14.30
CA ASP B 272 -24.13 -3.09 15.31
C ASP B 272 -25.26 -2.24 14.68
N SER B 273 -25.06 -1.86 13.42
CA SER B 273 -26.06 -1.06 12.70
C SER B 273 -26.71 -1.82 11.54
N SER B 274 -26.85 -3.13 11.72
CA SER B 274 -27.44 -4.02 10.72
C SER B 274 -28.83 -3.62 10.18
N TYR B 275 -29.63 -2.87 10.96
CA TYR B 275 -30.96 -2.46 10.50
C TYR B 275 -30.95 -0.98 10.14
N VAL B 276 -29.76 -0.44 9.88
CA VAL B 276 -29.61 0.98 9.59
C VAL B 276 -29.04 1.23 8.20
N THR B 277 -29.82 1.88 7.34
CA THR B 277 -29.33 2.30 6.02
C THR B 277 -30.09 3.55 5.56
N GLY B 278 -29.39 4.39 4.79
CA GLY B 278 -29.89 5.64 4.27
C GLY B 278 -29.90 6.78 5.30
N GLN B 279 -29.23 6.58 6.43
CA GLN B 279 -29.27 7.50 7.53
C GLN B 279 -28.03 8.38 7.73
N MET B 280 -28.17 9.38 8.61
CA MET B 280 -27.14 10.33 8.98
C MET B 280 -26.98 10.43 10.51
N ILE B 281 -25.75 10.32 11.00
CA ILE B 281 -25.47 10.47 12.40
C ILE B 281 -24.85 11.88 12.54
N HIS B 282 -25.52 12.75 13.29
CA HIS B 282 -25.13 14.14 13.50
C HIS B 282 -24.33 14.27 14.79
N VAL B 283 -23.05 14.59 14.66
CA VAL B 283 -22.10 14.68 15.78
C VAL B 283 -21.60 16.10 15.72
N ASN B 284 -22.36 17.01 16.38
CA ASN B 284 -22.17 18.45 16.17
C ASN B 284 -22.26 19.38 17.36
N GLY B 285 -22.16 18.84 18.56
CA GLY B 285 -22.16 19.68 19.73
C GLY B 285 -23.52 20.21 20.13
N GLY B 286 -24.58 19.64 19.61
CA GLY B 286 -25.93 20.01 20.04
C GLY B 286 -26.80 20.83 19.10
N VAL B 287 -26.32 21.08 17.90
CA VAL B 287 -27.08 21.86 16.92
C VAL B 287 -28.24 21.04 16.43
N ILE B 288 -29.45 21.55 16.62
CA ILE B 288 -30.66 20.83 16.19
C ILE B 288 -30.83 21.05 14.67
N VAL B 289 -31.03 19.97 13.93
CA VAL B 289 -31.16 20.03 12.50
C VAL B 289 -32.43 19.28 12.03
N ASN B 290 -33.47 19.24 12.84
CA ASN B 290 -34.69 18.50 12.52
C ASN B 290 -34.37 17.04 12.14
N GLY B 291 -33.36 16.47 12.77
CA GLY B 291 -32.93 15.12 12.50
C GLY B 291 -33.78 14.03 13.16
N VAL C 11 -51.21 1.91 -14.36
CA VAL C 11 -51.31 2.76 -15.58
C VAL C 11 -51.94 4.13 -15.25
N THR C 12 -51.10 5.14 -15.11
CA THR C 12 -51.59 6.52 -14.88
C THR C 12 -51.66 7.30 -16.21
N MET C 13 -50.71 7.01 -17.10
CA MET C 13 -50.55 7.77 -18.36
C MET C 13 -50.33 6.88 -19.58
N PRO C 14 -50.56 7.45 -20.80
CA PRO C 14 -50.30 6.67 -22.01
C PRO C 14 -48.80 6.34 -22.13
N ALA C 15 -48.53 5.07 -22.44
CA ALA C 15 -47.16 4.57 -22.60
C ALA C 15 -46.46 5.27 -23.78
N GLN C 16 -45.40 6.01 -23.46
CA GLN C 16 -44.70 6.80 -24.46
C GLN C 16 -43.26 7.05 -24.05
N HIS C 17 -42.45 7.46 -25.02
CA HIS C 17 -41.05 7.78 -24.81
C HIS C 17 -40.55 8.71 -25.93
N GLN C 18 -39.64 9.62 -25.58
CA GLN C 18 -39.02 10.49 -26.57
C GLN C 18 -37.54 10.15 -26.57
N ASN C 19 -36.99 9.97 -27.77
CA ASN C 19 -35.60 9.57 -27.92
C ASN C 19 -34.61 10.75 -27.80
N LYS C 20 -35.09 11.91 -27.36
CA LYS C 20 -34.23 13.08 -27.18
C LYS C 20 -34.66 13.89 -25.96
N GLN C 21 -33.66 14.42 -25.28
CA GLN C 21 -33.79 15.29 -24.10
C GLN C 21 -32.98 16.59 -24.33
N PRO C 22 -33.53 17.78 -24.00
CA PRO C 22 -34.87 18.05 -23.39
C PRO C 22 -36.08 17.66 -24.28
N GLY C 23 -37.09 17.10 -23.64
CA GLY C 23 -38.30 16.66 -24.34
C GLY C 23 -39.09 17.81 -24.94
N ILE C 24 -40.00 17.46 -25.85
CA ILE C 24 -40.85 18.45 -26.51
C ILE C 24 -42.28 18.26 -26.00
N GLU C 25 -42.83 19.28 -25.34
CA GLU C 25 -44.21 19.18 -24.80
C GLU C 25 -45.26 18.88 -25.86
N SER C 26 -45.09 19.48 -27.05
CA SER C 26 -46.01 19.29 -28.17
C SER C 26 -46.14 17.84 -28.67
N LEU C 27 -45.24 16.95 -28.28
CA LEU C 27 -45.30 15.53 -28.69
C LEU C 27 -45.98 14.64 -27.63
N MET C 28 -46.22 15.19 -26.43
CA MET C 28 -46.79 14.40 -25.32
C MET C 28 -48.29 14.10 -25.46
N ASN C 29 -48.66 12.92 -24.98
CA ASN C 29 -50.06 12.45 -24.93
C ASN C 29 -50.46 11.93 -23.52
N PRO C 30 -51.38 12.66 -22.83
CA PRO C 30 -51.99 13.94 -23.20
C PRO C 30 -51.04 15.10 -22.99
N LEU C 31 -51.43 16.27 -23.47
CA LEU C 31 -50.65 17.45 -23.26
C LEU C 31 -50.74 17.75 -21.75
N PRO C 32 -49.60 18.03 -21.13
CA PRO C 32 -49.69 18.41 -19.72
C PRO C 32 -50.63 19.58 -19.58
N GLN C 33 -51.29 19.71 -18.44
CA GLN C 33 -52.13 20.88 -18.21
C GLN C 33 -51.20 21.91 -17.57
N PHE C 34 -50.82 22.94 -18.33
CA PHE C 34 -49.87 23.95 -17.86
C PHE C 34 -50.56 25.21 -17.40
N GLU C 35 -51.85 25.27 -17.60
CA GLU C 35 -52.61 26.43 -17.24
C GLU C 35 -53.92 26.02 -16.57
N ASP C 36 -54.26 26.74 -15.51
CA ASP C 36 -55.49 26.54 -14.81
C ASP C 36 -56.51 27.57 -15.30
N PRO C 37 -57.53 27.12 -16.08
CA PRO C 37 -58.58 28.05 -16.54
C PRO C 37 -59.07 28.99 -15.46
N ASN C 38 -59.31 28.47 -14.26
CA ASN C 38 -59.77 29.34 -13.19
C ASN C 38 -58.73 30.18 -12.51
N TYR C 39 -57.47 30.07 -12.89
CA TYR C 39 -56.49 30.87 -12.20
C TYR C 39 -56.76 32.32 -12.56
N LYS C 40 -56.94 33.12 -11.52
CA LYS C 40 -57.20 34.53 -11.65
C LYS C 40 -56.03 35.29 -11.02
N GLY C 41 -55.38 36.11 -11.82
CA GLY C 41 -54.33 36.97 -11.32
C GLY C 41 -54.86 38.13 -10.47
N SER C 42 -53.99 38.68 -9.65
CA SER C 42 -54.38 39.82 -8.77
C SER C 42 -53.19 40.77 -8.60
N GLU C 43 -52.39 40.88 -9.67
CA GLU C 43 -51.24 41.80 -9.75
C GLU C 43 -50.17 41.57 -8.70
N LYS C 44 -50.02 40.32 -8.28
CA LYS C 44 -49.05 39.99 -7.26
C LYS C 44 -47.62 40.35 -7.66
N LEU C 45 -47.34 40.38 -8.96
CA LEU C 45 -46.00 40.63 -9.47
C LEU C 45 -45.99 41.73 -10.53
N LYS C 46 -46.90 42.68 -10.40
CA LYS C 46 -47.11 43.70 -11.41
C LYS C 46 -45.86 44.51 -11.65
N GLY C 47 -45.35 44.48 -12.88
CA GLY C 47 -44.20 45.29 -13.25
C GLY C 47 -42.87 44.65 -12.85
N LYS C 48 -42.89 43.45 -12.27
CA LYS C 48 -41.66 42.79 -11.87
C LYS C 48 -41.05 42.11 -13.08
N ASN C 49 -39.73 42.14 -13.13
CA ASN C 49 -38.96 41.56 -14.25
C ASN C 49 -38.34 40.24 -13.80
N VAL C 50 -38.76 39.17 -14.47
CA VAL C 50 -38.37 37.84 -14.12
C VAL C 50 -37.48 37.14 -15.16
N LEU C 51 -36.50 36.38 -14.69
CA LEU C 51 -35.67 35.49 -15.53
C LEU C 51 -35.94 34.08 -15.03
N ILE C 52 -36.45 33.22 -15.92
N ILE C 52 -36.45 33.21 -15.89
CA ILE C 52 -36.73 31.82 -15.60
CA ILE C 52 -36.71 31.81 -15.53
C ILE C 52 -35.88 30.97 -16.54
C ILE C 52 -35.98 30.90 -16.51
N THR C 53 -35.06 30.07 -15.98
CA THR C 53 -34.28 29.14 -16.78
C THR C 53 -35.10 27.87 -16.89
N GLY C 54 -35.17 27.32 -18.11
CA GLY C 54 -36.03 26.19 -18.40
C GLY C 54 -37.51 26.58 -18.36
N GLY C 55 -37.82 27.82 -18.74
CA GLY C 55 -39.19 28.34 -18.68
C GLY C 55 -40.03 28.07 -19.89
N ASP C 56 -39.55 27.21 -20.76
CA ASP C 56 -40.21 27.00 -22.05
C ASP C 56 -41.24 25.88 -22.01
N SER C 57 -41.19 24.98 -21.03
CA SER C 57 -42.04 23.81 -21.00
C SER C 57 -42.18 23.29 -19.59
N GLY C 58 -43.03 22.30 -19.41
CA GLY C 58 -43.27 21.68 -18.12
C GLY C 58 -43.61 22.70 -17.04
N ILE C 59 -43.00 22.53 -15.89
CA ILE C 59 -43.20 23.39 -14.74
C ILE C 59 -42.83 24.83 -15.05
N GLY C 60 -41.73 25.00 -15.75
CA GLY C 60 -41.26 26.31 -16.16
C GLY C 60 -42.25 27.10 -17.00
N ARG C 61 -42.93 26.41 -17.91
CA ARG C 61 -43.95 27.03 -18.73
C ARG C 61 -45.13 27.43 -17.84
N ALA C 62 -45.57 26.53 -16.96
CA ALA C 62 -46.66 26.84 -16.01
C ALA C 62 -46.30 28.09 -15.18
N VAL C 63 -45.07 28.15 -14.70
CA VAL C 63 -44.63 29.30 -13.89
C VAL C 63 -44.58 30.60 -14.71
N SER C 64 -44.03 30.54 -15.91
CA SER C 64 -44.00 31.73 -16.78
C SER C 64 -45.40 32.34 -16.99
N ILE C 65 -46.36 31.48 -17.26
CA ILE C 65 -47.74 31.88 -17.55
C ILE C 65 -48.44 32.45 -16.32
N ALA C 66 -48.31 31.76 -15.18
CA ALA C 66 -48.87 32.24 -13.91
C ALA C 66 -48.27 33.60 -13.55
N PHE C 67 -46.96 33.72 -13.72
CA PHE C 67 -46.25 34.99 -13.42
C PHE C 67 -46.76 36.14 -14.35
N ALA C 68 -46.98 35.80 -15.62
CA ALA C 68 -47.51 36.75 -16.58
C ALA C 68 -48.92 37.17 -16.13
N LYS C 69 -49.72 36.22 -15.69
CA LYS C 69 -51.07 36.53 -15.19
C LYS C 69 -51.03 37.43 -13.94
N GLU C 70 -49.93 37.42 -13.20
CA GLU C 70 -49.74 38.28 -12.05
C GLU C 70 -49.08 39.62 -12.40
N GLY C 71 -48.89 39.84 -13.69
CA GLY C 71 -48.39 41.12 -14.19
C GLY C 71 -46.88 41.18 -14.43
N ALA C 72 -46.16 40.09 -14.30
CA ALA C 72 -44.68 40.13 -14.48
C ALA C 72 -44.28 40.00 -15.93
N ASN C 73 -43.15 40.64 -16.24
CA ASN C 73 -42.51 40.54 -17.54
C ASN C 73 -41.54 39.36 -17.44
N ILE C 74 -41.52 38.49 -18.45
CA ILE C 74 -40.79 37.24 -18.34
C ILE C 74 -39.74 37.05 -19.42
N ALA C 75 -38.51 36.84 -18.96
CA ALA C 75 -37.41 36.43 -19.82
C ALA C 75 -37.24 34.90 -19.61
N ILE C 76 -37.43 34.16 -20.71
CA ILE C 76 -37.38 32.72 -20.69
C ILE C 76 -36.10 32.16 -21.33
N ALA C 77 -35.28 31.52 -20.50
CA ALA C 77 -34.06 30.89 -21.01
C ALA C 77 -34.38 29.39 -21.19
N TYR C 78 -33.92 28.80 -22.29
CA TYR C 78 -34.14 27.41 -22.60
C TYR C 78 -33.03 26.98 -23.53
N LEU C 79 -32.87 25.67 -23.74
CA LEU C 79 -31.81 25.18 -24.61
C LEU C 79 -32.05 25.41 -26.11
N ASP C 80 -32.97 24.66 -26.70
CA ASP C 80 -33.25 24.77 -28.12
C ASP C 80 -34.66 24.40 -28.59
N GLU C 81 -35.61 24.34 -27.67
N GLU C 81 -35.62 24.24 -27.69
CA GLU C 81 -36.98 23.94 -28.01
CA GLU C 81 -36.98 23.87 -28.11
C GLU C 81 -37.75 25.19 -28.43
C GLU C 81 -37.77 25.13 -28.46
N GLU C 82 -37.47 25.65 -29.65
CA GLU C 82 -38.06 26.87 -30.18
C GLU C 82 -39.57 26.83 -30.25
N GLY C 83 -40.11 25.67 -30.61
CA GLY C 83 -41.53 25.47 -30.75
C GLY C 83 -42.20 25.58 -29.40
N ASP C 84 -41.65 24.88 -28.42
CA ASP C 84 -42.19 25.00 -27.06
C ASP C 84 -42.03 26.41 -26.48
N ALA C 85 -40.88 27.04 -26.73
CA ALA C 85 -40.64 28.40 -26.22
C ALA C 85 -41.58 29.39 -26.92
N ASN C 86 -41.76 29.25 -28.22
CA ASN C 86 -42.67 30.13 -28.92
C ASN C 86 -44.11 30.03 -28.38
N GLU C 87 -44.58 28.81 -28.11
CA GLU C 87 -45.94 28.59 -27.60
C GLU C 87 -46.10 29.23 -26.21
N THR C 88 -45.12 29.02 -25.36
CA THR C 88 -45.11 29.62 -24.04
C THR C 88 -45.17 31.14 -24.18
N LYS C 89 -44.41 31.69 -25.12
CA LYS C 89 -44.41 33.12 -25.35
C LYS C 89 -45.80 33.66 -25.72
N GLN C 90 -46.57 32.92 -26.52
CA GLN C 90 -47.90 33.37 -26.92
C GLN C 90 -48.82 33.42 -25.70
N TYR C 91 -48.71 32.44 -24.82
CA TYR C 91 -49.54 32.44 -23.62
C TYR C 91 -49.15 33.59 -22.72
N VAL C 92 -47.85 33.87 -22.60
CA VAL C 92 -47.38 34.96 -21.75
C VAL C 92 -47.86 36.30 -22.30
N GLU C 93 -47.73 36.51 -23.61
CA GLU C 93 -48.12 37.77 -24.23
C GLU C 93 -49.61 37.99 -24.26
N LYS C 94 -50.38 36.91 -24.20
CA LYS C 94 -51.84 37.03 -24.10
C LYS C 94 -52.18 37.88 -22.86
N GLU C 95 -51.32 37.85 -21.84
CA GLU C 95 -51.58 38.59 -20.59
C GLU C 95 -51.17 40.04 -20.65
N GLY C 96 -50.70 40.50 -21.80
CA GLY C 96 -50.31 41.88 -21.96
C GLY C 96 -48.98 42.25 -21.34
N VAL C 97 -48.10 41.29 -21.06
CA VAL C 97 -46.81 41.60 -20.47
C VAL C 97 -45.72 41.32 -21.51
N LYS C 98 -44.50 41.73 -21.19
N LYS C 98 -44.50 41.75 -21.23
CA LYS C 98 -43.36 41.52 -22.06
CA LYS C 98 -43.40 41.54 -22.16
C LYS C 98 -42.83 40.08 -21.92
C LYS C 98 -42.78 40.15 -21.93
N CYS C 99 -42.37 39.52 -23.03
CA CYS C 99 -41.78 38.20 -23.04
C CYS C 99 -40.52 38.21 -23.92
N VAL C 100 -39.40 37.75 -23.36
CA VAL C 100 -38.11 37.70 -24.07
C VAL C 100 -37.67 36.23 -24.09
N LEU C 101 -37.35 35.72 -25.28
CA LEU C 101 -36.86 34.35 -25.44
C LEU C 101 -35.32 34.36 -25.54
N LEU C 102 -34.65 33.52 -24.74
CA LEU C 102 -33.18 33.45 -24.65
C LEU C 102 -32.71 32.01 -24.83
N PRO C 103 -32.59 31.58 -26.06
CA PRO C 103 -32.12 30.22 -26.27
C PRO C 103 -30.64 30.11 -26.00
N GLY C 104 -30.19 28.88 -25.76
CA GLY C 104 -28.76 28.60 -25.59
C GLY C 104 -28.40 27.63 -24.46
N ASP C 105 -27.16 27.17 -24.43
CA ASP C 105 -26.74 26.12 -23.52
C ASP C 105 -26.21 26.68 -22.21
N LEU C 106 -26.93 26.44 -21.14
CA LEU C 106 -26.57 26.93 -19.82
C LEU C 106 -25.52 26.06 -19.12
N SER C 107 -24.99 25.08 -19.82
CA SER C 107 -23.91 24.34 -19.23
C SER C 107 -22.61 25.15 -19.42
N ASP C 108 -22.67 26.22 -20.21
CA ASP C 108 -21.51 27.09 -20.46
C ASP C 108 -21.60 28.36 -19.57
N GLU C 109 -20.58 28.56 -18.73
CA GLU C 109 -20.53 29.72 -17.82
C GLU C 109 -20.83 31.08 -18.50
N GLN C 110 -20.20 31.33 -19.64
CA GLN C 110 -20.37 32.60 -20.33
C GLN C 110 -21.82 32.83 -20.74
N HIS C 111 -22.48 31.80 -21.25
CA HIS C 111 -23.89 31.92 -21.60
C HIS C 111 -24.78 32.23 -20.37
N CYS C 112 -24.43 31.68 -19.20
CA CYS C 112 -25.13 31.99 -17.95
C CYS C 112 -25.03 33.47 -17.60
N LYS C 113 -23.87 34.06 -17.83
CA LYS C 113 -23.68 35.47 -17.59
C LYS C 113 -24.48 36.28 -18.65
N ASP C 114 -24.42 35.83 -19.90
CA ASP C 114 -25.09 36.50 -21.02
C ASP C 114 -26.61 36.61 -20.88
N ILE C 115 -27.29 35.55 -20.40
CA ILE C 115 -28.75 35.60 -20.25
C ILE C 115 -29.17 36.65 -19.22
N VAL C 116 -28.35 36.86 -18.18
CA VAL C 116 -28.61 37.89 -17.18
C VAL C 116 -28.46 39.28 -17.78
N GLN C 117 -27.38 39.50 -18.51
CA GLN C 117 -27.09 40.77 -19.12
C GLN C 117 -28.19 41.13 -20.12
N GLU C 118 -28.58 40.11 -20.87
CA GLU C 118 -29.59 40.27 -21.93
C GLU C 118 -30.95 40.51 -21.29
N THR C 119 -31.24 39.87 -20.17
CA THR C 119 -32.51 40.10 -19.45
C THR C 119 -32.59 41.56 -19.00
N VAL C 120 -31.50 42.06 -18.42
CA VAL C 120 -31.46 43.44 -17.96
C VAL C 120 -31.55 44.42 -19.15
N ARG C 121 -30.90 44.08 -20.26
CA ARG C 121 -30.96 44.92 -21.45
C ARG C 121 -32.41 45.05 -21.97
N GLN C 122 -33.12 43.93 -22.06
CA GLN C 122 -34.45 43.92 -22.65
C GLN C 122 -35.54 44.37 -21.69
N LEU C 123 -35.49 43.93 -20.46
CA LEU C 123 -36.53 44.31 -19.49
C LEU C 123 -36.21 45.59 -18.71
N GLY C 124 -34.93 45.96 -18.63
CA GLY C 124 -34.51 47.18 -17.92
C GLY C 124 -33.94 46.86 -16.55
N SER C 125 -34.33 45.74 -15.95
CA SER C 125 -33.83 45.37 -14.64
C SER C 125 -34.20 43.93 -14.36
N LEU C 126 -33.78 43.43 -13.21
CA LEU C 126 -34.08 42.05 -12.84
C LEU C 126 -34.56 42.05 -11.41
N ASN C 127 -35.74 41.50 -11.14
CA ASN C 127 -36.26 41.42 -9.75
C ASN C 127 -36.30 40.01 -9.20
N ILE C 128 -36.65 39.05 -10.05
CA ILE C 128 -36.89 37.67 -9.64
C ILE C 128 -36.18 36.70 -10.57
N LEU C 129 -35.37 35.82 -10.00
CA LEU C 129 -34.68 34.81 -10.77
C LEU C 129 -35.22 33.47 -10.38
N VAL C 130 -35.66 32.69 -11.35
CA VAL C 130 -36.12 31.35 -11.06
C VAL C 130 -35.17 30.41 -11.77
N ASN C 131 -34.35 29.69 -11.00
CA ASN C 131 -33.44 28.66 -11.53
C ASN C 131 -34.25 27.37 -11.58
N ASN C 132 -34.46 26.86 -12.77
CA ASN C 132 -35.35 25.71 -12.97
C ASN C 132 -34.88 24.69 -14.03
N VAL C 133 -33.83 25.00 -14.79
CA VAL C 133 -33.33 24.07 -15.79
C VAL C 133 -32.86 22.76 -15.17
N ALA C 134 -33.08 21.66 -15.88
CA ALA C 134 -32.55 20.36 -15.45
C ALA C 134 -32.54 19.29 -16.55
N GLN C 135 -31.62 18.34 -16.42
CA GLN C 135 -31.62 17.15 -17.25
C GLN C 135 -31.48 15.95 -16.31
N GLN C 136 -32.00 14.80 -16.70
CA GLN C 136 -31.89 13.58 -15.89
C GLN C 136 -31.69 12.38 -16.82
N TYR C 137 -30.79 11.47 -16.44
CA TYR C 137 -30.51 10.25 -17.22
C TYR C 137 -30.56 9.03 -16.25
N PRO C 138 -31.70 8.34 -16.19
CA PRO C 138 -31.79 7.22 -15.30
C PRO C 138 -30.82 6.10 -15.67
N GLN C 139 -30.33 5.40 -14.65
CA GLN C 139 -29.43 4.26 -14.81
C GLN C 139 -29.83 3.15 -13.84
N GLN C 140 -29.53 1.91 -14.19
CA GLN C 140 -29.89 0.81 -13.30
C GLN C 140 -28.94 0.71 -12.08
N GLY C 141 -27.83 1.44 -12.12
CA GLY C 141 -26.90 1.46 -11.00
C GLY C 141 -25.81 2.49 -11.21
N LEU C 142 -25.08 2.74 -10.14
CA LEU C 142 -23.97 3.68 -10.17
C LEU C 142 -22.94 3.30 -11.19
N GLU C 143 -22.69 2.00 -11.35
N GLU C 143 -22.66 2.01 -11.34
CA GLU C 143 -21.69 1.50 -12.29
CA GLU C 143 -21.67 1.54 -12.29
C GLU C 143 -22.06 1.72 -13.76
C GLU C 143 -21.96 1.94 -13.72
N TYR C 144 -23.21 2.33 -14.03
CA TYR C 144 -23.59 2.67 -15.40
C TYR C 144 -23.56 4.17 -15.64
N ILE C 145 -23.07 4.95 -14.69
CA ILE C 145 -22.97 6.40 -14.86
C ILE C 145 -21.54 6.77 -15.28
N THR C 146 -21.39 7.24 -16.51
CA THR C 146 -20.09 7.66 -16.98
C THR C 146 -19.71 9.01 -16.36
N ALA C 147 -18.44 9.36 -16.44
CA ALA C 147 -17.96 10.64 -15.96
C ALA C 147 -18.60 11.74 -16.78
N GLU C 148 -18.82 11.49 -18.08
CA GLU C 148 -19.47 12.46 -18.95
C GLU C 148 -20.89 12.77 -18.48
N GLN C 149 -21.65 11.73 -18.12
CA GLN C 149 -23.01 11.93 -17.62
C GLN C 149 -23.02 12.72 -16.27
N LEU C 150 -22.16 12.29 -15.36
CA LEU C 150 -22.02 12.91 -14.04
C LEU C 150 -21.75 14.42 -14.16
N GLU C 151 -20.72 14.77 -14.92
CA GLU C 151 -20.36 16.18 -15.07
C GLU C 151 -21.38 16.96 -15.83
N LYS C 152 -22.02 16.35 -16.84
CA LYS C 152 -23.03 17.08 -17.61
C LYS C 152 -24.24 17.36 -16.70
N THR C 153 -24.62 16.39 -15.90
CA THR C 153 -25.74 16.52 -14.98
C THR C 153 -25.48 17.63 -13.97
N PHE C 154 -24.32 17.63 -13.35
CA PHE C 154 -23.95 18.69 -12.43
C PHE C 154 -23.81 20.04 -13.10
N ARG C 155 -23.21 20.07 -14.28
CA ARG C 155 -22.98 21.34 -14.96
C ARG C 155 -24.30 22.06 -15.23
N ILE C 156 -25.30 21.33 -15.70
CA ILE C 156 -26.55 21.96 -16.02
C ILE C 156 -27.45 22.13 -14.78
N ASN C 157 -27.48 21.12 -13.91
CA ASN C 157 -28.43 21.13 -12.80
C ASN C 157 -28.08 22.00 -11.58
N ILE C 158 -26.80 22.18 -11.31
CA ILE C 158 -26.35 22.98 -10.16
C ILE C 158 -25.33 24.03 -10.54
N PHE C 159 -24.36 23.73 -11.42
CA PHE C 159 -23.38 24.77 -11.75
C PHE C 159 -24.10 25.95 -12.44
N SER C 160 -25.14 25.70 -13.25
CA SER C 160 -25.87 26.80 -13.93
C SER C 160 -26.56 27.67 -12.89
N TYR C 161 -27.07 27.03 -11.84
CA TYR C 161 -27.68 27.76 -10.73
C TYR C 161 -26.63 28.73 -10.06
N PHE C 162 -25.41 28.26 -9.85
CA PHE C 162 -24.34 29.12 -9.34
C PHE C 162 -24.02 30.24 -10.30
N HIS C 163 -23.79 29.94 -11.57
CA HIS C 163 -23.36 30.98 -12.49
C HIS C 163 -24.43 32.03 -12.81
N VAL C 164 -25.65 31.58 -13.04
CA VAL C 164 -26.73 32.51 -13.36
C VAL C 164 -26.99 33.40 -12.15
N THR C 165 -27.12 32.81 -10.98
CA THR C 165 -27.37 33.55 -9.73
C THR C 165 -26.23 34.54 -9.42
N LYS C 166 -25.00 34.09 -9.58
CA LYS C 166 -23.84 34.95 -9.34
C LYS C 166 -23.86 36.15 -10.24
N ALA C 167 -24.16 35.94 -11.53
CA ALA C 167 -24.28 37.05 -12.49
C ALA C 167 -25.46 37.99 -12.11
N ALA C 168 -26.56 37.42 -11.65
CA ALA C 168 -27.72 38.22 -11.22
C ALA C 168 -27.45 39.09 -9.99
N LEU C 169 -26.51 38.72 -9.12
CA LEU C 169 -26.29 39.50 -7.89
C LEU C 169 -25.96 40.99 -8.09
N SER C 170 -25.26 41.35 -9.16
CA SER C 170 -25.01 42.75 -9.48
C SER C 170 -26.32 43.50 -9.69
N HIS C 171 -27.37 42.79 -10.06
CA HIS C 171 -28.62 43.45 -10.42
C HIS C 171 -29.74 43.35 -9.42
N LEU C 172 -29.61 42.49 -8.42
CA LEU C 172 -30.66 42.31 -7.42
C LEU C 172 -30.49 43.29 -6.26
N LYS C 173 -31.62 43.79 -5.74
CA LYS C 173 -31.63 44.78 -4.68
C LYS C 173 -32.61 44.32 -3.59
N GLN C 174 -32.74 45.13 -2.56
CA GLN C 174 -33.67 44.88 -1.47
C GLN C 174 -35.07 44.66 -2.08
N GLY C 175 -35.75 43.61 -1.66
CA GLY C 175 -37.07 43.31 -2.23
C GLY C 175 -37.04 42.29 -3.35
N ASP C 176 -35.85 41.96 -3.84
CA ASP C 176 -35.70 40.97 -4.89
C ASP C 176 -35.63 39.54 -4.37
N VAL C 177 -35.80 38.59 -5.30
CA VAL C 177 -36.02 37.22 -4.93
C VAL C 177 -35.41 36.21 -5.88
N ILE C 178 -34.97 35.10 -5.31
CA ILE C 178 -34.47 33.95 -6.02
C ILE C 178 -35.28 32.71 -5.62
N ILE C 179 -35.68 31.93 -6.62
CA ILE C 179 -36.38 30.67 -6.39
C ILE C 179 -35.63 29.59 -7.16
N ASN C 180 -35.28 28.49 -6.49
CA ASN C 180 -34.60 27.34 -7.06
C ASN C 180 -35.45 26.10 -7.09
N THR C 181 -35.60 25.49 -8.27
CA THR C 181 -36.34 24.25 -8.32
C THR C 181 -35.43 23.12 -7.89
N ALA C 182 -35.79 22.47 -6.79
CA ALA C 182 -35.09 21.29 -6.27
C ALA C 182 -35.92 20.08 -6.72
N SER C 183 -36.12 19.11 -5.82
CA SER C 183 -36.93 17.93 -6.11
C SER C 183 -37.15 17.11 -4.87
N ILE C 184 -38.25 16.37 -4.87
CA ILE C 184 -38.51 15.38 -3.82
C ILE C 184 -37.33 14.39 -3.68
N VAL C 185 -36.59 14.12 -4.75
CA VAL C 185 -35.48 13.12 -4.70
C VAL C 185 -34.34 13.52 -3.78
N ALA C 186 -34.17 14.82 -3.56
CA ALA C 186 -33.19 15.31 -2.62
C ALA C 186 -33.50 14.91 -1.21
N TYR C 187 -34.80 14.77 -0.92
CA TYR C 187 -35.27 14.42 0.41
C TYR C 187 -35.50 12.94 0.61
N GLU C 188 -35.98 12.27 -0.41
CA GLU C 188 -36.32 10.84 -0.33
C GLU C 188 -35.32 9.87 -1.00
N GLY C 189 -34.43 10.39 -1.82
CA GLY C 189 -33.55 9.58 -2.65
C GLY C 189 -34.32 8.97 -3.82
N ASN C 190 -33.57 8.53 -4.85
CA ASN C 190 -34.10 7.82 -5.99
C ASN C 190 -32.99 6.91 -6.54
N GLU C 191 -33.18 5.62 -6.37
CA GLU C 191 -32.20 4.61 -6.75
C GLU C 191 -31.82 4.59 -8.22
N THR C 192 -32.69 5.13 -9.09
CA THR C 192 -32.43 5.11 -10.54
C THR C 192 -31.81 6.42 -10.98
N LEU C 193 -31.77 7.42 -10.10
CA LEU C 193 -31.29 8.76 -10.41
C LEU C 193 -30.29 9.28 -9.40
N ILE C 194 -29.20 8.53 -9.21
CA ILE C 194 -28.30 8.86 -8.12
C ILE C 194 -27.55 10.19 -8.34
N ASP C 195 -27.04 10.42 -9.55
CA ASP C 195 -26.36 11.69 -9.84
C ASP C 195 -27.33 12.89 -9.84
N TYR C 196 -28.48 12.74 -10.52
CA TYR C 196 -29.56 13.77 -10.52
C TYR C 196 -29.95 14.13 -9.09
N SER C 197 -30.16 13.10 -8.27
N SER C 197 -30.18 13.11 -8.25
CA SER C 197 -30.50 13.30 -6.87
CA SER C 197 -30.56 13.40 -6.88
C SER C 197 -29.43 14.10 -6.14
C SER C 197 -29.43 14.14 -6.14
N ALA C 198 -28.15 13.80 -6.40
CA ALA C 198 -27.04 14.52 -5.76
C ALA C 198 -27.09 15.97 -6.19
N THR C 199 -27.44 16.27 -7.43
CA THR C 199 -27.55 17.64 -7.88
C THR C 199 -28.66 18.40 -7.19
N LYS C 200 -29.76 17.70 -6.95
CA LYS C 200 -30.93 18.28 -6.32
C LYS C 200 -30.62 18.48 -4.82
N GLY C 201 -29.85 17.58 -4.20
CA GLY C 201 -29.39 17.83 -2.80
C GLY C 201 -28.46 19.06 -2.73
N ALA C 202 -27.63 19.24 -3.75
CA ALA C 202 -26.74 20.42 -3.90
C ALA C 202 -27.53 21.74 -3.93
N ILE C 203 -28.62 21.69 -4.66
CA ILE C 203 -29.55 22.83 -4.77
C ILE C 203 -30.16 23.15 -3.43
N VAL C 204 -30.59 22.13 -2.69
CA VAL C 204 -31.18 22.39 -1.38
C VAL C 204 -30.15 23.12 -0.45
N ALA C 205 -28.91 22.62 -0.35
CA ALA C 205 -27.91 23.26 0.49
C ALA C 205 -27.55 24.67 -0.02
N PHE C 206 -27.49 24.81 -1.35
CA PHE C 206 -27.22 26.06 -2.01
C PHE C 206 -28.30 27.07 -1.62
N THR C 207 -29.56 26.64 -1.62
CA THR C 207 -30.68 27.52 -1.26
C THR C 207 -30.53 27.96 0.19
N ARG C 208 -30.20 27.00 1.06
CA ARG C 208 -30.05 27.29 2.46
C ARG C 208 -28.92 28.27 2.71
N SER C 209 -27.75 27.99 2.17
CA SER C 209 -26.58 28.82 2.39
C SER C 209 -26.73 30.21 1.80
N LEU C 210 -27.19 30.28 0.56
CA LEU C 210 -27.37 31.58 -0.12
C LEU C 210 -28.41 32.44 0.59
N SER C 211 -29.45 31.80 1.11
CA SER C 211 -30.43 32.55 1.87
C SER C 211 -29.79 33.30 3.02
N GLN C 212 -28.88 32.67 3.73
CA GLN C 212 -28.28 33.29 4.88
C GLN C 212 -27.26 34.37 4.40
N SER C 213 -26.59 34.13 3.28
CA SER C 213 -25.67 35.08 2.72
C SER C 213 -26.33 36.37 2.25
N LEU C 214 -27.54 36.28 1.71
CA LEU C 214 -28.21 37.45 1.15
C LEU C 214 -29.28 38.11 2.01
N VAL C 215 -29.59 37.55 3.18
CA VAL C 215 -30.70 38.06 3.99
C VAL C 215 -30.48 39.52 4.42
N GLN C 216 -29.25 39.90 4.69
CA GLN C 216 -29.01 41.27 5.08
C GLN C 216 -29.12 42.26 3.90
N LYS C 217 -28.99 41.78 2.67
CA LYS C 217 -29.19 42.60 1.49
C LYS C 217 -30.67 42.67 1.07
N GLY C 218 -31.56 42.01 1.83
CA GLY C 218 -32.99 42.00 1.54
C GLY C 218 -33.39 41.17 0.35
N ILE C 219 -32.59 40.17 0.01
CA ILE C 219 -32.92 39.32 -1.12
C ILE C 219 -33.31 38.02 -0.50
N ARG C 220 -34.49 37.49 -0.83
CA ARG C 220 -34.94 36.20 -0.29
C ARG C 220 -34.57 35.06 -1.25
N VAL C 221 -34.34 33.86 -0.70
CA VAL C 221 -33.94 32.68 -1.49
C VAL C 221 -34.69 31.47 -0.95
N ASN C 222 -35.49 30.83 -1.77
CA ASN C 222 -36.31 29.70 -1.35
C ASN C 222 -36.36 28.74 -2.50
N GLY C 223 -36.96 27.58 -2.28
CA GLY C 223 -37.04 26.60 -3.33
C GLY C 223 -38.37 25.91 -3.37
N VAL C 224 -38.58 25.17 -4.44
CA VAL C 224 -39.74 24.30 -4.59
C VAL C 224 -39.24 22.89 -4.88
N ALA C 225 -39.84 21.90 -4.21
CA ALA C 225 -39.49 20.49 -4.39
C ALA C 225 -40.68 19.74 -4.98
N PRO C 226 -40.75 19.66 -6.32
CA PRO C 226 -41.85 18.94 -6.90
C PRO C 226 -41.72 17.45 -6.75
N GLY C 227 -42.84 16.76 -6.71
CA GLY C 227 -42.86 15.30 -6.81
C GLY C 227 -43.06 14.97 -8.28
N PRO C 228 -43.74 13.84 -8.59
CA PRO C 228 -43.86 13.43 -9.98
C PRO C 228 -44.83 14.33 -10.75
N ILE C 229 -44.30 15.05 -11.73
CA ILE C 229 -45.10 16.00 -12.49
C ILE C 229 -45.06 15.61 -13.94
N TRP C 230 -46.25 15.53 -14.55
CA TRP C 230 -46.37 15.21 -15.97
C TRP C 230 -45.74 16.33 -16.84
N THR C 231 -44.51 16.10 -17.33
CA THR C 231 -43.76 17.09 -18.12
C THR C 231 -42.90 16.39 -19.19
N PRO C 232 -42.35 17.17 -20.16
CA PRO C 232 -41.44 16.57 -21.17
C PRO C 232 -40.16 15.90 -20.62
N LEU C 233 -39.79 16.19 -19.38
CA LEU C 233 -38.60 15.56 -18.77
C LEU C 233 -38.86 14.06 -18.55
N ILE C 234 -40.14 13.73 -18.40
CA ILE C 234 -40.57 12.37 -18.08
C ILE C 234 -40.45 11.37 -19.25
N PRO C 235 -41.18 11.61 -20.36
CA PRO C 235 -40.97 10.64 -21.46
C PRO C 235 -39.60 10.75 -22.16
N SER C 236 -38.92 11.90 -22.03
CA SER C 236 -37.58 12.08 -22.65
C SER C 236 -36.46 11.39 -21.87
N SER C 237 -36.72 10.99 -20.62
CA SER C 237 -35.72 10.35 -19.76
C SER C 237 -36.06 8.91 -19.37
N PHE C 238 -37.29 8.69 -18.91
CA PHE C 238 -37.78 7.35 -18.51
C PHE C 238 -38.31 6.50 -19.67
N ASP C 239 -38.18 5.19 -19.52
CA ASP C 239 -38.69 4.23 -20.49
C ASP C 239 -40.22 4.25 -20.51
N GLU C 240 -40.76 3.65 -21.56
CA GLU C 240 -42.21 3.71 -21.80
C GLU C 240 -43.11 3.04 -20.74
N LYS C 241 -42.66 1.99 -20.03
CA LYS C 241 -43.55 1.40 -19.01
C LYS C 241 -43.44 2.12 -17.66
N LYS C 242 -42.34 2.84 -17.44
CA LYS C 242 -42.18 3.67 -16.25
C LYS C 242 -43.07 4.91 -16.45
N VAL C 243 -43.05 5.46 -17.67
CA VAL C 243 -43.90 6.60 -18.03
C VAL C 243 -45.38 6.30 -17.80
N SER C 244 -45.82 5.10 -18.21
CA SER C 244 -47.22 4.69 -18.05
C SER C 244 -47.65 4.49 -16.59
N GLN C 245 -46.69 4.28 -15.67
CA GLN C 245 -46.97 4.09 -14.24
C GLN C 245 -46.62 5.34 -13.42
N PHE C 246 -46.07 6.35 -14.09
CA PHE C 246 -45.64 7.62 -13.46
C PHE C 246 -46.66 8.24 -12.49
N GLY C 247 -46.21 8.60 -11.29
CA GLY C 247 -47.09 9.19 -10.28
C GLY C 247 -48.08 8.26 -9.57
N SER C 248 -48.05 6.96 -9.85
CA SER C 248 -48.94 6.01 -9.14
C SER C 248 -48.45 5.73 -7.69
N ASN C 249 -47.16 6.01 -7.45
CA ASN C 249 -46.47 5.81 -6.17
C ASN C 249 -46.76 6.83 -5.02
N VAL C 250 -47.52 7.88 -5.29
CA VAL C 250 -47.76 8.90 -4.27
C VAL C 250 -49.17 8.74 -3.67
N PRO C 251 -49.36 9.27 -2.46
CA PRO C 251 -50.66 9.08 -1.80
C PRO C 251 -51.87 9.61 -2.61
N MET C 252 -51.71 10.70 -3.36
CA MET C 252 -52.80 11.16 -4.23
C MET C 252 -53.01 10.23 -5.48
N GLN C 253 -52.12 9.25 -5.66
CA GLN C 253 -52.19 8.24 -6.73
C GLN C 253 -52.33 8.80 -8.12
N ARG C 254 -51.66 9.90 -8.37
CA ARG C 254 -51.68 10.50 -9.67
C ARG C 254 -50.48 11.41 -9.74
N PRO C 255 -49.95 11.63 -10.94
CA PRO C 255 -48.94 12.65 -11.03
C PRO C 255 -49.60 14.05 -10.94
N GLY C 256 -48.80 15.06 -10.65
CA GLY C 256 -49.31 16.40 -10.58
C GLY C 256 -49.30 16.98 -11.98
N GLN C 257 -50.09 18.03 -12.22
CA GLN C 257 -50.05 18.72 -13.50
C GLN C 257 -49.17 19.94 -13.26
N PRO C 258 -48.45 20.38 -14.31
CA PRO C 258 -47.61 21.56 -14.16
C PRO C 258 -48.30 22.77 -13.57
N TYR C 259 -49.57 22.99 -13.87
CA TYR C 259 -50.27 24.17 -13.32
C TYR C 259 -50.38 24.05 -11.80
N GLU C 260 -50.35 22.83 -11.25
CA GLU C 260 -50.41 22.69 -9.80
C GLU C 260 -49.14 23.15 -9.08
N LEU C 261 -48.08 23.41 -9.84
CA LEU C 261 -46.83 23.89 -9.26
C LEU C 261 -46.75 25.38 -9.26
N ALA C 262 -47.44 26.01 -10.20
CA ALA C 262 -47.25 27.44 -10.37
C ALA C 262 -47.56 28.32 -9.15
N PRO C 263 -48.67 28.04 -8.40
CA PRO C 263 -48.96 28.96 -7.27
C PRO C 263 -47.91 29.01 -6.17
N ALA C 264 -47.19 27.91 -5.97
CA ALA C 264 -46.07 27.85 -5.03
C ALA C 264 -44.99 28.86 -5.42
N TYR C 265 -44.72 28.95 -6.72
CA TYR C 265 -43.74 29.90 -7.21
C TYR C 265 -44.23 31.34 -7.04
N VAL C 266 -45.52 31.56 -7.31
CA VAL C 266 -46.14 32.88 -7.15
C VAL C 266 -46.02 33.27 -5.70
N TYR C 267 -46.30 32.36 -4.80
CA TYR C 267 -46.20 32.64 -3.39
C TYR C 267 -44.77 33.11 -3.00
N LEU C 268 -43.77 32.32 -3.43
CA LEU C 268 -42.39 32.59 -3.11
C LEU C 268 -41.80 33.82 -3.82
N ALA C 269 -42.32 34.14 -5.00
CA ALA C 269 -41.84 35.27 -5.78
C ALA C 269 -42.36 36.62 -5.30
N SER C 270 -43.58 36.62 -4.78
CA SER C 270 -44.25 37.87 -4.40
C SER C 270 -44.01 38.24 -2.97
N SER C 271 -44.49 39.42 -2.60
CA SER C 271 -44.33 39.91 -1.23
C SER C 271 -45.23 39.15 -0.26
N ASP C 272 -46.06 38.23 -0.76
CA ASP C 272 -46.86 37.36 0.06
C ASP C 272 -45.99 36.48 0.97
N SER C 273 -44.71 36.28 0.60
CA SER C 273 -43.79 35.47 1.39
C SER C 273 -42.60 36.31 1.95
N SER C 274 -42.87 37.57 2.25
CA SER C 274 -41.89 38.53 2.78
C SER C 274 -41.13 38.06 4.02
N TYR C 275 -41.68 37.12 4.79
CA TYR C 275 -41.01 36.65 5.99
C TYR C 275 -40.49 35.22 5.80
N VAL C 276 -40.31 34.81 4.55
CA VAL C 276 -39.89 33.46 4.22
C VAL C 276 -38.59 33.45 3.42
N THR C 277 -37.55 32.87 3.99
CA THR C 277 -36.30 32.69 3.25
C THR C 277 -35.61 31.45 3.74
N GLY C 278 -34.96 30.75 2.82
CA GLY C 278 -34.23 29.52 3.14
C GLY C 278 -35.09 28.27 3.16
N GLN C 279 -36.32 28.35 2.65
CA GLN C 279 -37.27 27.26 2.80
C GLN C 279 -37.56 26.55 1.50
N MET C 280 -38.26 25.43 1.64
CA MET C 280 -38.66 24.59 0.52
C MET C 280 -40.16 24.35 0.59
N ILE C 281 -40.88 24.55 -0.51
CA ILE C 281 -42.31 24.23 -0.56
C ILE C 281 -42.40 22.87 -1.31
N HIS C 282 -42.91 21.85 -0.64
CA HIS C 282 -43.06 20.52 -1.14
C HIS C 282 -44.43 20.27 -1.78
N VAL C 283 -44.43 20.09 -3.11
CA VAL C 283 -45.62 19.95 -3.91
C VAL C 283 -45.46 18.63 -4.60
N ASN C 284 -45.91 17.58 -3.94
CA ASN C 284 -45.60 16.20 -4.33
C ASN C 284 -46.68 15.15 -4.19
N GLY C 285 -47.93 15.51 -4.02
CA GLY C 285 -49.02 14.51 -3.97
C GLY C 285 -49.14 13.79 -2.64
N GLY C 286 -48.54 14.37 -1.61
CA GLY C 286 -48.68 13.87 -0.27
C GLY C 286 -47.57 13.04 0.32
N VAL C 287 -46.38 13.03 -0.30
CA VAL C 287 -45.28 12.24 0.22
C VAL C 287 -44.72 12.99 1.42
N ILE C 288 -44.68 12.34 2.55
CA ILE C 288 -44.17 12.97 3.77
C ILE C 288 -42.61 12.92 3.77
N VAL C 289 -41.96 14.07 3.93
CA VAL C 289 -40.49 14.18 3.84
C VAL C 289 -39.89 14.83 5.09
N ASN C 290 -40.54 14.64 6.22
CA ASN C 290 -40.15 15.25 7.46
C ASN C 290 -40.00 16.76 7.26
N GLY C 291 -40.83 17.33 6.40
CA GLY C 291 -40.81 18.78 6.15
C GLY C 291 -41.47 19.63 7.22
N ASN D 9 -28.25 39.45 21.00
CA ASN D 9 -29.66 39.92 21.05
C ASN D 9 -29.67 41.46 21.07
N PHE D 10 -30.78 42.04 20.62
CA PHE D 10 -30.94 43.50 20.59
C PHE D 10 -32.43 43.86 20.65
N VAL D 11 -32.75 45.14 20.84
CA VAL D 11 -34.14 45.60 20.99
C VAL D 11 -34.86 45.78 19.64
N THR D 12 -35.94 45.01 19.46
CA THR D 12 -36.78 45.05 18.29
C THR D 12 -38.14 45.73 18.54
N MET D 13 -38.68 45.60 19.78
CA MET D 13 -40.00 46.12 20.18
C MET D 13 -39.96 46.82 21.54
N PRO D 14 -41.02 47.61 21.90
CA PRO D 14 -41.03 48.23 23.24
C PRO D 14 -41.18 47.20 24.35
N ALA D 15 -40.54 47.46 25.48
CA ALA D 15 -40.64 46.60 26.66
C ALA D 15 -42.09 46.65 27.08
N GLN D 16 -42.74 45.49 27.18
CA GLN D 16 -44.15 45.46 27.59
C GLN D 16 -44.56 44.05 28.01
N HIS D 17 -45.65 43.98 28.75
CA HIS D 17 -46.13 42.72 29.27
C HIS D 17 -47.61 42.83 29.65
N GLN D 18 -48.35 41.73 29.53
CA GLN D 18 -49.78 41.71 29.92
C GLN D 18 -50.00 40.69 31.04
N ASN D 19 -50.88 41.07 31.98
CA ASN D 19 -51.27 40.26 33.16
C ASN D 19 -51.81 38.85 32.90
N LYS D 20 -52.73 38.74 31.94
CA LYS D 20 -53.36 37.45 31.63
C LYS D 20 -53.15 36.98 30.19
N GLN D 21 -53.40 35.68 30.01
CA GLN D 21 -53.30 34.99 28.73
C GLN D 21 -54.58 34.19 28.58
N PRO D 22 -55.17 34.14 27.37
CA PRO D 22 -54.73 34.77 26.11
C PRO D 22 -54.64 36.31 26.15
N GLY D 23 -53.67 36.85 25.43
CA GLY D 23 -53.42 38.29 25.40
C GLY D 23 -54.48 39.09 24.65
N ILE D 24 -54.46 40.40 24.87
CA ILE D 24 -55.39 41.35 24.22
C ILE D 24 -54.60 42.21 23.22
N GLU D 25 -55.00 42.13 21.95
CA GLU D 25 -54.29 42.82 20.87
C GLU D 25 -54.37 44.35 20.95
N SER D 26 -55.53 44.90 21.33
CA SER D 26 -55.71 46.37 21.43
C SER D 26 -54.81 47.02 22.48
N LEU D 27 -54.16 46.19 23.30
CA LEU D 27 -53.23 46.65 24.34
C LEU D 27 -51.78 46.77 23.84
N MET D 28 -51.49 46.15 22.70
CA MET D 28 -50.10 46.11 22.19
C MET D 28 -49.60 47.39 21.53
N ASN D 29 -48.31 47.66 21.69
CA ASN D 29 -47.63 48.81 21.06
C ASN D 29 -46.33 48.31 20.46
N PRO D 30 -46.16 48.41 19.12
CA PRO D 30 -47.12 48.86 18.12
C PRO D 30 -48.18 47.79 17.89
N LEU D 31 -49.35 48.21 17.41
CA LEU D 31 -50.39 47.26 17.12
C LEU D 31 -49.83 46.34 16.03
N PRO D 32 -50.04 45.05 16.21
CA PRO D 32 -49.60 44.17 15.13
C PRO D 32 -50.25 44.65 13.82
N GLN D 33 -49.57 44.46 12.70
CA GLN D 33 -50.17 44.79 11.41
C GLN D 33 -50.80 43.48 10.97
N PHE D 34 -52.13 43.45 10.89
CA PHE D 34 -52.87 42.21 10.52
C PHE D 34 -53.37 42.16 9.09
N GLU D 35 -53.21 43.26 8.38
CA GLU D 35 -53.63 43.37 7.03
C GLU D 35 -52.59 44.06 6.15
N ASP D 36 -52.42 43.58 4.92
CA ASP D 36 -51.57 44.26 3.96
C ASP D 36 -52.54 45.01 3.07
N PRO D 37 -52.53 46.35 3.11
CA PRO D 37 -53.50 47.05 2.30
C PRO D 37 -53.30 46.81 0.79
N ASN D 38 -52.12 46.35 0.39
CA ASN D 38 -51.87 46.06 -1.02
C ASN D 38 -52.35 44.66 -1.43
N TYR D 39 -52.70 43.83 -0.47
CA TYR D 39 -53.20 42.48 -0.78
C TYR D 39 -54.55 42.57 -1.48
N LYS D 40 -54.67 41.96 -2.64
CA LYS D 40 -55.93 41.96 -3.39
C LYS D 40 -56.45 40.55 -3.43
N GLY D 41 -57.71 40.35 -3.05
CA GLY D 41 -58.33 39.06 -3.15
C GLY D 41 -58.66 38.70 -4.58
N SER D 42 -58.76 37.40 -4.87
CA SER D 42 -59.07 36.95 -6.22
C SER D 42 -59.95 35.70 -6.20
N GLU D 43 -60.87 35.68 -5.26
CA GLU D 43 -61.79 34.55 -5.12
C GLU D 43 -61.13 33.21 -4.95
N LYS D 44 -60.02 33.14 -4.21
CA LYS D 44 -59.33 31.85 -4.07
C LYS D 44 -60.11 30.90 -3.18
N LEU D 45 -61.06 31.44 -2.39
CA LEU D 45 -61.90 30.64 -1.51
C LEU D 45 -63.40 30.89 -1.82
N LYS D 46 -63.68 31.07 -3.11
CA LYS D 46 -65.02 31.30 -3.63
C LYS D 46 -65.96 30.26 -3.06
N GLY D 47 -67.01 30.71 -2.41
CA GLY D 47 -68.03 29.84 -1.87
C GLY D 47 -67.61 28.94 -0.72
N LYS D 48 -66.55 29.27 -0.02
CA LYS D 48 -66.14 28.39 1.08
C LYS D 48 -66.54 28.94 2.43
N ASN D 49 -66.79 28.02 3.36
CA ASN D 49 -67.07 28.31 4.76
C ASN D 49 -65.92 27.76 5.60
N VAL D 50 -65.37 28.61 6.44
CA VAL D 50 -64.20 28.28 7.23
C VAL D 50 -64.53 28.35 8.70
N LEU D 51 -63.89 27.48 9.49
CA LEU D 51 -63.95 27.60 10.94
C LEU D 51 -62.50 27.78 11.35
N ILE D 52 -62.22 28.86 12.06
N ILE D 52 -62.17 28.87 12.02
CA ILE D 52 -60.89 29.18 12.53
CA ILE D 52 -60.81 29.08 12.49
C ILE D 52 -60.90 29.21 14.06
C ILE D 52 -60.82 29.25 14.02
N THR D 53 -60.07 28.39 14.71
CA THR D 53 -59.95 28.43 16.15
C THR D 53 -58.82 29.40 16.48
N GLY D 54 -59.08 30.32 17.38
CA GLY D 54 -58.09 31.34 17.72
C GLY D 54 -58.05 32.39 16.63
N GLY D 55 -59.15 32.55 15.89
CA GLY D 55 -59.20 33.52 14.78
C GLY D 55 -59.48 34.96 15.15
N ASP D 56 -59.44 35.28 16.44
CA ASP D 56 -59.85 36.61 16.91
C ASP D 56 -58.76 37.67 16.95
N SER D 57 -57.52 37.19 17.04
CA SER D 57 -56.37 38.05 17.14
C SER D 57 -55.14 37.37 16.53
N GLY D 58 -54.02 38.07 16.62
CA GLY D 58 -52.73 37.58 16.16
C GLY D 58 -52.79 37.04 14.76
N ILE D 59 -52.17 35.90 14.56
CA ILE D 59 -52.14 35.27 13.26
C ILE D 59 -53.55 34.94 12.80
N GLY D 60 -54.37 34.43 13.70
CA GLY D 60 -55.77 34.03 13.40
C GLY D 60 -56.65 35.15 12.85
N ARG D 61 -56.51 36.33 13.41
CA ARG D 61 -57.18 37.52 12.86
C ARG D 61 -56.71 37.80 11.42
N ALA D 62 -55.39 37.84 11.20
CA ALA D 62 -54.84 38.09 9.85
C ALA D 62 -55.39 37.08 8.87
N VAL D 63 -55.44 35.82 9.26
CA VAL D 63 -55.94 34.75 8.39
C VAL D 63 -57.45 34.93 8.11
N SER D 64 -58.21 35.27 9.15
CA SER D 64 -59.63 35.53 9.00
C SER D 64 -59.90 36.57 7.96
N ILE D 65 -59.17 37.68 8.04
CA ILE D 65 -59.39 38.81 7.11
C ILE D 65 -59.00 38.46 5.66
N ALA D 66 -57.86 37.79 5.49
CA ALA D 66 -57.41 37.39 4.17
C ALA D 66 -58.38 36.40 3.57
N PHE D 67 -58.83 35.43 4.37
CA PHE D 67 -59.82 34.46 3.91
C PHE D 67 -61.11 35.18 3.45
N ALA D 68 -61.53 36.18 4.21
CA ALA D 68 -62.72 36.98 3.83
C ALA D 68 -62.50 37.67 2.47
N LYS D 69 -61.32 38.25 2.29
CA LYS D 69 -61.00 38.90 1.01
C LYS D 69 -61.01 37.93 -0.19
N GLU D 70 -60.76 36.64 0.09
CA GLU D 70 -60.78 35.61 -0.95
C GLU D 70 -62.15 35.00 -1.14
N GLY D 71 -63.15 35.52 -0.42
CA GLY D 71 -64.53 35.11 -0.64
C GLY D 71 -65.14 34.17 0.35
N ALA D 72 -64.40 33.82 1.42
CA ALA D 72 -64.91 32.88 2.43
C ALA D 72 -65.71 33.51 3.55
N ASN D 73 -66.77 32.82 3.95
CA ASN D 73 -67.48 33.17 5.18
C ASN D 73 -66.66 32.53 6.32
N ILE D 74 -66.53 33.25 7.43
CA ILE D 74 -65.68 32.85 8.53
C ILE D 74 -66.38 32.72 9.89
N ALA D 75 -66.25 31.54 10.50
CA ALA D 75 -66.71 31.33 11.86
C ALA D 75 -65.41 31.33 12.68
N ILE D 76 -65.40 32.16 13.72
CA ILE D 76 -64.23 32.35 14.55
C ILE D 76 -64.50 31.85 15.96
N ALA D 77 -63.79 30.80 16.36
CA ALA D 77 -63.89 30.29 17.72
C ALA D 77 -62.75 30.95 18.49
N TYR D 78 -63.03 31.36 19.73
CA TYR D 78 -62.03 32.03 20.59
C TYR D 78 -62.44 31.84 22.04
N LEU D 79 -61.56 32.19 22.98
CA LEU D 79 -61.87 32.01 24.40
C LEU D 79 -62.85 33.04 24.98
N ASP D 80 -62.39 34.27 25.19
CA ASP D 80 -63.25 35.31 25.78
C ASP D 80 -62.85 36.73 25.45
N GLU D 81 -62.04 36.91 24.41
CA GLU D 81 -61.55 38.26 24.08
C GLU D 81 -62.59 38.92 23.18
N GLU D 82 -63.69 39.35 23.80
CA GLU D 82 -64.84 39.88 23.07
C GLU D 82 -64.50 41.09 22.23
N GLY D 83 -63.69 41.97 22.81
CA GLY D 83 -63.24 43.19 22.10
C GLY D 83 -62.50 42.82 20.82
N ASP D 84 -61.49 41.98 20.95
CA ASP D 84 -60.69 41.55 19.80
C ASP D 84 -61.55 40.84 18.76
N ALA D 85 -62.40 39.93 19.22
CA ALA D 85 -63.29 39.16 18.36
C ALA D 85 -64.24 40.03 17.56
N ASN D 86 -64.81 41.04 18.22
CA ASN D 86 -65.74 41.96 17.58
C ASN D 86 -65.07 42.87 16.57
N GLU D 87 -63.86 43.33 16.90
CA GLU D 87 -63.08 44.12 15.97
C GLU D 87 -62.77 43.27 14.72
N THR D 88 -62.46 42.00 14.93
CA THR D 88 -62.14 41.09 13.83
C THR D 88 -63.38 40.82 12.95
N LYS D 89 -64.52 40.59 13.59
CA LYS D 89 -65.78 40.42 12.88
C LYS D 89 -66.03 41.62 11.96
N GLN D 90 -65.76 42.82 12.46
N GLN D 90 -65.76 42.83 12.45
CA GLN D 90 -65.95 44.06 11.70
CA GLN D 90 -65.98 44.04 11.64
C GLN D 90 -65.09 44.09 10.43
C GLN D 90 -65.09 44.08 10.40
N TYR D 91 -63.83 43.67 10.56
CA TYR D 91 -62.90 43.64 9.42
C TYR D 91 -63.36 42.61 8.39
N VAL D 92 -63.81 41.46 8.87
CA VAL D 92 -64.25 40.40 8.00
C VAL D 92 -65.49 40.80 7.16
N GLU D 93 -66.53 41.26 7.85
CA GLU D 93 -67.80 41.64 7.20
C GLU D 93 -67.61 42.79 6.23
N LYS D 94 -66.62 43.64 6.51
CA LYS D 94 -66.30 44.77 5.64
C LYS D 94 -65.90 44.29 4.24
N GLU D 95 -65.44 43.04 4.14
CA GLU D 95 -65.05 42.43 2.86
C GLU D 95 -66.23 41.76 2.14
N GLY D 96 -67.45 41.93 2.64
CA GLY D 96 -68.62 41.36 1.98
C GLY D 96 -68.85 39.87 2.19
N VAL D 97 -68.55 39.37 3.38
CA VAL D 97 -68.80 37.98 3.73
C VAL D 97 -69.45 37.91 5.12
N LYS D 98 -69.97 36.74 5.49
CA LYS D 98 -70.57 36.54 6.82
C LYS D 98 -69.48 36.20 7.80
N CYS D 99 -69.69 36.57 9.05
CA CYS D 99 -68.77 36.27 10.15
C CYS D 99 -69.58 35.83 11.34
N VAL D 100 -69.26 34.67 11.90
CA VAL D 100 -69.93 34.11 13.08
C VAL D 100 -68.93 34.01 14.24
N LEU D 101 -69.30 34.54 15.41
CA LEU D 101 -68.39 34.53 16.58
C LEU D 101 -68.82 33.39 17.50
N LEU D 102 -67.85 32.58 17.92
CA LEU D 102 -68.12 31.41 18.76
C LEU D 102 -67.24 31.38 19.99
N PRO D 103 -67.65 32.12 21.04
CA PRO D 103 -66.83 32.16 22.23
C PRO D 103 -66.91 30.86 23.01
N GLY D 104 -65.93 30.62 23.89
CA GLY D 104 -65.96 29.44 24.73
C GLY D 104 -64.64 28.70 24.84
N ASP D 105 -64.60 27.80 25.81
CA ASP D 105 -63.37 27.10 26.16
C ASP D 105 -63.15 25.81 25.41
N LEU D 106 -62.18 25.82 24.51
CA LEU D 106 -61.88 24.67 23.68
C LEU D 106 -61.07 23.58 24.36
N SER D 107 -60.77 23.72 25.64
CA SER D 107 -60.12 22.64 26.38
C SER D 107 -61.20 21.62 26.80
N ASP D 108 -62.47 21.96 26.55
CA ASP D 108 -63.60 21.07 26.85
C ASP D 108 -64.02 20.38 25.56
N GLU D 109 -63.98 19.04 25.54
CA GLU D 109 -64.38 18.24 24.35
C GLU D 109 -65.74 18.63 23.76
N GLN D 110 -66.79 18.64 24.59
CA GLN D 110 -68.14 18.96 24.12
C GLN D 110 -68.20 20.35 23.42
N HIS D 111 -67.50 21.34 23.97
CA HIS D 111 -67.47 22.63 23.33
C HIS D 111 -66.80 22.54 21.95
N CYS D 112 -65.74 21.73 21.83
CA CYS D 112 -65.08 21.50 20.54
C CYS D 112 -66.12 20.98 19.56
N LYS D 113 -66.97 20.05 19.99
CA LYS D 113 -68.01 19.55 19.12
C LYS D 113 -69.04 20.65 18.80
N ASP D 114 -69.45 21.41 19.80
CA ASP D 114 -70.47 22.44 19.59
C ASP D 114 -70.06 23.51 18.57
N ILE D 115 -68.80 23.98 18.58
CA ILE D 115 -68.40 25.02 17.62
C ILE D 115 -68.56 24.58 16.15
N VAL D 116 -68.36 23.29 15.90
CA VAL D 116 -68.52 22.71 14.55
C VAL D 116 -70.00 22.69 14.21
N GLN D 117 -70.81 22.24 15.16
CA GLN D 117 -72.23 22.13 14.94
C GLN D 117 -72.83 23.51 14.68
N GLU D 118 -72.36 24.49 15.46
CA GLU D 118 -72.87 25.83 15.33
C GLU D 118 -72.44 26.49 13.99
N THR D 119 -71.21 26.22 13.57
CA THR D 119 -70.71 26.70 12.29
C THR D 119 -71.57 26.22 11.12
N VAL D 120 -71.87 24.93 11.09
CA VAL D 120 -72.70 24.36 10.03
C VAL D 120 -74.12 24.92 10.10
N ARG D 121 -74.65 25.03 11.32
N ARG D 121 -74.65 25.02 11.32
CA ARG D 121 -75.98 25.56 11.51
CA ARG D 121 -75.98 25.55 11.53
C ARG D 121 -76.12 26.96 10.95
C ARG D 121 -76.14 26.97 11.01
N GLN D 122 -75.18 27.84 11.31
CA GLN D 122 -75.23 29.20 10.88
C GLN D 122 -74.72 29.46 9.49
N LEU D 123 -73.65 28.78 9.06
CA LEU D 123 -73.11 29.04 7.72
C LEU D 123 -73.69 28.09 6.66
N GLY D 124 -74.16 26.92 7.07
CA GLY D 124 -74.80 25.98 6.16
C GLY D 124 -73.94 24.76 5.89
N SER D 125 -72.63 24.91 6.01
CA SER D 125 -71.67 23.84 5.74
C SER D 125 -70.31 24.23 6.25
N LEU D 126 -69.37 23.29 6.18
CA LEU D 126 -67.97 23.52 6.55
C LEU D 126 -67.05 22.96 5.43
N ASN D 127 -66.12 23.78 4.97
CA ASN D 127 -65.17 23.39 3.92
C ASN D 127 -63.71 23.39 4.34
N ILE D 128 -63.38 24.35 5.18
CA ILE D 128 -62.00 24.56 5.63
C ILE D 128 -61.95 24.76 7.14
N LEU D 129 -61.15 23.94 7.79
CA LEU D 129 -60.90 24.03 9.21
C LEU D 129 -59.51 24.48 9.45
N VAL D 130 -59.36 25.54 10.24
CA VAL D 130 -58.02 25.99 10.63
C VAL D 130 -57.90 25.90 12.15
N ASN D 131 -57.12 24.93 12.62
CA ASN D 131 -56.84 24.70 14.03
C ASN D 131 -55.69 25.60 14.39
N ASN D 132 -55.94 26.58 15.25
CA ASN D 132 -54.95 27.56 15.48
C ASN D 132 -54.81 28.03 16.94
N VAL D 133 -55.69 27.58 17.82
CA VAL D 133 -55.59 27.97 19.23
C VAL D 133 -54.32 27.48 19.91
N ALA D 134 -53.81 28.28 20.84
CA ALA D 134 -52.67 27.86 21.70
C ALA D 134 -52.57 28.69 22.93
N GLN D 135 -51.90 28.12 23.93
CA GLN D 135 -51.44 28.86 25.10
C GLN D 135 -50.01 28.42 25.35
N GLN D 136 -49.19 29.29 25.94
CA GLN D 136 -47.84 28.92 26.27
C GLN D 136 -47.44 29.53 27.61
N TYR D 137 -46.73 28.74 28.41
CA TYR D 137 -46.29 29.14 29.73
C TYR D 137 -44.81 28.88 29.90
N PRO D 138 -43.97 29.89 29.59
CA PRO D 138 -42.53 29.70 29.68
C PRO D 138 -42.05 29.39 31.10
N GLN D 139 -41.07 28.51 31.23
CA GLN D 139 -40.47 28.19 32.53
C GLN D 139 -38.96 28.00 32.33
N GLN D 140 -38.16 28.27 33.34
CA GLN D 140 -36.72 28.19 33.20
C GLN D 140 -36.21 26.75 33.03
N GLY D 141 -37.03 25.78 33.37
CA GLY D 141 -36.63 24.42 33.18
C GLY D 141 -37.79 23.50 33.47
N LEU D 142 -37.53 22.23 33.20
CA LEU D 142 -38.49 21.14 33.37
C LEU D 142 -39.01 21.01 34.80
N GLU D 143 -38.15 21.26 35.80
N GLU D 143 -38.14 21.26 35.78
CA GLU D 143 -38.58 21.14 37.19
CA GLU D 143 -38.51 21.19 37.20
C GLU D 143 -39.62 22.20 37.59
C GLU D 143 -39.56 22.24 37.62
N TYR D 144 -39.77 23.26 36.77
CA TYR D 144 -40.75 24.32 36.98
C TYR D 144 -42.09 24.12 36.24
N ILE D 145 -42.26 22.96 35.60
CA ILE D 145 -43.49 22.60 34.89
C ILE D 145 -44.26 21.62 35.75
N THR D 146 -45.37 22.10 36.30
CA THR D 146 -46.22 21.30 37.13
C THR D 146 -47.07 20.44 36.20
N ALA D 147 -47.61 19.35 36.75
CA ALA D 147 -48.53 18.45 36.03
C ALA D 147 -49.74 19.24 35.54
N GLU D 148 -50.21 20.17 36.38
N GLU D 148 -50.23 20.16 36.37
CA GLU D 148 -51.36 21.01 36.04
CA GLU D 148 -51.37 20.99 35.99
C GLU D 148 -51.06 21.79 34.74
C GLU D 148 -51.06 21.78 34.72
N GLN D 149 -49.89 22.43 34.69
CA GLN D 149 -49.47 23.18 33.51
C GLN D 149 -49.30 22.30 32.29
N LEU D 150 -48.67 21.13 32.48
CA LEU D 150 -48.45 20.19 31.38
C LEU D 150 -49.80 19.79 30.74
N GLU D 151 -50.76 19.40 31.57
CA GLU D 151 -52.03 18.93 31.06
C GLU D 151 -52.82 20.06 30.43
N LYS D 152 -52.85 21.22 31.06
CA LYS D 152 -53.56 22.37 30.51
C LYS D 152 -53.01 22.75 29.13
N THR D 153 -51.68 22.76 28.99
CA THR D 153 -51.00 23.09 27.74
C THR D 153 -51.35 22.06 26.67
N PHE D 154 -51.36 20.78 26.99
CA PHE D 154 -51.77 19.76 26.00
C PHE D 154 -53.26 19.78 25.64
N ARG D 155 -54.10 19.98 26.63
CA ARG D 155 -55.53 19.93 26.40
C ARG D 155 -55.95 20.99 25.41
N ILE D 156 -55.42 22.20 25.50
CA ILE D 156 -55.78 23.24 24.56
C ILE D 156 -54.98 23.21 23.23
N ASN D 157 -53.67 22.96 23.33
CA ASN D 157 -52.81 23.01 22.14
C ASN D 157 -52.92 21.83 21.18
N ILE D 158 -53.19 20.64 21.68
CA ILE D 158 -53.30 19.47 20.80
C ILE D 158 -54.59 18.68 20.96
N PHE D 159 -55.11 18.48 22.17
CA PHE D 159 -56.37 17.70 22.26
C PHE D 159 -57.52 18.41 21.54
N SER D 160 -57.53 19.75 21.60
CA SER D 160 -58.58 20.55 20.94
C SER D 160 -58.51 20.36 19.44
N TYR D 161 -57.30 20.25 18.89
CA TYR D 161 -57.11 19.98 17.47
C TYR D 161 -57.70 18.59 17.14
N PHE D 162 -57.50 17.59 18.00
CA PHE D 162 -58.16 16.30 17.81
C PHE D 162 -59.69 16.38 17.83
N HIS D 163 -60.26 16.97 18.87
CA HIS D 163 -61.70 17.00 19.04
C HIS D 163 -62.45 17.83 18.00
N VAL D 164 -61.92 19.01 17.66
CA VAL D 164 -62.56 19.88 16.67
C VAL D 164 -62.50 19.21 15.32
N THR D 165 -61.31 18.67 14.96
CA THR D 165 -61.14 18.03 13.65
C THR D 165 -62.02 16.81 13.54
N LYS D 166 -62.04 16.01 14.58
CA LYS D 166 -62.85 14.81 14.64
C LYS D 166 -64.31 15.12 14.39
N ALA D 167 -64.84 16.14 15.07
CA ALA D 167 -66.22 16.58 14.89
C ALA D 167 -66.44 17.12 13.48
N ALA D 168 -65.42 17.73 12.89
CA ALA D 168 -65.53 18.32 11.53
C ALA D 168 -65.62 17.29 10.41
N LEU D 169 -65.07 16.10 10.64
CA LEU D 169 -65.03 15.01 9.65
C LEU D 169 -66.37 14.62 9.04
N SER D 170 -67.45 14.55 9.82
CA SER D 170 -68.76 14.23 9.25
C SER D 170 -69.25 15.32 8.30
N HIS D 171 -68.61 16.49 8.32
CA HIS D 171 -69.04 17.59 7.47
C HIS D 171 -68.13 17.84 6.26
N LEU D 172 -66.93 17.28 6.27
CA LEU D 172 -65.95 17.44 5.22
C LEU D 172 -66.09 16.37 4.14
N LYS D 173 -65.83 16.81 2.91
CA LYS D 173 -66.01 16.02 1.69
C LYS D 173 -64.83 16.28 0.77
N GLN D 174 -64.82 15.64 -0.40
N GLN D 174 -64.81 15.64 -0.39
CA GLN D 174 -63.76 15.84 -1.38
CA GLN D 174 -63.77 15.86 -1.38
C GLN D 174 -63.61 17.32 -1.69
C GLN D 174 -63.62 17.33 -1.67
N GLY D 175 -62.39 17.82 -1.68
CA GLY D 175 -62.14 19.22 -1.96
C GLY D 175 -62.03 20.06 -0.71
N ASP D 176 -62.42 19.52 0.42
CA ASP D 176 -62.26 20.25 1.67
C ASP D 176 -60.81 20.17 2.20
N VAL D 177 -60.51 21.05 3.15
CA VAL D 177 -59.14 21.28 3.62
C VAL D 177 -59.00 21.57 5.13
N ILE D 178 -57.95 21.00 5.72
CA ILE D 178 -57.58 21.24 7.12
C ILE D 178 -56.18 21.85 7.14
N ILE D 179 -56.02 22.88 7.97
CA ILE D 179 -54.73 23.53 8.21
C ILE D 179 -54.54 23.62 9.73
N ASN D 180 -53.36 23.19 10.18
CA ASN D 180 -52.98 23.19 11.56
C ASN D 180 -51.79 24.12 11.80
N THR D 181 -51.90 25.03 12.77
CA THR D 181 -50.81 25.91 13.10
C THR D 181 -49.88 25.18 14.04
N ALA D 182 -48.65 24.92 13.62
CA ALA D 182 -47.64 24.30 14.48
C ALA D 182 -46.72 25.43 14.97
N SER D 183 -45.39 25.25 14.90
CA SER D 183 -44.43 26.27 15.29
C SER D 183 -42.99 25.89 14.93
N ILE D 184 -42.15 26.88 14.74
CA ILE D 184 -40.74 26.58 14.53
C ILE D 184 -40.17 25.72 15.68
N VAL D 185 -40.70 25.90 16.89
CA VAL D 185 -40.17 25.17 18.06
C VAL D 185 -40.32 23.65 17.98
N ALA D 186 -41.22 23.13 17.15
CA ALA D 186 -41.30 21.68 16.97
C ALA D 186 -40.07 21.19 16.22
N TYR D 187 -39.45 22.07 15.43
CA TYR D 187 -38.31 21.72 14.59
C TYR D 187 -36.98 22.03 15.23
N GLU D 188 -36.92 23.17 15.91
CA GLU D 188 -35.70 23.69 16.51
C GLU D 188 -35.57 23.47 18.00
N GLY D 189 -36.68 23.18 18.66
CA GLY D 189 -36.73 23.07 20.11
C GLY D 189 -36.74 24.46 20.75
N ASN D 190 -37.20 24.54 22.00
CA ASN D 190 -37.10 25.78 22.76
C ASN D 190 -36.99 25.45 24.27
N GLU D 191 -35.80 25.69 24.83
CA GLU D 191 -35.48 25.38 26.23
C GLU D 191 -36.36 26.02 27.30
N THR D 192 -37.11 27.06 26.97
CA THR D 192 -38.00 27.69 28.00
C THR D 192 -39.45 27.30 27.76
N LEU D 193 -39.68 26.52 26.72
CA LEU D 193 -41.02 26.09 26.35
C LEU D 193 -41.06 24.63 26.02
N ILE D 194 -40.57 23.81 26.95
CA ILE D 194 -40.42 22.38 26.73
C ILE D 194 -41.79 21.73 26.50
N ASP D 195 -42.78 22.04 27.34
CA ASP D 195 -44.12 21.47 27.16
C ASP D 195 -44.83 22.01 25.93
N TYR D 196 -44.79 23.33 25.73
CA TYR D 196 -45.35 23.94 24.53
C TYR D 196 -44.75 23.29 23.27
N SER D 197 -43.42 23.18 23.24
N SER D 197 -43.41 23.18 23.23
CA SER D 197 -42.72 22.59 22.09
CA SER D 197 -42.75 22.60 22.05
C SER D 197 -43.20 21.19 21.81
C SER D 197 -43.22 21.18 21.79
N ALA D 198 -43.40 20.40 22.86
CA ALA D 198 -43.89 19.04 22.73
C ALA D 198 -45.32 19.02 22.11
N THR D 199 -46.17 20.00 22.47
CA THR D 199 -47.52 20.06 21.87
C THR D 199 -47.42 20.39 20.38
N LYS D 200 -46.45 21.23 20.04
CA LYS D 200 -46.22 21.62 18.66
C LYS D 200 -45.66 20.43 17.86
N GLY D 201 -44.78 19.65 18.45
CA GLY D 201 -44.29 18.41 17.79
C GLY D 201 -45.44 17.45 17.56
N ALA D 202 -46.33 17.34 18.54
CA ALA D 202 -47.50 16.49 18.38
C ALA D 202 -48.34 16.96 17.21
N ILE D 203 -48.46 18.29 17.01
CA ILE D 203 -49.22 18.85 15.88
C ILE D 203 -48.61 18.48 14.53
N VAL D 204 -47.29 18.55 14.45
CA VAL D 204 -46.59 18.17 13.22
C VAL D 204 -46.87 16.70 12.87
N ALA D 205 -46.79 15.79 13.85
CA ALA D 205 -47.06 14.37 13.61
C ALA D 205 -48.53 14.11 13.30
N PHE D 206 -49.41 14.85 14.00
CA PHE D 206 -50.88 14.78 13.74
C PHE D 206 -51.17 15.13 12.28
N THR D 207 -50.55 16.17 11.80
CA THR D 207 -50.74 16.65 10.44
C THR D 207 -50.27 15.63 9.43
N ARG D 208 -49.10 15.06 9.68
CA ARG D 208 -48.56 14.05 8.79
C ARG D 208 -49.49 12.83 8.70
N SER D 209 -49.85 12.27 9.84
CA SER D 209 -50.70 11.06 9.89
C SER D 209 -52.11 11.28 9.36
N LEU D 210 -52.72 12.37 9.76
CA LEU D 210 -54.04 12.72 9.31
C LEU D 210 -54.02 12.96 7.79
N SER D 211 -52.95 13.57 7.24
CA SER D 211 -52.93 13.74 5.79
C SER D 211 -53.07 12.40 5.10
N GLN D 212 -52.38 11.39 5.62
N GLN D 212 -52.34 11.40 5.61
CA GLN D 212 -52.40 10.07 4.98
CA GLN D 212 -52.38 10.05 5.03
C GLN D 212 -53.75 9.37 5.19
C GLN D 212 -53.74 9.38 5.20
N SER D 213 -54.36 9.56 6.36
CA SER D 213 -55.67 8.98 6.63
C SER D 213 -56.81 9.50 5.69
N LEU D 214 -56.75 10.78 5.34
CA LEU D 214 -57.83 11.45 4.60
C LEU D 214 -57.59 11.63 3.12
N VAL D 215 -56.39 11.29 2.64
CA VAL D 215 -56.10 11.52 1.24
C VAL D 215 -57.05 10.82 0.28
N GLN D 216 -57.53 9.64 0.60
CA GLN D 216 -58.47 8.98 -0.28
C GLN D 216 -59.90 9.58 -0.20
N LYS D 217 -60.19 10.31 0.87
CA LYS D 217 -61.45 11.07 0.96
C LYS D 217 -61.36 12.44 0.21
N GLY D 218 -60.16 12.79 -0.27
CA GLY D 218 -59.98 14.04 -1.01
C GLY D 218 -59.94 15.24 -0.09
N ILE D 219 -59.47 15.05 1.12
CA ILE D 219 -59.35 16.14 2.05
C ILE D 219 -57.85 16.33 2.30
N ARG D 220 -57.30 17.54 2.09
CA ARG D 220 -55.87 17.78 2.31
C ARG D 220 -55.66 18.36 3.71
N VAL D 221 -54.49 18.05 4.30
CA VAL D 221 -54.16 18.42 5.65
C VAL D 221 -52.73 18.88 5.63
N ASN D 222 -52.51 20.15 6.00
CA ASN D 222 -51.17 20.73 6.00
C ASN D 222 -51.01 21.61 7.21
N GLY D 223 -49.82 22.14 7.38
CA GLY D 223 -49.56 23.02 8.51
C GLY D 223 -48.73 24.24 8.18
N VAL D 224 -48.77 25.24 9.08
CA VAL D 224 -47.93 26.42 8.99
C VAL D 224 -47.13 26.40 10.27
N ALA D 225 -45.82 26.66 10.14
CA ALA D 225 -44.90 26.68 11.27
C ALA D 225 -44.35 28.11 11.40
N PRO D 226 -45.02 28.94 12.20
CA PRO D 226 -44.45 30.29 12.30
C PRO D 226 -43.20 30.39 13.17
N GLY D 227 -42.39 31.38 12.91
CA GLY D 227 -41.29 31.76 13.77
C GLY D 227 -41.86 32.86 14.66
N PRO D 228 -41.01 33.78 15.17
CA PRO D 228 -41.51 34.81 16.08
C PRO D 228 -42.38 35.88 15.43
N ILE D 229 -43.69 35.83 15.72
CA ILE D 229 -44.65 36.76 15.13
C ILE D 229 -45.18 37.68 16.20
N TRP D 230 -45.30 38.97 15.88
CA TRP D 230 -45.76 39.97 16.84
C TRP D 230 -47.28 39.81 17.01
N THR D 231 -47.69 39.13 18.10
CA THR D 231 -49.12 38.82 18.39
C THR D 231 -49.36 38.85 19.92
N PRO D 232 -50.63 38.87 20.38
CA PRO D 232 -50.89 38.94 21.85
C PRO D 232 -50.35 37.78 22.71
N LEU D 233 -49.96 36.68 22.06
CA LEU D 233 -49.41 35.53 22.77
C LEU D 233 -48.06 35.86 23.42
N ILE D 234 -47.32 36.77 22.77
CA ILE D 234 -45.96 37.16 23.19
C ILE D 234 -45.93 38.05 24.48
N PRO D 235 -46.54 39.26 24.45
CA PRO D 235 -46.56 40.07 25.68
C PRO D 235 -47.26 39.41 26.89
N SER D 236 -48.20 38.49 26.62
CA SER D 236 -48.93 37.82 27.69
C SER D 236 -48.21 36.57 28.25
N SER D 237 -47.25 36.02 27.51
CA SER D 237 -46.48 34.84 27.98
C SER D 237 -45.05 35.20 28.43
N PHE D 238 -44.38 36.12 27.73
CA PHE D 238 -43.02 36.56 28.12
C PHE D 238 -42.91 37.87 28.93
N ASP D 239 -41.79 37.98 29.64
CA ASP D 239 -41.43 39.17 30.45
C ASP D 239 -41.04 40.33 29.53
N GLU D 240 -41.01 41.54 30.09
CA GLU D 240 -40.75 42.75 29.30
C GLU D 240 -39.49 42.80 28.45
N LYS D 241 -38.34 42.44 29.01
CA LYS D 241 -37.08 42.51 28.26
C LYS D 241 -37.05 41.49 27.14
N LYS D 242 -37.55 40.30 27.42
CA LYS D 242 -37.68 39.24 26.42
C LYS D 242 -38.52 39.76 25.25
N VAL D 243 -39.71 40.30 25.57
CA VAL D 243 -40.59 40.93 24.58
C VAL D 243 -39.81 42.02 23.79
N SER D 244 -39.06 42.85 24.52
CA SER D 244 -38.27 43.93 23.90
C SER D 244 -37.26 43.45 22.84
N GLN D 245 -36.79 42.20 22.97
CA GLN D 245 -35.80 41.62 22.03
C GLN D 245 -36.38 40.62 21.06
N PHE D 246 -37.71 40.49 21.11
CA PHE D 246 -38.44 39.50 20.33
C PHE D 246 -38.10 39.61 18.84
N GLY D 247 -37.69 38.50 18.24
CA GLY D 247 -37.38 38.50 16.80
C GLY D 247 -35.93 38.83 16.44
N SER D 248 -35.17 39.42 17.36
CA SER D 248 -33.77 39.79 17.05
C SER D 248 -32.87 38.61 16.65
N ASN D 249 -33.26 37.40 17.07
CA ASN D 249 -32.49 36.18 16.85
C ASN D 249 -32.63 35.44 15.49
N VAL D 250 -33.60 35.80 14.66
CA VAL D 250 -33.71 35.17 13.34
C VAL D 250 -32.87 35.95 12.34
N PRO D 251 -32.55 35.34 11.19
CA PRO D 251 -31.68 36.03 10.23
C PRO D 251 -32.24 37.37 9.73
N MET D 252 -33.56 37.50 9.60
CA MET D 252 -34.14 38.78 9.15
C MET D 252 -34.11 39.82 10.25
N GLN D 253 -33.72 39.39 11.45
CA GLN D 253 -33.50 40.34 12.56
C GLN D 253 -34.73 41.19 12.96
N ARG D 254 -35.91 40.62 12.79
CA ARG D 254 -37.14 41.27 13.20
C ARG D 254 -38.16 40.16 13.39
N PRO D 255 -39.19 40.42 14.20
CA PRO D 255 -40.27 39.45 14.25
C PRO D 255 -41.13 39.64 13.02
N GLY D 256 -41.97 38.67 12.73
CA GLY D 256 -42.91 38.81 11.62
C GLY D 256 -44.16 39.56 12.09
N GLN D 257 -44.94 40.07 11.13
CA GLN D 257 -46.22 40.69 11.42
C GLN D 257 -47.28 39.66 11.02
N PRO D 258 -48.41 39.62 11.74
CA PRO D 258 -49.44 38.62 11.37
C PRO D 258 -49.85 38.63 9.90
N TYR D 259 -49.89 39.79 9.25
CA TYR D 259 -50.29 39.75 7.83
C TYR D 259 -49.30 38.93 7.01
N GLU D 260 -48.05 38.80 7.46
CA GLU D 260 -47.03 38.04 6.71
C GLU D 260 -47.27 36.50 6.77
N LEU D 261 -48.18 36.08 7.65
N LEU D 261 -48.17 36.07 7.66
CA LEU D 261 -48.56 34.67 7.75
CA LEU D 261 -48.55 34.67 7.75
C LEU D 261 -49.76 34.30 6.92
C LEU D 261 -49.75 34.31 6.89
N ALA D 262 -50.69 35.24 6.70
CA ALA D 262 -51.95 34.94 5.97
C ALA D 262 -51.83 34.31 4.59
N PRO D 263 -50.92 34.80 3.74
CA PRO D 263 -50.88 34.19 2.41
C PRO D 263 -50.50 32.71 2.36
N ALA D 264 -49.72 32.27 3.38
CA ALA D 264 -49.35 30.85 3.52
C ALA D 264 -50.62 30.01 3.76
N TYR D 265 -51.46 30.51 4.65
CA TYR D 265 -52.77 29.90 4.94
C TYR D 265 -53.70 29.94 3.73
N VAL D 266 -53.70 31.06 2.99
CA VAL D 266 -54.52 31.16 1.79
C VAL D 266 -54.04 30.11 0.78
N TYR D 267 -52.73 30.01 0.59
CA TYR D 267 -52.12 29.03 -0.32
C TYR D 267 -52.63 27.63 0.02
N LEU D 268 -52.44 27.23 1.27
CA LEU D 268 -52.88 25.93 1.74
C LEU D 268 -54.40 25.68 1.73
N ALA D 269 -55.21 26.72 1.95
CA ALA D 269 -56.66 26.59 2.00
C ALA D 269 -57.31 26.45 0.63
N SER D 270 -56.69 27.09 -0.38
CA SER D 270 -57.24 27.11 -1.72
C SER D 270 -56.78 25.96 -2.58
N SER D 271 -57.47 25.82 -3.71
CA SER D 271 -57.12 24.84 -4.71
C SER D 271 -55.76 25.17 -5.35
N ASP D 272 -55.17 26.32 -5.03
CA ASP D 272 -53.83 26.61 -5.46
C ASP D 272 -52.83 25.51 -5.01
N SER D 273 -53.12 24.83 -3.90
CA SER D 273 -52.27 23.79 -3.33
C SER D 273 -52.89 22.39 -3.47
N SER D 274 -53.65 22.20 -4.54
CA SER D 274 -54.29 20.94 -4.83
C SER D 274 -53.36 19.73 -4.83
N TYR D 275 -52.05 19.90 -5.11
CA TYR D 275 -51.14 18.76 -5.09
C TYR D 275 -50.30 18.74 -3.83
N VAL D 276 -50.77 19.40 -2.78
CA VAL D 276 -50.04 19.49 -1.50
C VAL D 276 -50.84 18.94 -0.33
N THR D 277 -50.30 17.93 0.33
CA THR D 277 -50.86 17.42 1.56
C THR D 277 -49.75 16.83 2.42
N GLY D 278 -49.90 16.96 3.74
CA GLY D 278 -48.96 16.45 4.68
C GLY D 278 -47.73 17.33 4.89
N GLN D 279 -47.80 18.59 4.45
CA GLN D 279 -46.63 19.47 4.48
C GLN D 279 -46.73 20.60 5.49
N MET D 280 -45.62 21.30 5.65
CA MET D 280 -45.50 22.46 6.54
C MET D 280 -44.90 23.63 5.75
N ILE D 281 -45.44 24.84 5.93
CA ILE D 281 -44.85 26.02 5.31
C ILE D 281 -44.18 26.77 6.49
N HIS D 282 -42.88 27.00 6.39
CA HIS D 282 -42.11 27.62 7.44
C HIS D 282 -42.01 29.12 7.16
N VAL D 283 -42.65 29.93 8.01
CA VAL D 283 -42.70 31.39 7.83
C VAL D 283 -42.05 31.92 9.09
N ASN D 284 -40.72 32.06 9.04
CA ASN D 284 -39.95 32.29 10.25
C ASN D 284 -38.82 33.29 10.25
N GLY D 285 -38.70 34.09 9.20
CA GLY D 285 -37.61 35.09 9.17
C GLY D 285 -36.27 34.51 8.73
N GLY D 286 -36.26 33.30 8.16
CA GLY D 286 -35.01 32.72 7.64
C GLY D 286 -34.30 31.66 8.42
N VAL D 287 -34.91 31.19 9.50
CA VAL D 287 -34.32 30.09 10.28
C VAL D 287 -34.36 28.81 9.45
N ILE D 288 -33.19 28.22 9.22
CA ILE D 288 -33.08 26.97 8.45
C ILE D 288 -33.47 25.79 9.40
N VAL D 289 -34.41 24.96 8.97
CA VAL D 289 -34.93 23.88 9.83
C VAL D 289 -34.85 22.53 9.11
N ASN D 290 -33.99 22.42 8.08
CA ASN D 290 -33.83 21.22 7.27
C ASN D 290 -35.17 20.92 6.60
N GLY D 291 -35.84 21.97 6.15
CA GLY D 291 -37.13 21.86 5.49
C GLY D 291 -36.99 21.66 3.99
N MET E 13 13.29 -34.72 -16.10
CA MET E 13 11.97 -34.99 -15.46
C MET E 13 10.82 -34.77 -16.48
N PRO E 14 9.62 -34.29 -16.06
CA PRO E 14 8.59 -34.15 -17.12
C PRO E 14 8.92 -33.15 -18.25
N ALA E 15 8.71 -33.61 -19.50
CA ALA E 15 8.94 -32.79 -20.68
C ALA E 15 7.84 -31.74 -20.74
N GLN E 16 8.24 -30.48 -20.79
CA GLN E 16 7.30 -29.36 -20.76
C GLN E 16 7.96 -28.08 -21.25
N HIS E 17 7.12 -27.12 -21.63
CA HIS E 17 7.59 -25.83 -22.12
C HIS E 17 6.45 -24.81 -22.11
N GLN E 18 6.73 -23.63 -21.57
CA GLN E 18 5.76 -22.53 -21.54
C GLN E 18 6.15 -21.56 -22.65
N ASN E 19 5.14 -21.05 -23.36
CA ASN E 19 5.34 -20.13 -24.49
C ASN E 19 5.32 -18.65 -24.12
N LYS E 20 5.82 -18.33 -22.94
CA LYS E 20 5.90 -16.95 -22.51
C LYS E 20 6.85 -16.88 -21.30
N GLN E 21 7.59 -15.78 -21.22
CA GLN E 21 8.51 -15.54 -20.13
C GLN E 21 8.27 -14.14 -19.59
N PRO E 22 8.33 -13.96 -18.25
CA PRO E 22 8.59 -14.94 -17.18
C PRO E 22 7.57 -16.08 -17.10
N GLY E 23 8.01 -17.27 -16.71
CA GLY E 23 7.13 -18.44 -16.59
C GLY E 23 6.22 -18.37 -15.38
N ILE E 24 5.07 -19.06 -15.46
CA ILE E 24 4.06 -19.14 -14.38
C ILE E 24 4.25 -20.44 -13.62
N GLU E 25 4.48 -20.33 -12.31
CA GLU E 25 4.77 -21.50 -11.49
C GLU E 25 3.58 -22.47 -11.33
N SER E 26 2.36 -21.92 -11.21
CA SER E 26 1.15 -22.76 -11.05
C SER E 26 0.94 -23.73 -12.23
N LEU E 27 1.59 -23.46 -13.36
CA LEU E 27 1.50 -24.31 -14.55
C LEU E 27 2.54 -25.45 -14.56
N MET E 28 3.54 -25.38 -13.69
CA MET E 28 4.64 -26.38 -13.70
C MET E 28 4.26 -27.80 -13.25
N ASN E 29 5.07 -28.77 -13.66
CA ASN E 29 4.87 -30.20 -13.37
C ASN E 29 6.19 -31.00 -13.34
N PRO E 30 6.65 -31.41 -12.13
CA PRO E 30 6.06 -31.17 -10.82
C PRO E 30 6.20 -29.73 -10.39
N LEU E 31 5.37 -29.31 -9.46
CA LEU E 31 5.50 -27.98 -8.93
C LEU E 31 6.80 -28.02 -8.19
N PRO E 32 7.57 -26.92 -8.26
CA PRO E 32 8.77 -26.86 -7.47
C PRO E 32 8.40 -26.87 -6.01
N GLN E 33 9.24 -27.48 -5.18
CA GLN E 33 9.04 -27.45 -3.74
C GLN E 33 9.69 -26.13 -3.30
N PHE E 34 8.87 -25.15 -2.91
CA PHE E 34 9.38 -23.83 -2.51
C PHE E 34 9.57 -23.67 -1.02
N GLU E 35 9.12 -24.69 -0.30
CA GLU E 35 9.11 -24.65 1.12
C GLU E 35 9.55 -25.96 1.73
N ASP E 36 10.41 -25.87 2.72
CA ASP E 36 10.88 -27.00 3.47
C ASP E 36 9.88 -27.12 4.61
N PRO E 37 9.11 -28.24 4.64
CA PRO E 37 8.12 -28.47 5.69
C PRO E 37 8.72 -28.58 7.08
N ASN E 38 9.96 -29.05 7.13
CA ASN E 38 10.67 -29.17 8.39
C ASN E 38 11.40 -27.89 8.78
N TYR E 39 11.22 -26.79 8.02
CA TYR E 39 11.90 -25.52 8.33
C TYR E 39 11.47 -24.98 9.68
N LYS E 40 12.46 -24.64 10.50
CA LYS E 40 12.24 -24.10 11.84
C LYS E 40 12.90 -22.75 11.88
N GLY E 41 12.08 -21.72 12.01
CA GLY E 41 12.59 -20.35 12.00
C GLY E 41 13.11 -20.06 13.39
N SER E 42 14.04 -19.12 13.50
CA SER E 42 14.62 -18.78 14.81
C SER E 42 14.85 -17.27 14.95
N GLU E 43 13.94 -16.48 14.38
CA GLU E 43 13.96 -15.01 14.46
C GLU E 43 15.23 -14.37 13.94
N LYS E 44 15.83 -14.99 12.92
CA LYS E 44 17.08 -14.50 12.39
C LYS E 44 17.01 -13.15 11.70
N LEU E 45 15.84 -12.77 11.20
CA LEU E 45 15.63 -11.51 10.51
C LEU E 45 14.41 -10.78 11.11
N LYS E 46 14.16 -10.99 12.39
CA LYS E 46 13.00 -10.43 13.07
C LYS E 46 12.92 -8.94 12.92
N GLY E 47 11.81 -8.48 12.34
CA GLY E 47 11.54 -7.06 12.17
C GLY E 47 12.24 -6.40 10.98
N LYS E 48 13.06 -7.18 10.23
CA LYS E 48 13.77 -6.64 9.10
C LYS E 48 12.80 -6.45 7.94
N ASN E 49 13.08 -5.40 7.16
CA ASN E 49 12.29 -5.00 6.01
C ASN E 49 13.10 -5.32 4.79
N VAL E 50 12.51 -6.16 3.96
CA VAL E 50 13.22 -6.72 2.82
C VAL E 50 12.55 -6.38 1.50
N LEU E 51 13.34 -6.06 0.48
CA LEU E 51 12.80 -5.93 -0.88
C LEU E 51 13.43 -7.03 -1.72
N ILE E 52 12.60 -7.87 -2.32
N ILE E 52 12.61 -7.85 -2.33
CA ILE E 52 13.07 -8.94 -3.19
CA ILE E 52 13.12 -8.90 -3.21
C ILE E 52 12.54 -8.76 -4.61
C ILE E 52 12.54 -8.78 -4.61
N THR E 53 13.44 -8.68 -5.59
CA THR E 53 13.04 -8.56 -6.97
C THR E 53 12.96 -9.97 -7.55
N GLY E 54 11.86 -10.26 -8.21
CA GLY E 54 11.61 -11.61 -8.71
C GLY E 54 11.23 -12.51 -7.55
N GLY E 55 10.67 -11.95 -6.49
CA GLY E 55 10.28 -12.73 -5.31
C GLY E 55 8.97 -13.52 -5.44
N ASP E 56 8.36 -13.53 -6.60
CA ASP E 56 7.04 -14.14 -6.73
C ASP E 56 7.00 -15.61 -7.06
N SER E 57 8.09 -16.14 -7.59
CA SER E 57 8.16 -17.54 -7.98
C SER E 57 9.60 -18.02 -7.85
N GLY E 58 9.83 -19.28 -8.16
CA GLY E 58 11.17 -19.87 -8.11
C GLY E 58 11.94 -19.63 -6.82
N ILE E 59 13.21 -19.30 -6.97
CA ILE E 59 14.10 -19.08 -5.82
C ILE E 59 13.59 -17.92 -4.97
N GLY E 60 13.14 -16.87 -5.64
CA GLY E 60 12.67 -15.71 -4.93
C GLY E 60 11.47 -16.04 -4.04
N ARG E 61 10.57 -16.88 -4.52
CA ARG E 61 9.44 -17.29 -3.67
C ARG E 61 9.96 -18.03 -2.43
N ALA E 62 10.88 -18.98 -2.65
CA ALA E 62 11.47 -19.75 -1.57
C ALA E 62 12.13 -18.83 -0.56
N VAL E 63 12.84 -17.83 -1.07
CA VAL E 63 13.51 -16.86 -0.22
C VAL E 63 12.51 -16.01 0.56
N SER E 64 11.50 -15.46 -0.11
CA SER E 64 10.48 -14.66 0.55
C SER E 64 9.81 -15.44 1.70
N ILE E 65 9.51 -16.69 1.45
CA ILE E 65 8.86 -17.49 2.48
C ILE E 65 9.80 -17.79 3.66
N ALA E 66 11.05 -18.20 3.35
CA ALA E 66 12.03 -18.48 4.42
C ALA E 66 12.28 -17.21 5.26
N PHE E 67 12.43 -16.06 4.60
CA PHE E 67 12.68 -14.78 5.27
C PHE E 67 11.48 -14.46 6.17
N ALA E 68 10.27 -14.74 5.66
CA ALA E 68 9.05 -14.52 6.46
C ALA E 68 9.04 -15.44 7.68
N LYS E 69 9.48 -16.68 7.50
CA LYS E 69 9.61 -17.63 8.62
C LYS E 69 10.64 -17.17 9.66
N GLU E 70 11.59 -16.33 9.25
CA GLU E 70 12.60 -15.74 10.16
C GLU E 70 12.17 -14.37 10.71
N GLY E 71 10.93 -13.96 10.42
CA GLY E 71 10.34 -12.75 11.00
C GLY E 71 10.49 -11.46 10.23
N ALA E 72 10.92 -11.56 8.99
CA ALA E 72 11.08 -10.39 8.12
C ALA E 72 9.80 -10.02 7.39
N ASN E 73 9.66 -8.71 7.15
CA ASN E 73 8.57 -8.16 6.35
C ASN E 73 9.10 -8.08 4.94
N ILE E 74 8.29 -8.52 3.99
CA ILE E 74 8.76 -8.64 2.62
C ILE E 74 7.97 -7.86 1.59
N ALA E 75 8.68 -7.04 0.82
CA ALA E 75 8.12 -6.38 -0.36
C ALA E 75 8.66 -7.20 -1.54
N ILE E 76 7.73 -7.61 -2.40
CA ILE E 76 8.01 -8.47 -3.53
C ILE E 76 7.72 -7.74 -4.84
N ALA E 77 8.77 -7.51 -5.63
CA ALA E 77 8.68 -6.87 -6.94
C ALA E 77 8.69 -8.01 -7.95
N TYR E 78 7.85 -7.90 -8.96
CA TYR E 78 7.70 -8.97 -9.95
C TYR E 78 7.12 -8.29 -11.19
N LEU E 79 7.16 -8.95 -12.34
CA LEU E 79 6.70 -8.31 -13.52
C LEU E 79 5.17 -8.21 -13.59
N ASP E 80 4.49 -9.32 -13.77
CA ASP E 80 3.03 -9.29 -13.93
C ASP E 80 2.31 -10.58 -13.51
N GLU E 81 3.02 -11.48 -12.85
CA GLU E 81 2.47 -12.82 -12.54
C GLU E 81 1.67 -12.71 -11.24
N GLU E 82 0.48 -12.13 -11.35
CA GLU E 82 -0.34 -11.82 -10.19
C GLU E 82 -0.72 -13.07 -9.40
N GLY E 83 -1.03 -14.15 -10.13
CA GLY E 83 -1.39 -15.44 -9.52
C GLY E 83 -0.24 -15.94 -8.66
N ASP E 84 0.95 -16.04 -9.24
CA ASP E 84 2.11 -16.47 -8.44
C ASP E 84 2.39 -15.53 -7.29
N ALA E 85 2.37 -14.21 -7.53
CA ALA E 85 2.66 -13.25 -6.48
C ALA E 85 1.68 -13.36 -5.34
N ASN E 86 0.38 -13.47 -5.66
N ASN E 86 0.38 -13.47 -5.67
CA ASN E 86 -0.61 -13.55 -4.59
CA ASN E 86 -0.66 -13.60 -4.66
C ASN E 86 -0.47 -14.83 -3.77
C ASN E 86 -0.48 -14.83 -3.79
N GLU E 87 -0.10 -15.92 -4.44
CA GLU E 87 0.11 -17.20 -3.76
C GLU E 87 1.30 -17.02 -2.80
N THR E 88 2.35 -16.38 -3.29
CA THR E 88 3.51 -16.15 -2.45
C THR E 88 3.11 -15.31 -1.24
N LYS E 89 2.29 -14.30 -1.49
CA LYS E 89 1.77 -13.40 -0.46
C LYS E 89 1.06 -14.16 0.65
N GLN E 90 0.21 -15.11 0.27
N GLN E 90 0.22 -15.12 0.26
CA GLN E 90 -0.51 -15.93 1.23
CA GLN E 90 -0.52 -15.90 1.24
C GLN E 90 0.44 -16.72 2.12
C GLN E 90 0.42 -16.74 2.12
N TYR E 91 1.48 -17.31 1.55
CA TYR E 91 2.47 -18.04 2.37
C TYR E 91 3.24 -17.10 3.29
N VAL E 92 3.59 -15.89 2.82
CA VAL E 92 4.34 -14.95 3.66
C VAL E 92 3.48 -14.47 4.84
N GLU E 93 2.25 -14.08 4.55
CA GLU E 93 1.36 -13.51 5.56
C GLU E 93 0.97 -14.56 6.59
N LYS E 94 0.90 -15.82 6.15
CA LYS E 94 0.65 -16.95 7.04
C LYS E 94 1.65 -16.95 8.21
N GLU E 95 2.85 -16.37 8.03
CA GLU E 95 3.85 -16.30 9.11
C GLU E 95 3.71 -15.10 10.05
N GLY E 96 2.68 -14.30 9.87
CA GLY E 96 2.46 -13.15 10.75
C GLY E 96 3.17 -11.87 10.35
N VAL E 97 3.88 -11.86 9.23
CA VAL E 97 4.63 -10.67 8.79
C VAL E 97 3.90 -9.88 7.68
N LYS E 98 4.37 -8.66 7.40
CA LYS E 98 3.80 -7.86 6.33
C LYS E 98 4.35 -8.31 5.00
N CYS E 99 3.52 -8.20 3.98
CA CYS E 99 3.88 -8.50 2.63
C CYS E 99 3.28 -7.43 1.72
N VAL E 100 4.12 -6.80 0.93
CA VAL E 100 3.70 -5.78 -0.03
C VAL E 100 3.99 -6.29 -1.44
N LEU E 101 3.01 -6.16 -2.33
CA LEU E 101 3.13 -6.59 -3.72
C LEU E 101 3.45 -5.41 -4.61
N LEU E 102 4.53 -5.50 -5.37
CA LEU E 102 4.99 -4.41 -6.23
C LEU E 102 5.16 -4.85 -7.70
N PRO E 103 4.05 -4.91 -8.43
CA PRO E 103 4.18 -5.30 -9.82
C PRO E 103 4.77 -4.19 -10.69
N GLY E 104 5.30 -4.57 -11.84
CA GLY E 104 5.83 -3.62 -12.81
C GLY E 104 7.14 -4.07 -13.44
N ASP E 105 7.51 -3.40 -14.52
CA ASP E 105 8.65 -3.78 -15.35
C ASP E 105 9.94 -3.10 -14.92
N LEU E 106 10.85 -3.92 -14.36
CA LEU E 106 12.12 -3.42 -13.86
C LEU E 106 13.15 -3.17 -14.96
N SER E 107 12.75 -3.34 -16.21
CA SER E 107 13.65 -2.95 -17.31
C SER E 107 13.56 -1.42 -17.46
N ASP E 108 12.60 -0.81 -16.75
CA ASP E 108 12.40 0.65 -16.74
C ASP E 108 13.15 1.21 -15.52
N GLU E 109 14.10 2.12 -15.76
CA GLU E 109 14.86 2.73 -14.68
C GLU E 109 13.98 3.39 -13.60
N GLN E 110 13.00 4.19 -14.00
CA GLN E 110 12.14 4.90 -13.07
C GLN E 110 11.36 3.90 -12.22
N HIS E 111 10.89 2.81 -12.81
CA HIS E 111 10.18 1.82 -12.01
C HIS E 111 11.11 1.18 -10.94
N CYS E 112 12.40 1.05 -11.26
CA CYS E 112 13.36 0.55 -10.28
C CYS E 112 13.41 1.48 -9.10
N LYS E 113 13.34 2.77 -9.36
CA LYS E 113 13.40 3.75 -8.27
C LYS E 113 12.10 3.72 -7.48
N ASP E 114 10.98 3.64 -8.20
CA ASP E 114 9.64 3.59 -7.60
C ASP E 114 9.44 2.43 -6.60
N ILE E 115 9.98 1.24 -6.90
CA ILE E 115 9.78 0.09 -6.00
C ILE E 115 10.51 0.27 -4.67
N VAL E 116 11.61 1.00 -4.71
CA VAL E 116 12.36 1.30 -3.50
C VAL E 116 11.55 2.34 -2.70
N GLN E 117 11.11 3.43 -3.35
CA GLN E 117 10.28 4.42 -2.65
C GLN E 117 9.05 3.80 -1.99
N GLU E 118 8.39 2.93 -2.74
CA GLU E 118 7.17 2.30 -2.30
C GLU E 118 7.41 1.32 -1.17
N THR E 119 8.52 0.59 -1.23
CA THR E 119 8.90 -0.29 -0.16
C THR E 119 9.09 0.50 1.14
N VAL E 120 9.82 1.60 1.08
CA VAL E 120 10.07 2.41 2.25
C VAL E 120 8.76 3.05 2.81
N ARG E 121 7.83 3.44 1.91
CA ARG E 121 6.58 4.03 2.34
C ARG E 121 5.70 2.98 3.04
N GLN E 122 5.60 1.77 2.48
CA GLN E 122 4.77 0.71 3.06
C GLN E 122 5.41 0.01 4.25
N LEU E 123 6.70 -0.32 4.20
CA LEU E 123 7.31 -1.01 5.35
C LEU E 123 7.89 -0.08 6.42
N GLY E 124 8.16 1.18 6.06
CA GLY E 124 8.75 2.16 6.95
C GLY E 124 10.23 2.38 6.73
N SER E 125 10.93 1.35 6.25
CA SER E 125 12.36 1.43 6.02
C SER E 125 12.80 0.22 5.17
N LEU E 126 14.08 0.17 4.82
CA LEU E 126 14.64 -0.93 4.05
C LEU E 126 15.92 -1.39 4.71
N ASN E 127 15.99 -2.68 5.07
CA ASN E 127 17.20 -3.23 5.68
C ASN E 127 17.97 -4.18 4.77
N ILE E 128 17.26 -4.95 3.95
CA ILE E 128 17.85 -5.97 3.13
C ILE E 128 17.26 -5.92 1.72
N LEU E 129 18.15 -5.85 0.74
CA LEU E 129 17.79 -5.87 -0.66
C LEU E 129 18.32 -7.16 -1.29
N VAL E 130 17.43 -7.92 -1.95
CA VAL E 130 17.81 -9.09 -2.71
C VAL E 130 17.49 -8.81 -4.16
N ASN E 131 18.53 -8.62 -4.98
CA ASN E 131 18.39 -8.42 -6.41
C ASN E 131 18.37 -9.84 -6.99
N ASN E 132 17.25 -10.24 -7.58
CA ASN E 132 17.07 -11.60 -8.05
C ASN E 132 16.36 -11.77 -9.41
N VAL E 133 15.83 -10.69 -9.97
N VAL E 133 15.76 -10.72 -9.95
CA VAL E 133 15.12 -10.78 -11.22
CA VAL E 133 15.08 -10.83 -11.23
C VAL E 133 16.04 -11.21 -12.38
C VAL E 133 16.03 -11.25 -12.36
N ALA E 134 15.51 -11.96 -13.36
CA ALA E 134 16.29 -12.37 -14.50
C ALA E 134 15.42 -12.88 -15.60
N GLN E 135 15.93 -12.79 -16.82
CA GLN E 135 15.33 -13.42 -17.98
C GLN E 135 16.45 -14.10 -18.77
N GLN E 136 16.12 -15.18 -19.48
CA GLN E 136 17.12 -15.85 -20.31
C GLN E 136 16.49 -16.32 -21.61
N TYR E 137 17.23 -16.15 -22.70
CA TYR E 137 16.76 -16.50 -24.04
C TYR E 137 17.84 -17.36 -24.71
N PRO E 138 17.78 -18.67 -24.51
CA PRO E 138 18.80 -19.52 -25.08
C PRO E 138 18.82 -19.45 -26.63
N GLN E 139 20.01 -19.56 -27.21
CA GLN E 139 20.20 -19.49 -28.65
C GLN E 139 21.32 -20.47 -29.00
N GLN E 140 21.25 -21.04 -30.20
CA GLN E 140 22.25 -22.04 -30.60
C GLN E 140 23.66 -21.46 -30.73
N GLY E 141 23.78 -20.15 -30.92
CA GLY E 141 25.08 -19.53 -31.02
C GLY E 141 24.95 -18.03 -31.03
N LEU E 142 26.10 -17.35 -30.93
CA LEU E 142 26.22 -15.90 -30.94
C LEU E 142 25.50 -15.27 -32.14
N GLU E 143 25.60 -15.91 -33.31
N GLU E 143 25.57 -15.92 -33.31
CA GLU E 143 24.99 -15.38 -34.53
CA GLU E 143 24.97 -15.35 -34.51
C GLU E 143 23.48 -15.27 -34.42
C GLU E 143 23.46 -15.26 -34.41
N TYR E 144 22.88 -15.95 -33.43
CA TYR E 144 21.43 -15.92 -33.23
C TYR E 144 21.01 -14.97 -32.11
N ILE E 145 21.93 -14.17 -31.60
CA ILE E 145 21.63 -13.17 -30.56
C ILE E 145 21.47 -11.81 -31.25
N THR E 146 20.23 -11.33 -31.39
CA THR E 146 20.01 -10.04 -32.01
C THR E 146 20.42 -8.98 -31.01
N ALA E 147 20.71 -7.77 -31.50
CA ALA E 147 21.04 -6.63 -30.59
C ALA E 147 19.87 -6.38 -29.62
N GLU E 148 18.64 -6.57 -30.09
N GLU E 148 18.65 -6.57 -30.09
CA GLU E 148 17.46 -6.40 -29.25
CA GLU E 148 17.47 -6.37 -29.27
C GLU E 148 17.54 -7.35 -28.06
C GLU E 148 17.45 -7.35 -28.09
N GLN E 149 17.78 -8.62 -28.34
CA GLN E 149 17.88 -9.61 -27.25
C GLN E 149 19.04 -9.29 -26.30
N LEU E 150 20.21 -8.94 -26.83
CA LEU E 150 21.34 -8.62 -25.99
C LEU E 150 20.99 -7.50 -25.01
N GLU E 151 20.48 -6.39 -25.52
CA GLU E 151 20.19 -5.25 -24.66
C GLU E 151 19.07 -5.54 -23.69
N LYS E 152 18.04 -6.28 -24.12
CA LYS E 152 16.94 -6.64 -23.21
C LYS E 152 17.46 -7.49 -22.05
N THR E 153 18.28 -8.49 -22.37
CA THR E 153 18.83 -9.36 -21.34
C THR E 153 19.63 -8.55 -20.34
N PHE E 154 20.47 -7.64 -20.83
CA PHE E 154 21.26 -6.82 -19.94
C PHE E 154 20.42 -5.86 -19.10
N ARG E 155 19.43 -5.23 -19.72
CA ARG E 155 18.61 -4.24 -19.08
C ARG E 155 17.92 -4.78 -17.85
N ILE E 156 17.34 -5.98 -17.96
CA ILE E 156 16.66 -6.61 -16.84
C ILE E 156 17.62 -7.35 -15.88
N ASN E 157 18.66 -7.98 -16.40
CA ASN E 157 19.52 -8.81 -15.55
C ASN E 157 20.58 -8.08 -14.77
N ILE E 158 21.16 -7.04 -15.34
CA ILE E 158 22.23 -6.30 -14.61
C ILE E 158 21.88 -4.81 -14.43
N PHE E 159 21.35 -4.12 -15.44
CA PHE E 159 21.02 -2.71 -15.24
C PHE E 159 20.02 -2.55 -14.10
N SER E 160 19.05 -3.45 -13.99
CA SER E 160 18.05 -3.37 -12.93
C SER E 160 18.71 -3.51 -11.58
N TYR E 161 19.76 -4.34 -11.47
CA TYR E 161 20.47 -4.48 -10.19
C TYR E 161 21.17 -3.17 -9.87
N PHE E 162 21.74 -2.53 -10.87
CA PHE E 162 22.34 -1.22 -10.65
C PHE E 162 21.30 -0.17 -10.17
N HIS E 163 20.19 -0.06 -10.88
CA HIS E 163 19.21 0.99 -10.58
C HIS E 163 18.48 0.83 -9.27
N VAL E 164 18.09 -0.40 -8.95
CA VAL E 164 17.40 -0.68 -7.73
C VAL E 164 18.33 -0.48 -6.57
N THR E 165 19.54 -1.01 -6.69
CA THR E 165 20.50 -0.86 -5.61
C THR E 165 20.85 0.58 -5.38
N LYS E 166 21.08 1.32 -6.46
CA LYS E 166 21.43 2.74 -6.35
C LYS E 166 20.34 3.51 -5.59
N ALA E 167 19.07 3.23 -5.94
CA ALA E 167 17.94 3.89 -5.25
C ALA E 167 17.89 3.48 -3.75
N ALA E 168 18.21 2.22 -3.48
CA ALA E 168 18.19 1.71 -2.12
C ALA E 168 19.24 2.39 -1.23
N LEU E 169 20.38 2.80 -1.78
CA LEU E 169 21.48 3.32 -0.98
C LEU E 169 21.13 4.47 -0.04
N SER E 170 20.25 5.38 -0.46
CA SER E 170 19.78 6.46 0.43
C SER E 170 19.17 5.92 1.69
N HIS E 171 18.62 4.72 1.62
CA HIS E 171 17.87 4.17 2.77
C HIS E 171 18.62 3.16 3.63
N LEU E 172 19.79 2.70 3.16
CA LEU E 172 20.58 1.70 3.86
C LEU E 172 21.58 2.34 4.79
N LYS E 173 21.75 1.71 5.95
CA LYS E 173 22.71 2.18 6.95
C LYS E 173 23.49 1.00 7.50
N GLN E 174 24.36 1.29 8.44
CA GLN E 174 25.16 0.30 9.11
C GLN E 174 24.30 -0.87 9.53
N GLY E 175 24.73 -2.08 9.18
CA GLY E 175 23.99 -3.27 9.56
C GLY E 175 23.06 -3.79 8.47
N ASP E 176 22.87 -3.01 7.43
CA ASP E 176 22.03 -3.39 6.32
C ASP E 176 22.80 -4.30 5.35
N VAL E 177 22.07 -4.89 4.42
CA VAL E 177 22.63 -5.95 3.59
C VAL E 177 22.02 -6.05 2.23
N ILE E 178 22.89 -6.38 1.27
CA ILE E 178 22.53 -6.62 -0.13
C ILE E 178 22.96 -8.04 -0.53
N ILE E 179 22.08 -8.74 -1.23
CA ILE E 179 22.37 -10.07 -1.75
C ILE E 179 21.99 -10.06 -3.23
N ASN E 180 22.91 -10.46 -4.10
CA ASN E 180 22.65 -10.53 -5.53
C ASN E 180 22.65 -11.99 -6.03
N THR E 181 21.64 -12.40 -6.78
CA THR E 181 21.60 -13.73 -7.34
C THR E 181 22.42 -13.70 -8.65
N ALA E 182 23.51 -14.43 -8.67
CA ALA E 182 24.33 -14.58 -9.86
C ALA E 182 23.93 -15.93 -10.47
N SER E 183 24.91 -16.74 -10.87
CA SER E 183 24.64 -18.05 -11.45
C SER E 183 25.93 -18.84 -11.65
N ILE E 184 25.85 -20.15 -11.61
CA ILE E 184 27.01 -20.96 -11.90
C ILE E 184 27.59 -20.61 -13.28
N VAL E 185 26.72 -20.20 -14.22
CA VAL E 185 27.15 -19.88 -15.59
C VAL E 185 28.18 -18.75 -15.69
N ALA E 186 28.29 -17.90 -14.66
CA ALA E 186 29.30 -16.84 -14.63
C ALA E 186 30.68 -17.45 -14.42
N TYR E 187 30.72 -18.57 -13.67
CA TYR E 187 31.95 -19.25 -13.34
C TYR E 187 32.34 -20.30 -14.35
N GLU E 188 31.34 -20.98 -14.91
N GLU E 188 31.34 -20.98 -14.90
CA GLU E 188 31.56 -22.10 -15.82
CA GLU E 188 31.57 -22.09 -15.84
C GLU E 188 31.23 -21.87 -17.28
C GLU E 188 31.30 -21.80 -17.31
N GLY E 189 30.49 -20.80 -17.60
CA GLY E 189 30.10 -20.49 -18.97
C GLY E 189 28.95 -21.40 -19.39
N ASN E 190 28.15 -20.93 -20.37
CA ASN E 190 27.06 -21.74 -20.96
C ASN E 190 26.92 -21.33 -22.42
N GLU E 191 27.27 -22.26 -23.31
CA GLU E 191 27.33 -22.04 -24.76
C GLU E 191 26.03 -21.67 -25.44
N THR E 192 24.91 -21.93 -24.77
CA THR E 192 23.60 -21.63 -25.36
C THR E 192 22.96 -20.42 -24.69
N LEU E 193 23.70 -19.82 -23.75
CA LEU E 193 23.28 -18.67 -23.01
C LEU E 193 24.45 -17.66 -22.85
N ILE E 194 25.05 -17.29 -23.97
CA ILE E 194 26.23 -16.41 -23.97
C ILE E 194 25.94 -15.00 -23.39
N ASP E 195 24.83 -14.40 -23.83
CA ASP E 195 24.43 -13.09 -23.33
C ASP E 195 24.07 -13.17 -21.84
N TYR E 196 23.25 -14.17 -21.50
CA TYR E 196 22.85 -14.34 -20.11
C TYR E 196 24.05 -14.52 -19.18
N SER E 197 24.97 -15.40 -19.58
N SER E 197 24.97 -15.41 -19.56
CA SER E 197 26.18 -15.66 -18.83
CA SER E 197 26.17 -15.64 -18.74
C SER E 197 26.96 -14.37 -18.58
C SER E 197 26.97 -14.35 -18.56
N ALA E 198 27.02 -13.52 -19.59
CA ALA E 198 27.72 -12.24 -19.51
C ALA E 198 27.09 -11.34 -18.46
N THR E 199 25.76 -11.34 -18.37
CA THR E 199 25.06 -10.57 -17.34
C THR E 199 25.38 -11.12 -15.97
N LYS E 200 25.46 -12.44 -15.85
CA LYS E 200 25.74 -13.02 -14.56
C LYS E 200 27.19 -12.76 -14.12
N GLY E 201 28.10 -12.69 -15.08
CA GLY E 201 29.51 -12.33 -14.78
C GLY E 201 29.57 -10.86 -14.38
N ALA E 202 28.73 -10.03 -15.01
CA ALA E 202 28.63 -8.61 -14.63
C ALA E 202 28.19 -8.48 -13.13
N ILE E 203 27.23 -9.30 -12.72
CA ILE E 203 26.72 -9.33 -11.33
C ILE E 203 27.79 -9.77 -10.33
N VAL E 204 28.59 -10.78 -10.72
CA VAL E 204 29.70 -11.21 -9.86
C VAL E 204 30.69 -10.04 -9.60
N ALA E 205 31.14 -9.34 -10.63
CA ALA E 205 32.06 -8.20 -10.48
C ALA E 205 31.41 -7.03 -9.72
N PHE E 206 30.14 -6.77 -10.04
CA PHE E 206 29.29 -5.79 -9.35
C PHE E 206 29.30 -6.08 -7.88
N THR E 207 29.02 -7.33 -7.54
CA THR E 207 29.03 -7.76 -6.15
C THR E 207 30.36 -7.50 -5.42
N ARG E 208 31.49 -7.81 -6.06
CA ARG E 208 32.82 -7.64 -5.45
C ARG E 208 33.15 -6.15 -5.26
N SER E 209 32.89 -5.36 -6.29
CA SER E 209 33.15 -3.91 -6.28
C SER E 209 32.30 -3.15 -5.30
N LEU E 210 31.00 -3.41 -5.34
CA LEU E 210 30.11 -2.75 -4.40
C LEU E 210 30.42 -3.12 -2.95
N SER E 211 30.82 -4.39 -2.68
CA SER E 211 31.13 -4.77 -1.33
C SER E 211 32.26 -3.89 -0.78
N GLN E 212 33.25 -3.62 -1.62
CA GLN E 212 34.39 -2.82 -1.21
C GLN E 212 33.96 -1.37 -1.09
N SER E 213 33.06 -0.93 -1.95
CA SER E 213 32.58 0.47 -1.86
C SER E 213 31.78 0.71 -0.57
N LEU E 214 30.96 -0.24 -0.16
CA LEU E 214 30.08 -0.07 1.02
C LEU E 214 30.58 -0.58 2.35
N VAL E 215 31.73 -1.25 2.38
CA VAL E 215 32.20 -1.87 3.65
C VAL E 215 32.40 -0.86 4.79
N GLN E 216 32.93 0.32 4.52
CA GLN E 216 33.08 1.29 5.62
C GLN E 216 31.77 1.88 6.12
N LYS E 217 30.71 1.78 5.32
CA LYS E 217 29.37 2.25 5.70
C LYS E 217 28.64 1.18 6.46
N GLY E 218 29.28 0.01 6.62
CA GLY E 218 28.72 -1.06 7.40
C GLY E 218 27.63 -1.85 6.72
N ILE E 219 27.65 -1.85 5.40
CA ILE E 219 26.67 -2.56 4.58
C ILE E 219 27.42 -3.68 3.87
N ARG E 220 26.94 -4.92 4.00
CA ARG E 220 27.56 -6.08 3.38
C ARG E 220 26.90 -6.42 2.05
N VAL E 221 27.70 -6.91 1.11
CA VAL E 221 27.22 -7.25 -0.21
C VAL E 221 27.78 -8.62 -0.59
N ASN E 222 26.91 -9.54 -0.88
CA ASN E 222 27.31 -10.91 -1.20
C ASN E 222 26.38 -11.45 -2.26
N GLY E 223 26.68 -12.63 -2.76
CA GLY E 223 25.86 -13.27 -3.75
C GLY E 223 25.68 -14.75 -3.56
N VAL E 224 24.71 -15.30 -4.26
CA VAL E 224 24.45 -16.75 -4.29
C VAL E 224 24.48 -17.11 -5.81
N ALA E 225 25.20 -18.19 -6.15
CA ALA E 225 25.33 -18.69 -7.53
C ALA E 225 24.63 -20.05 -7.60
N PRO E 226 23.36 -20.05 -7.96
CA PRO E 226 22.67 -21.32 -8.06
C PRO E 226 23.08 -22.08 -9.32
N GLY E 227 22.99 -23.39 -9.26
CA GLY E 227 23.16 -24.24 -10.43
C GLY E 227 21.74 -24.49 -10.88
N PRO E 228 21.47 -25.64 -11.51
CA PRO E 228 20.10 -25.93 -12.01
C PRO E 228 18.99 -26.12 -10.96
N ILE E 229 18.13 -25.11 -10.82
CA ILE E 229 17.02 -25.17 -9.86
C ILE E 229 15.72 -25.22 -10.63
N TRP E 230 14.82 -26.14 -10.24
CA TRP E 230 13.52 -26.30 -10.89
C TRP E 230 12.63 -25.08 -10.57
N THR E 231 12.59 -24.12 -11.49
CA THR E 231 11.83 -22.86 -11.36
C THR E 231 11.13 -22.54 -12.71
N PRO E 232 10.17 -21.57 -12.73
CA PRO E 232 9.49 -21.20 -14.00
C PRO E 232 10.41 -20.71 -15.12
N LEU E 233 11.63 -20.31 -14.76
CA LEU E 233 12.67 -19.87 -15.71
C LEU E 233 13.11 -20.99 -16.68
N ILE E 234 13.03 -22.25 -16.25
CA ILE E 234 13.47 -23.38 -17.09
C ILE E 234 12.45 -23.76 -18.18
N PRO E 235 11.19 -24.07 -17.81
CA PRO E 235 10.25 -24.43 -18.90
C PRO E 235 9.86 -23.23 -19.79
N SER E 236 9.98 -22.01 -19.25
CA SER E 236 9.66 -20.79 -20.03
C SER E 236 10.77 -20.37 -20.98
N SER E 237 11.98 -20.90 -20.81
CA SER E 237 13.12 -20.55 -21.70
C SER E 237 13.61 -21.76 -22.53
N PHE E 238 13.81 -22.91 -21.90
CA PHE E 238 14.28 -24.13 -22.60
C PHE E 238 13.14 -24.94 -23.24
N ASP E 239 13.48 -25.75 -24.24
CA ASP E 239 12.50 -26.61 -24.91
C ASP E 239 12.17 -27.86 -24.06
N GLU E 240 11.28 -28.71 -24.57
CA GLU E 240 10.84 -29.91 -23.83
C GLU E 240 11.94 -30.95 -23.54
N LYS E 241 12.80 -31.22 -24.52
CA LYS E 241 13.91 -32.17 -24.32
C LYS E 241 14.91 -31.73 -23.26
N LYS E 242 15.38 -30.48 -23.38
CA LYS E 242 16.36 -29.92 -22.44
C LYS E 242 15.80 -29.90 -21.01
N VAL E 243 14.54 -29.49 -20.90
CA VAL E 243 13.81 -29.40 -19.63
C VAL E 243 13.63 -30.78 -18.98
N SER E 244 13.41 -31.81 -19.81
CA SER E 244 13.24 -33.18 -19.30
C SER E 244 14.54 -33.79 -18.74
N GLN E 245 15.69 -33.18 -19.06
CA GLN E 245 17.01 -33.65 -18.61
C GLN E 245 17.73 -32.65 -17.68
N PHE E 246 17.03 -31.60 -17.28
CA PHE E 246 17.58 -30.52 -16.44
C PHE E 246 18.13 -31.05 -15.11
N GLY E 247 19.36 -30.66 -14.77
CA GLY E 247 20.00 -31.09 -13.53
C GLY E 247 20.76 -32.42 -13.57
N SER E 248 20.60 -33.20 -14.64
CA SER E 248 21.30 -34.50 -14.77
C SER E 248 22.82 -34.36 -14.91
N ASN E 249 23.27 -33.16 -15.29
CA ASN E 249 24.68 -32.87 -15.53
C ASN E 249 25.55 -32.59 -14.28
N VAL E 250 24.96 -32.30 -13.13
CA VAL E 250 25.72 -32.02 -11.91
C VAL E 250 26.01 -33.31 -11.11
N PRO E 251 27.07 -33.32 -10.26
CA PRO E 251 27.44 -34.52 -9.47
C PRO E 251 26.34 -35.14 -8.62
N MET E 252 25.41 -34.35 -8.05
CA MET E 252 24.26 -34.94 -7.31
C MET E 252 23.21 -35.54 -8.23
N GLN E 253 23.40 -35.37 -9.53
CA GLN E 253 22.55 -35.93 -10.58
C GLN E 253 21.08 -35.60 -10.38
N ARG E 254 20.81 -34.37 -9.96
CA ARG E 254 19.45 -33.90 -9.84
C ARG E 254 19.45 -32.38 -9.83
N PRO E 255 18.35 -31.75 -10.28
CA PRO E 255 18.31 -30.31 -10.09
C PRO E 255 17.99 -30.08 -8.62
N GLY E 256 18.27 -28.87 -8.12
CA GLY E 256 17.93 -28.51 -6.77
C GLY E 256 16.52 -27.93 -6.76
N GLN E 257 15.85 -28.02 -5.61
CA GLN E 257 14.53 -27.43 -5.44
C GLN E 257 14.73 -26.04 -4.86
N PRO E 258 13.83 -25.09 -5.20
CA PRO E 258 13.95 -23.72 -4.67
C PRO E 258 14.20 -23.65 -3.16
N TYR E 259 13.52 -24.48 -2.38
CA TYR E 259 13.70 -24.42 -0.93
C TYR E 259 15.15 -24.70 -0.53
N GLU E 260 15.91 -25.37 -1.37
CA GLU E 260 17.32 -25.64 -1.07
C GLU E 260 18.24 -24.44 -1.23
N LEU E 261 17.77 -23.40 -1.91
N LEU E 261 17.76 -23.40 -1.91
CA LEU E 261 18.57 -22.17 -2.00
CA LEU E 261 18.52 -22.15 -2.01
C LEU E 261 18.29 -21.18 -0.88
C LEU E 261 18.31 -21.23 -0.82
N ALA E 262 17.10 -21.24 -0.27
CA ALA E 262 16.75 -20.29 0.78
C ALA E 262 17.69 -20.17 1.96
N PRO E 263 18.21 -21.31 2.52
CA PRO E 263 19.05 -21.06 3.69
C PRO E 263 20.31 -20.26 3.45
N ALA E 264 20.88 -20.37 2.24
CA ALA E 264 22.06 -19.57 1.87
C ALA E 264 21.69 -18.08 1.94
N TYR E 265 20.52 -17.72 1.41
CA TYR E 265 20.05 -16.31 1.51
C TYR E 265 19.85 -15.86 2.96
N VAL E 266 19.29 -16.76 3.76
CA VAL E 266 19.10 -16.46 5.19
C VAL E 266 20.43 -16.23 5.85
N TYR E 267 21.40 -17.11 5.53
CA TYR E 267 22.72 -16.98 6.10
C TYR E 267 23.32 -15.61 5.71
N LEU E 268 23.26 -15.26 4.44
CA LEU E 268 23.84 -13.99 3.95
C LEU E 268 23.09 -12.72 4.42
N ALA E 269 21.78 -12.83 4.67
CA ALA E 269 20.95 -11.69 5.07
C ALA E 269 21.04 -11.38 6.55
N SER E 270 21.38 -12.39 7.36
CA SER E 270 21.37 -12.24 8.82
C SER E 270 22.72 -11.90 9.39
N SER E 271 22.74 -11.61 10.67
CA SER E 271 24.01 -11.31 11.35
C SER E 271 24.87 -12.58 11.54
N ASP E 272 24.33 -13.72 11.13
CA ASP E 272 25.11 -14.94 11.08
C ASP E 272 26.37 -14.80 10.18
N SER E 273 26.28 -13.95 9.15
CA SER E 273 27.39 -13.68 8.23
C SER E 273 28.02 -12.28 8.41
N SER E 274 28.05 -11.78 9.64
CA SER E 274 28.56 -10.47 10.00
C SER E 274 30.00 -10.21 9.57
N TYR E 275 30.81 -11.28 9.37
CA TYR E 275 32.21 -11.14 8.92
C TYR E 275 32.37 -11.54 7.44
N VAL E 276 31.28 -11.56 6.70
CA VAL E 276 31.28 -11.93 5.32
C VAL E 276 30.75 -10.82 4.39
N THR E 277 31.63 -10.37 3.51
CA THR E 277 31.23 -9.46 2.46
C THR E 277 32.09 -9.72 1.21
N GLY E 278 31.52 -9.49 0.04
CA GLY E 278 32.21 -9.68 -1.25
C GLY E 278 32.23 -11.12 -1.78
N GLN E 279 31.50 -12.02 -1.14
CA GLN E 279 31.61 -13.44 -1.44
C GLN E 279 30.39 -14.00 -2.18
N MET E 280 30.57 -15.23 -2.64
CA MET E 280 29.55 -15.96 -3.37
C MET E 280 29.32 -17.32 -2.68
N ILE E 281 28.06 -17.69 -2.46
CA ILE E 281 27.76 -19.03 -1.95
C ILE E 281 27.30 -19.86 -3.16
N HIS E 282 28.00 -20.94 -3.45
CA HIS E 282 27.68 -21.80 -4.58
C HIS E 282 26.75 -22.96 -4.19
N VAL E 283 25.52 -22.94 -4.71
CA VAL E 283 24.48 -23.90 -4.38
C VAL E 283 24.08 -24.56 -5.71
N ASN E 284 24.81 -25.61 -6.07
CA ASN E 284 24.74 -26.13 -7.42
C ASN E 284 24.89 -27.60 -7.63
N GLY E 285 24.62 -28.43 -6.63
CA GLY E 285 24.71 -29.90 -6.82
C GLY E 285 26.11 -30.51 -6.84
N GLY E 286 27.13 -29.71 -6.52
CA GLY E 286 28.50 -30.23 -6.43
C GLY E 286 29.46 -29.88 -7.55
N VAL E 287 29.09 -28.90 -8.38
CA VAL E 287 29.97 -28.52 -9.47
C VAL E 287 31.13 -27.73 -8.88
N ILE E 288 32.35 -28.17 -9.15
CA ILE E 288 33.52 -27.46 -8.62
C ILE E 288 33.73 -26.25 -9.52
N VAL E 289 33.86 -25.07 -8.92
CA VAL E 289 34.02 -23.82 -9.67
C VAL E 289 35.25 -23.06 -9.20
N ASN E 290 36.20 -23.77 -8.58
CA ASN E 290 37.40 -23.19 -8.00
C ASN E 290 37.12 -22.13 -6.90
N GLY E 291 35.98 -22.29 -6.20
CA GLY E 291 35.58 -21.36 -5.17
C GLY E 291 36.32 -21.45 -3.84
N PRO F 22 50.18 -25.54 20.75
CA PRO F 22 48.92 -24.79 20.64
C PRO F 22 48.73 -23.79 21.78
N GLY F 23 48.08 -22.66 21.50
CA GLY F 23 47.86 -21.63 22.50
C GLY F 23 46.74 -21.95 23.47
N ILE F 24 46.80 -21.31 24.64
CA ILE F 24 45.79 -21.43 25.70
C ILE F 24 44.84 -20.21 25.59
N GLU F 25 43.56 -20.46 25.38
CA GLU F 25 42.56 -19.40 25.23
C GLU F 25 42.36 -18.59 26.53
N SER F 26 42.52 -19.25 27.68
CA SER F 26 42.33 -18.61 28.99
C SER F 26 43.37 -17.55 29.32
N LEU F 27 44.50 -17.56 28.61
CA LEU F 27 45.56 -16.58 28.82
C LEU F 27 45.48 -15.36 27.86
N MET F 28 44.41 -15.26 27.06
CA MET F 28 44.26 -14.20 26.06
C MET F 28 43.53 -12.91 26.51
N ASN F 29 44.08 -11.75 26.16
CA ASN F 29 43.47 -10.46 26.47
C ASN F 29 43.27 -9.57 25.24
N PRO F 30 42.01 -9.35 24.81
CA PRO F 30 40.76 -9.83 25.38
C PRO F 30 40.55 -11.29 25.03
N LEU F 31 39.68 -11.96 25.78
CA LEU F 31 39.37 -13.34 25.50
C LEU F 31 38.57 -13.32 24.18
N PRO F 32 38.81 -14.31 23.32
CA PRO F 32 38.00 -14.32 22.11
C PRO F 32 36.54 -14.46 22.46
N GLN F 33 35.67 -13.92 21.62
CA GLN F 33 34.24 -14.11 21.82
C GLN F 33 33.90 -15.37 21.03
N PHE F 34 33.71 -16.47 21.75
CA PHE F 34 33.43 -17.76 21.13
C PHE F 34 31.96 -18.06 21.07
N GLU F 35 31.20 -17.22 21.72
CA GLU F 35 29.78 -17.39 21.81
C GLU F 35 29.06 -16.08 21.47
N ASP F 36 28.03 -16.18 20.65
CA ASP F 36 27.18 -15.06 20.35
C ASP F 36 26.07 -15.05 21.42
N PRO F 37 25.99 -13.97 22.23
CA PRO F 37 24.93 -13.94 23.27
C PRO F 37 23.52 -14.07 22.70
N ASN F 38 23.31 -13.61 21.47
CA ASN F 38 22.00 -13.65 20.87
C ASN F 38 21.73 -14.91 20.07
N TYR F 39 22.63 -15.89 20.15
CA TYR F 39 22.47 -17.14 19.41
C TYR F 39 21.18 -17.81 19.78
N LYS F 40 20.37 -18.16 18.78
CA LYS F 40 19.13 -18.92 19.01
C LYS F 40 19.18 -20.20 18.19
N GLY F 41 19.25 -21.34 18.88
CA GLY F 41 19.26 -22.63 18.20
C GLY F 41 17.87 -22.98 17.71
N SER F 42 17.79 -23.91 16.77
CA SER F 42 16.51 -24.33 16.24
C SER F 42 16.59 -25.78 15.83
N GLU F 43 17.33 -26.55 16.62
CA GLU F 43 17.46 -28.00 16.42
C GLU F 43 17.95 -28.41 15.07
N LYS F 44 18.81 -27.58 14.47
CA LYS F 44 19.33 -27.87 13.14
C LYS F 44 20.17 -29.15 13.07
N LEU F 45 20.77 -29.57 14.20
CA LEU F 45 21.62 -30.77 14.25
C LEU F 45 21.14 -31.77 15.31
N LYS F 46 19.83 -31.76 15.57
CA LYS F 46 19.23 -32.57 16.62
C LYS F 46 19.60 -34.07 16.54
N GLY F 47 20.22 -34.58 17.60
CA GLY F 47 20.60 -35.99 17.68
C GLY F 47 21.84 -36.35 16.87
N LYS F 48 22.42 -35.38 16.17
CA LYS F 48 23.61 -35.64 15.39
C LYS F 48 24.84 -35.80 16.27
N ASN F 49 25.73 -36.70 15.85
CA ASN F 49 26.96 -36.97 16.56
C ASN F 49 28.08 -36.39 15.75
N VAL F 50 28.89 -35.57 16.39
CA VAL F 50 29.95 -34.83 15.71
C VAL F 50 31.32 -35.08 16.33
N LEU F 51 32.34 -35.14 15.48
CA LEU F 51 33.72 -35.21 15.92
C LEU F 51 34.35 -33.97 15.33
N ILE F 52 35.01 -33.20 16.18
N ILE F 52 34.99 -33.17 16.17
CA ILE F 52 35.68 -31.97 15.78
CA ILE F 52 35.69 -31.98 15.72
C ILE F 52 37.13 -31.94 16.26
C ILE F 52 37.13 -31.97 16.25
N THR F 53 38.08 -31.95 15.33
CA THR F 53 39.51 -31.89 15.67
C THR F 53 39.86 -30.41 15.91
N GLY F 54 40.57 -30.14 17.00
CA GLY F 54 40.87 -28.77 17.40
C GLY F 54 39.59 -28.06 17.87
N GLY F 55 38.69 -28.80 18.49
CA GLY F 55 37.43 -28.23 18.99
C GLY F 55 37.46 -27.63 20.39
N ASP F 56 38.64 -27.50 20.96
CA ASP F 56 38.84 -27.04 22.34
C ASP F 56 39.01 -25.54 22.54
N SER F 57 39.35 -24.82 21.48
CA SER F 57 39.56 -23.37 21.56
C SER F 57 39.35 -22.72 20.19
N GLY F 58 39.45 -21.40 20.16
CA GLY F 58 39.31 -20.63 18.93
C GLY F 58 38.03 -20.96 18.19
N ILE F 59 38.17 -21.08 16.88
CA ILE F 59 37.06 -21.42 16.00
C ILE F 59 36.40 -22.78 16.38
N GLY F 60 37.22 -23.78 16.65
CA GLY F 60 36.70 -25.10 17.02
C GLY F 60 35.80 -25.06 18.25
N ARG F 61 36.18 -24.26 19.24
CA ARG F 61 35.35 -24.07 20.43
C ARG F 61 33.99 -23.47 20.08
N ALA F 62 34.00 -22.37 19.33
CA ALA F 62 32.78 -21.69 18.85
C ALA F 62 31.86 -22.68 18.10
N VAL F 63 32.46 -23.49 17.22
CA VAL F 63 31.71 -24.48 16.46
C VAL F 63 31.14 -25.56 17.37
N SER F 64 31.96 -26.08 18.31
CA SER F 64 31.48 -27.04 19.29
C SER F 64 30.25 -26.51 20.02
N ILE F 65 30.37 -25.29 20.50
CA ILE F 65 29.29 -24.67 21.27
C ILE F 65 28.03 -24.41 20.42
N ALA F 66 28.18 -23.90 19.19
CA ALA F 66 27.01 -23.66 18.32
C ALA F 66 26.33 -24.99 17.95
N PHE F 67 27.12 -26.00 17.65
CA PHE F 67 26.58 -27.34 17.31
C PHE F 67 25.79 -27.87 18.49
N ALA F 68 26.32 -27.70 19.70
CA ALA F 68 25.60 -28.10 20.91
C ALA F 68 24.24 -27.36 21.02
N LYS F 69 24.24 -26.06 20.75
CA LYS F 69 23.00 -25.30 20.76
C LYS F 69 21.99 -25.76 19.71
N GLU F 70 22.46 -26.41 18.65
CA GLU F 70 21.62 -26.94 17.60
C GLU F 70 21.27 -28.37 17.91
N GLY F 71 21.73 -28.84 19.06
CA GLY F 71 21.34 -30.13 19.57
C GLY F 71 22.24 -31.30 19.24
N ALA F 72 23.47 -31.05 18.78
CA ALA F 72 24.43 -32.14 18.45
C ALA F 72 25.28 -32.55 19.65
N ASN F 73 25.59 -33.84 19.71
CA ASN F 73 26.52 -34.38 20.71
C ASN F 73 27.89 -34.17 20.12
N ILE F 74 28.84 -33.71 20.94
CA ILE F 74 30.16 -33.30 20.46
C ILE F 74 31.34 -34.08 21.05
N ALA F 75 32.17 -34.65 20.18
CA ALA F 75 33.45 -35.26 20.54
C ALA F 75 34.51 -34.27 20.09
N ILE F 76 35.38 -33.88 21.01
CA ILE F 76 36.39 -32.88 20.77
C ILE F 76 37.79 -33.45 20.91
N ALA F 77 38.54 -33.43 19.81
CA ALA F 77 39.91 -33.89 19.81
C ALA F 77 40.77 -32.64 19.91
N TYR F 78 41.87 -32.74 20.63
CA TYR F 78 42.78 -31.62 20.84
C TYR F 78 44.11 -32.22 21.27
N LEU F 79 45.18 -31.43 21.27
CA LEU F 79 46.49 -31.97 21.65
C LEU F 79 46.63 -32.24 23.15
N ASP F 80 46.69 -31.18 23.93
CA ASP F 80 46.95 -31.28 25.36
C ASP F 80 46.40 -30.14 26.24
N GLU F 81 45.62 -29.25 25.65
CA GLU F 81 45.15 -28.07 26.38
C GLU F 81 43.92 -28.47 27.22
N GLU F 82 44.19 -29.12 28.35
CA GLU F 82 43.09 -29.68 29.16
C GLU F 82 42.17 -28.63 29.73
N GLY F 83 42.72 -27.50 30.18
CA GLY F 83 41.90 -26.42 30.72
C GLY F 83 40.89 -25.96 29.68
N ASP F 84 41.41 -25.55 28.53
CA ASP F 84 40.54 -25.08 27.43
C ASP F 84 39.54 -26.16 27.01
N ALA F 85 39.99 -27.40 26.94
CA ALA F 85 39.08 -28.46 26.59
C ALA F 85 37.98 -28.60 27.64
N ASN F 86 38.35 -28.46 28.91
N ASN F 86 38.32 -28.47 28.93
CA ASN F 86 37.40 -28.58 29.98
CA ASN F 86 37.30 -28.57 30.00
C ASN F 86 36.39 -27.43 29.97
C ASN F 86 36.30 -27.45 29.90
N GLU F 87 36.87 -26.22 29.72
N GLU F 87 36.82 -26.24 29.76
CA GLU F 87 35.99 -25.06 29.61
CA GLU F 87 36.02 -25.06 29.59
C GLU F 87 34.99 -25.32 28.48
C GLU F 87 35.01 -25.29 28.47
N THR F 88 35.46 -25.77 27.32
CA THR F 88 34.55 -26.01 26.18
C THR F 88 33.49 -27.04 26.52
N LYS F 89 33.96 -28.09 27.20
N LYS F 89 33.95 -28.10 27.18
CA LYS F 89 33.11 -29.18 27.63
CA LYS F 89 33.07 -29.18 27.59
C LYS F 89 31.93 -28.67 28.45
C LYS F 89 31.93 -28.69 28.47
N GLN F 90 32.23 -27.80 29.41
CA GLN F 90 31.20 -27.22 30.26
C GLN F 90 30.20 -26.34 29.46
N TYR F 91 30.66 -25.65 28.43
CA TYR F 91 29.72 -24.87 27.62
C TYR F 91 28.86 -25.79 26.79
N VAL F 92 29.45 -26.89 26.30
CA VAL F 92 28.71 -27.86 25.50
C VAL F 92 27.61 -28.59 26.31
N GLU F 93 27.99 -29.13 27.47
CA GLU F 93 27.04 -29.89 28.30
C GLU F 93 25.94 -29.02 28.88
N LYS F 94 26.23 -27.73 29.07
CA LYS F 94 25.20 -26.77 29.47
C LYS F 94 23.98 -26.84 28.53
N GLU F 95 24.20 -27.20 27.26
CA GLU F 95 23.11 -27.26 26.30
C GLU F 95 22.36 -28.59 26.36
N GLY F 96 22.68 -29.42 27.35
CA GLY F 96 22.02 -30.70 27.51
C GLY F 96 22.42 -31.79 26.54
N VAL F 97 23.56 -31.66 25.89
CA VAL F 97 24.02 -32.69 24.96
C VAL F 97 25.24 -33.40 25.54
N LYS F 98 25.67 -34.51 24.92
CA LYS F 98 26.85 -35.28 25.38
C LYS F 98 28.12 -34.65 24.83
N CYS F 99 29.17 -34.67 25.63
CA CYS F 99 30.48 -34.18 25.22
C CYS F 99 31.55 -35.19 25.62
N VAL F 100 32.40 -35.60 24.67
CA VAL F 100 33.48 -36.54 24.90
C VAL F 100 34.77 -35.82 24.61
N LEU F 101 35.73 -35.92 25.51
CA LEU F 101 37.02 -35.27 25.33
C LEU F 101 38.07 -36.29 24.84
N LEU F 102 38.73 -35.97 23.73
CA LEU F 102 39.68 -36.87 23.11
C LEU F 102 41.07 -36.25 22.95
N PRO F 103 41.86 -36.22 24.03
CA PRO F 103 43.18 -35.61 23.88
C PRO F 103 44.16 -36.50 23.11
N GLY F 104 45.26 -35.91 22.63
CA GLY F 104 46.30 -36.71 21.92
C GLY F 104 46.82 -36.08 20.63
N ASP F 105 47.96 -36.59 20.16
CA ASP F 105 48.66 -36.05 19.01
C ASP F 105 48.20 -36.66 17.70
N LEU F 106 47.52 -35.84 16.89
CA LEU F 106 46.96 -36.30 15.63
C LEU F 106 47.99 -36.32 14.49
N SER F 107 49.25 -36.03 14.81
CA SER F 107 50.32 -36.19 13.87
C SER F 107 50.70 -37.67 13.75
N ASP F 108 50.12 -38.53 14.61
CA ASP F 108 50.29 -39.99 14.55
C ASP F 108 49.05 -40.65 13.92
N GLU F 109 49.26 -41.44 12.88
CA GLU F 109 48.18 -42.12 12.15
C GLU F 109 47.28 -42.98 13.04
N GLN F 110 47.85 -43.83 13.88
CA GLN F 110 47.03 -44.66 14.75
C GLN F 110 46.08 -43.82 15.64
N HIS F 111 46.58 -42.72 16.18
CA HIS F 111 45.75 -41.87 17.05
C HIS F 111 44.57 -41.29 16.28
N CYS F 112 44.80 -41.00 15.00
CA CYS F 112 43.75 -40.47 14.16
C CYS F 112 42.69 -41.54 14.01
N LYS F 113 43.10 -42.80 13.91
CA LYS F 113 42.13 -43.87 13.78
C LYS F 113 41.42 -44.03 15.12
N ASP F 114 42.16 -43.88 16.21
CA ASP F 114 41.61 -44.06 17.54
C ASP F 114 40.50 -43.04 17.88
N ILE F 115 40.69 -41.76 17.54
CA ILE F 115 39.64 -40.76 17.90
C ILE F 115 38.30 -41.07 17.22
N VAL F 116 38.36 -41.57 15.98
CA VAL F 116 37.13 -41.98 15.30
C VAL F 116 36.51 -43.16 16.03
N GLN F 117 37.30 -44.19 16.31
N GLN F 117 37.28 -44.20 16.31
CA GLN F 117 36.80 -45.36 16.99
CA GLN F 117 36.68 -45.37 16.99
C GLN F 117 36.17 -45.01 18.34
C GLN F 117 36.14 -45.00 18.36
N GLU F 118 36.82 -44.10 19.06
CA GLU F 118 36.39 -43.69 20.37
C GLU F 118 35.11 -42.83 20.28
N THR F 119 35.01 -42.00 19.25
CA THR F 119 33.81 -41.21 19.04
C THR F 119 32.62 -42.16 18.85
N VAL F 120 32.79 -43.20 18.04
CA VAL F 120 31.71 -44.15 17.80
C VAL F 120 31.41 -44.98 19.04
N ARG F 121 32.44 -45.34 19.79
CA ARG F 121 32.19 -46.06 21.04
C ARG F 121 31.40 -45.19 22.06
N GLN F 122 31.77 -43.93 22.24
CA GLN F 122 31.10 -43.13 23.24
C GLN F 122 29.74 -42.59 22.78
N LEU F 123 29.66 -42.05 21.58
CA LEU F 123 28.39 -41.47 21.11
C LEU F 123 27.42 -42.46 20.46
N GLY F 124 27.93 -43.56 19.91
CA GLY F 124 27.08 -44.58 19.31
C GLY F 124 27.23 -44.59 17.80
N SER F 125 27.50 -43.43 17.22
CA SER F 125 27.69 -43.29 15.79
C SER F 125 28.40 -41.98 15.50
N LEU F 126 28.66 -41.73 14.22
CA LEU F 126 29.28 -40.51 13.76
C LEU F 126 28.52 -40.03 12.51
N ASN F 127 28.08 -38.78 12.55
CA ASN F 127 27.33 -38.16 11.46
C ASN F 127 28.08 -37.05 10.77
N ILE F 128 28.82 -36.27 11.54
CA ILE F 128 29.50 -35.08 11.03
C ILE F 128 30.92 -35.03 11.56
N LEU F 129 31.86 -34.82 10.65
CA LEU F 129 33.28 -34.68 10.97
C LEU F 129 33.77 -33.30 10.58
N VAL F 130 34.37 -32.56 11.51
CA VAL F 130 34.95 -31.28 11.22
C VAL F 130 36.46 -31.39 11.47
N ASN F 131 37.23 -31.29 10.39
CA ASN F 131 38.69 -31.33 10.43
C ASN F 131 39.13 -29.89 10.59
N ASN F 132 39.74 -29.59 11.72
CA ASN F 132 40.03 -28.19 12.03
C ASN F 132 41.36 -27.97 12.75
N VAL F 133 42.05 -29.05 13.07
CA VAL F 133 43.31 -28.93 13.75
C VAL F 133 44.35 -28.24 12.84
N ALA F 134 45.26 -27.48 13.44
CA ALA F 134 46.33 -26.86 12.68
C ALA F 134 47.41 -26.29 13.58
N GLN F 135 48.58 -26.13 12.99
CA GLN F 135 49.71 -25.49 13.63
C GLN F 135 50.30 -24.64 12.52
N GLN F 136 50.91 -23.51 12.89
CA GLN F 136 51.55 -22.65 11.90
C GLN F 136 52.83 -22.12 12.52
N TYR F 137 53.91 -22.09 11.73
CA TYR F 137 55.17 -21.58 12.21
C TYR F 137 55.67 -20.53 11.23
N PRO F 138 55.43 -19.25 11.53
CA PRO F 138 55.88 -18.27 10.54
C PRO F 138 57.39 -18.27 10.36
N GLN F 139 57.83 -17.97 9.15
CA GLN F 139 59.26 -17.84 8.85
C GLN F 139 59.41 -16.71 7.81
N GLN F 140 60.57 -16.07 7.78
CA GLN F 140 60.81 -14.96 6.85
C GLN F 140 61.18 -15.40 5.43
N GLY F 141 61.40 -16.69 5.20
CA GLY F 141 61.69 -17.18 3.85
C GLY F 141 61.74 -18.69 3.72
N LEU F 142 61.65 -19.19 2.48
CA LEU F 142 61.72 -20.63 2.22
C LEU F 142 62.98 -21.20 2.89
N GLU F 143 64.06 -20.42 2.85
CA GLU F 143 65.35 -20.80 3.45
C GLU F 143 65.30 -20.98 4.98
N TYR F 144 64.25 -20.48 5.65
CA TYR F 144 64.12 -20.64 7.12
C TYR F 144 63.19 -21.77 7.52
N ILE F 145 62.68 -22.51 6.53
CA ILE F 145 61.79 -23.66 6.79
C ILE F 145 62.67 -24.91 6.69
N THR F 146 62.70 -25.69 7.77
CA THR F 146 63.53 -26.89 7.83
C THR F 146 62.73 -28.09 7.35
N ALA F 147 63.42 -29.15 6.97
CA ALA F 147 62.77 -30.39 6.57
C ALA F 147 61.82 -30.80 7.69
N GLU F 148 62.26 -30.60 8.92
CA GLU F 148 61.48 -30.97 10.09
C GLU F 148 60.19 -30.16 10.19
N GLN F 149 60.29 -28.84 10.01
CA GLN F 149 59.11 -27.98 10.08
C GLN F 149 58.15 -28.28 8.93
N LEU F 150 58.68 -28.37 7.71
CA LEU F 150 57.87 -28.69 6.56
C LEU F 150 57.06 -29.94 6.89
N GLU F 151 57.75 -31.01 7.29
CA GLU F 151 57.05 -32.27 7.60
C GLU F 151 56.06 -32.23 8.78
N LYS F 152 56.42 -31.55 9.87
CA LYS F 152 55.55 -31.47 11.01
C LYS F 152 54.26 -30.71 10.62
N THR F 153 54.46 -29.54 10.00
CA THR F 153 53.35 -28.73 9.55
C THR F 153 52.44 -29.58 8.68
N PHE F 154 52.98 -30.29 7.70
CA PHE F 154 52.14 -31.14 6.84
C PHE F 154 51.42 -32.28 7.56
N ARG F 155 52.13 -32.94 8.47
CA ARG F 155 51.60 -34.10 9.20
C ARG F 155 50.35 -33.74 10.03
N ILE F 156 50.37 -32.59 10.70
CA ILE F 156 49.20 -32.20 11.49
C ILE F 156 48.12 -31.53 10.62
N ASN F 157 48.51 -30.57 9.79
CA ASN F 157 47.55 -29.78 9.06
C ASN F 157 46.83 -30.51 7.95
N ILE F 158 47.46 -31.48 7.29
CA ILE F 158 46.80 -32.21 6.17
C ILE F 158 46.80 -33.72 6.25
N PHE F 159 47.89 -34.34 6.68
CA PHE F 159 47.89 -35.81 6.83
C PHE F 159 46.81 -36.21 7.86
N SER F 160 46.65 -35.44 8.93
CA SER F 160 45.59 -35.74 9.93
C SER F 160 44.20 -35.75 9.30
N TYR F 161 43.93 -34.80 8.41
CA TYR F 161 42.61 -34.75 7.76
C TYR F 161 42.45 -36.01 6.93
N PHE F 162 43.51 -36.43 6.24
CA PHE F 162 43.47 -37.68 5.49
C PHE F 162 43.16 -38.84 6.39
N HIS F 163 43.94 -38.97 7.45
CA HIS F 163 43.80 -40.16 8.30
C HIS F 163 42.49 -40.21 9.09
N VAL F 164 42.10 -39.08 9.66
CA VAL F 164 40.85 -39.02 10.45
C VAL F 164 39.66 -39.30 9.54
N THR F 165 39.60 -38.66 8.37
CA THR F 165 38.48 -38.81 7.41
C THR F 165 38.41 -40.25 6.89
N LYS F 166 39.58 -40.79 6.58
CA LYS F 166 39.70 -42.16 6.12
C LYS F 166 39.07 -43.10 7.12
N ALA F 167 39.41 -42.95 8.39
CA ALA F 167 38.85 -43.85 9.39
C ALA F 167 37.34 -43.58 9.56
N ALA F 168 36.90 -42.32 9.44
CA ALA F 168 35.47 -42.02 9.54
C ALA F 168 34.62 -42.66 8.43
N LEU F 169 35.21 -42.88 7.25
CA LEU F 169 34.44 -43.38 6.13
C LEU F 169 33.68 -44.65 6.41
N SER F 170 34.16 -45.50 7.33
CA SER F 170 33.45 -46.73 7.68
C SER F 170 32.14 -46.43 8.35
N HIS F 171 32.07 -45.27 8.99
CA HIS F 171 30.94 -44.95 9.81
C HIS F 171 29.99 -43.96 9.16
N LEU F 172 30.44 -43.27 8.13
CA LEU F 172 29.61 -42.27 7.47
C LEU F 172 28.68 -42.94 6.48
N LYS F 173 27.44 -42.48 6.49
CA LYS F 173 26.36 -42.99 5.64
C LYS F 173 25.70 -41.85 4.89
N GLN F 174 24.76 -42.21 4.04
CA GLN F 174 24.00 -41.24 3.28
C GLN F 174 23.41 -40.22 4.24
N GLY F 175 23.63 -38.94 3.96
CA GLY F 175 23.12 -37.83 4.82
C GLY F 175 24.17 -37.24 5.76
N ASP F 176 25.32 -37.88 5.81
CA ASP F 176 26.42 -37.46 6.66
C ASP F 176 27.26 -36.39 5.96
N VAL F 177 28.13 -35.77 6.73
CA VAL F 177 28.84 -34.59 6.28
C VAL F 177 30.23 -34.45 6.83
N ILE F 178 31.13 -33.93 5.98
CA ILE F 178 32.50 -33.59 6.35
C ILE F 178 32.66 -32.07 6.09
N ILE F 179 33.29 -31.35 7.02
CA ILE F 179 33.64 -29.97 6.86
C ILE F 179 35.13 -29.84 7.18
N ASN F 180 35.87 -29.17 6.31
CA ASN F 180 37.30 -28.94 6.50
C ASN F 180 37.61 -27.47 6.65
N THR F 181 38.41 -27.11 7.63
CA THR F 181 38.84 -25.76 7.80
C THR F 181 40.09 -25.52 6.98
N ALA F 182 40.01 -24.63 5.99
CA ALA F 182 41.18 -24.28 5.20
C ALA F 182 41.58 -22.91 5.72
N SER F 183 41.78 -21.97 4.82
CA SER F 183 42.22 -20.63 5.18
C SER F 183 42.31 -19.75 3.95
N ILE F 184 42.05 -18.45 4.18
CA ILE F 184 42.24 -17.47 3.14
C ILE F 184 43.64 -17.61 2.48
N VAL F 185 44.66 -18.11 3.22
CA VAL F 185 46.02 -18.20 2.65
C VAL F 185 46.09 -19.16 1.48
N ALA F 186 45.18 -20.14 1.39
CA ALA F 186 45.13 -21.06 0.25
C ALA F 186 44.89 -20.30 -1.03
N TYR F 187 44.10 -19.25 -0.93
CA TYR F 187 43.66 -18.43 -2.08
C TYR F 187 44.48 -17.18 -2.37
N GLU F 188 45.02 -16.58 -1.32
CA GLU F 188 45.74 -15.30 -1.41
C GLU F 188 47.25 -15.43 -1.28
N GLY F 189 47.68 -16.53 -0.68
CA GLY F 189 49.08 -16.74 -0.43
C GLY F 189 49.48 -15.99 0.83
N ASN F 190 50.57 -16.40 1.44
CA ASN F 190 51.13 -15.70 2.59
C ASN F 190 52.64 -15.91 2.58
N GLU F 191 53.37 -14.81 2.35
CA GLU F 191 54.82 -14.83 2.23
C GLU F 191 55.56 -15.33 3.49
N THR F 192 55.00 -15.09 4.68
CA THR F 192 55.66 -15.51 5.94
C THR F 192 55.16 -16.87 6.48
N LEU F 193 54.30 -17.53 5.71
CA LEU F 193 53.70 -18.82 6.05
C LEU F 193 53.62 -19.68 4.80
N ILE F 194 54.75 -19.91 4.17
CA ILE F 194 54.78 -20.63 2.90
C ILE F 194 54.32 -22.08 3.06
N ASP F 195 54.85 -22.78 4.06
CA ASP F 195 54.49 -24.19 4.27
C ASP F 195 53.05 -24.36 4.73
N TYR F 196 52.64 -23.55 5.71
CA TYR F 196 51.25 -23.55 6.16
C TYR F 196 50.29 -23.33 4.98
N SER F 197 50.59 -22.36 4.12
CA SER F 197 49.74 -22.06 2.96
C SER F 197 49.57 -23.28 2.09
N ALA F 198 50.70 -23.95 1.84
CA ALA F 198 50.73 -25.14 1.04
C ALA F 198 49.79 -26.15 1.61
N THR F 199 49.85 -26.37 2.93
CA THR F 199 48.95 -27.34 3.58
C THR F 199 47.48 -26.93 3.42
N LYS F 200 47.21 -25.63 3.49
CA LYS F 200 45.85 -25.14 3.30
C LYS F 200 45.43 -25.31 1.83
N GLY F 201 46.34 -25.05 0.90
CA GLY F 201 46.03 -25.35 -0.50
C GLY F 201 45.73 -26.84 -0.68
N ALA F 202 46.37 -27.70 0.09
CA ALA F 202 46.13 -29.16 -0.01
C ALA F 202 44.72 -29.53 0.46
N ILE F 203 44.28 -28.86 1.53
CA ILE F 203 42.97 -29.04 2.11
C ILE F 203 41.92 -28.64 1.11
N VAL F 204 42.17 -27.53 0.41
CA VAL F 204 41.21 -27.09 -0.60
C VAL F 204 41.05 -28.17 -1.68
N ALA F 205 42.16 -28.63 -2.25
CA ALA F 205 42.11 -29.65 -3.29
C ALA F 205 41.48 -30.95 -2.76
N PHE F 206 41.80 -31.30 -1.53
CA PHE F 206 41.26 -32.47 -0.82
C PHE F 206 39.74 -32.40 -0.75
N THR F 207 39.23 -31.23 -0.38
CA THR F 207 37.80 -31.01 -0.25
C THR F 207 37.12 -31.21 -1.57
N ARG F 208 37.66 -30.60 -2.61
CA ARG F 208 37.09 -30.73 -3.93
C ARG F 208 37.07 -32.19 -4.43
N SER F 209 38.20 -32.88 -4.31
CA SER F 209 38.27 -34.27 -4.78
C SER F 209 37.41 -35.25 -3.99
N LEU F 210 37.50 -35.14 -2.67
CA LEU F 210 36.72 -36.01 -1.82
C LEU F 210 35.21 -35.76 -2.03
N SER F 211 34.83 -34.53 -2.35
CA SER F 211 33.40 -34.25 -2.59
C SER F 211 32.94 -35.04 -3.78
N GLN F 212 33.72 -35.05 -4.84
CA GLN F 212 33.34 -35.80 -6.04
C GLN F 212 33.36 -37.33 -5.75
N SER F 213 34.28 -37.77 -4.90
CA SER F 213 34.37 -39.21 -4.54
C SER F 213 33.15 -39.73 -3.77
N LEU F 214 32.59 -38.90 -2.90
CA LEU F 214 31.54 -39.34 -2.00
C LEU F 214 30.12 -38.94 -2.36
N VAL F 215 29.98 -38.14 -3.42
CA VAL F 215 28.67 -37.57 -3.76
C VAL F 215 27.60 -38.64 -3.98
N GLN F 216 27.99 -39.76 -4.60
CA GLN F 216 27.05 -40.86 -4.86
C GLN F 216 26.70 -41.66 -3.60
N LYS F 217 27.56 -41.61 -2.59
CA LYS F 217 27.27 -42.20 -1.29
C LYS F 217 26.40 -41.27 -0.41
N GLY F 218 25.97 -40.12 -0.93
CA GLY F 218 25.17 -39.18 -0.16
C GLY F 218 25.92 -38.54 0.99
N ILE F 219 27.24 -38.37 0.86
CA ILE F 219 28.05 -37.71 1.85
C ILE F 219 28.56 -36.38 1.26
N ARG F 220 28.25 -35.26 1.88
CA ARG F 220 28.69 -33.93 1.39
C ARG F 220 30.00 -33.51 2.07
N VAL F 221 30.86 -32.82 1.32
CA VAL F 221 32.19 -32.36 1.76
C VAL F 221 32.37 -30.90 1.30
N ASN F 222 32.59 -30.02 2.24
CA ASN F 222 32.75 -28.58 1.99
C ASN F 222 33.78 -28.03 2.95
N GLY F 223 34.19 -26.79 2.72
CA GLY F 223 35.13 -26.15 3.62
C GLY F 223 34.77 -24.74 4.04
N VAL F 224 35.46 -24.24 5.06
CA VAL F 224 35.32 -22.87 5.48
C VAL F 224 36.72 -22.30 5.41
N ALA F 225 36.84 -21.10 4.83
CA ALA F 225 38.17 -20.49 4.70
C ALA F 225 38.19 -19.21 5.54
N PRO F 226 38.59 -19.30 6.81
CA PRO F 226 38.63 -18.12 7.63
C PRO F 226 39.70 -17.11 7.25
N GLY F 227 39.40 -15.83 7.49
CA GLY F 227 40.39 -14.74 7.39
C GLY F 227 41.04 -14.63 8.76
N PRO F 228 41.49 -13.43 9.16
CA PRO F 228 42.11 -13.34 10.50
C PRO F 228 41.08 -13.42 11.63
N ILE F 229 41.16 -14.46 12.45
CA ILE F 229 40.21 -14.67 13.56
C ILE F 229 40.95 -14.68 14.89
N TRP F 230 40.40 -13.97 15.87
CA TRP F 230 41.01 -13.88 17.19
C TRP F 230 40.91 -15.23 17.95
N THR F 231 42.01 -16.00 17.93
CA THR F 231 42.08 -17.33 18.56
C THR F 231 43.48 -17.57 19.16
N PRO F 232 43.64 -18.61 20.02
CA PRO F 232 44.97 -18.90 20.59
C PRO F 232 46.10 -19.18 19.55
N LEU F 233 45.74 -19.49 18.30
CA LEU F 233 46.73 -19.73 17.24
C LEU F 233 47.56 -18.49 16.92
N ILE F 234 46.99 -17.32 17.15
CA ILE F 234 47.62 -16.03 16.81
C ILE F 234 48.73 -15.59 17.80
N PRO F 235 48.41 -15.36 19.10
CA PRO F 235 49.48 -14.96 20.05
C PRO F 235 50.60 -15.99 20.27
N SER F 236 50.30 -17.28 20.10
CA SER F 236 51.32 -18.32 20.23
C SER F 236 52.29 -18.27 19.04
N SER F 237 51.77 -18.13 17.82
CA SER F 237 52.61 -18.09 16.59
C SER F 237 53.25 -16.72 16.30
N PHE F 238 52.44 -15.67 16.20
CA PHE F 238 52.93 -14.30 15.90
C PHE F 238 53.43 -13.57 17.15
N ASP F 239 54.32 -12.59 16.97
CA ASP F 239 54.86 -11.79 18.08
C ASP F 239 53.95 -10.59 18.44
N GLU F 240 54.27 -9.91 19.54
CA GLU F 240 53.47 -8.76 20.04
C GLU F 240 52.96 -7.77 19.01
N LYS F 241 53.86 -7.28 18.15
CA LYS F 241 53.52 -6.27 17.15
C LYS F 241 52.53 -6.82 16.12
N LYS F 242 52.87 -7.99 15.58
CA LYS F 242 52.03 -8.66 14.59
C LYS F 242 50.66 -8.93 15.21
N VAL F 243 50.67 -9.46 16.43
CA VAL F 243 49.44 -9.70 17.19
C VAL F 243 48.66 -8.41 17.41
N SER F 244 49.34 -7.33 17.85
CA SER F 244 48.67 -6.04 18.13
C SER F 244 47.95 -5.43 16.94
N GLN F 245 48.52 -5.60 15.75
CA GLN F 245 47.99 -5.05 14.49
C GLN F 245 47.13 -6.06 13.72
N PHE F 246 46.84 -7.21 14.36
CA PHE F 246 46.09 -8.32 13.76
C PHE F 246 44.66 -7.93 13.32
N GLY F 247 44.31 -8.25 12.07
CA GLY F 247 42.98 -7.96 11.53
C GLY F 247 42.81 -6.63 10.83
N SER F 248 43.67 -5.65 11.14
CA SER F 248 43.59 -4.30 10.54
C SER F 248 43.81 -4.29 9.02
N ASN F 249 44.28 -5.38 8.46
CA ASN F 249 44.54 -5.46 7.03
C ASN F 249 43.32 -5.76 6.14
N VAL F 250 42.22 -6.22 6.72
CA VAL F 250 41.06 -6.63 5.91
C VAL F 250 40.06 -5.48 5.75
N PRO F 251 39.26 -5.49 4.68
CA PRO F 251 38.31 -4.37 4.44
C PRO F 251 37.44 -3.96 5.66
N MET F 252 37.00 -4.91 6.50
CA MET F 252 36.20 -4.56 7.71
C MET F 252 37.06 -3.99 8.84
N GLN F 253 38.36 -3.90 8.60
CA GLN F 253 39.35 -3.32 9.50
C GLN F 253 39.32 -3.89 10.90
N ARG F 254 39.09 -5.19 11.00
CA ARG F 254 39.10 -5.87 12.29
C ARG F 254 39.28 -7.38 12.07
N PRO F 255 39.80 -8.08 13.10
CA PRO F 255 39.83 -9.52 12.92
C PRO F 255 38.43 -9.97 13.28
N GLY F 256 38.07 -11.18 12.89
CA GLY F 256 36.76 -11.71 13.26
C GLY F 256 36.87 -12.39 14.61
N GLN F 257 35.71 -12.58 15.26
CA GLN F 257 35.63 -13.30 16.50
C GLN F 257 35.19 -14.73 16.15
N PRO F 258 35.65 -15.73 16.93
CA PRO F 258 35.31 -17.09 16.60
C PRO F 258 33.81 -17.35 16.45
N TYR F 259 32.97 -16.69 17.23
CA TYR F 259 31.55 -16.93 17.10
C TYR F 259 31.08 -16.58 15.69
N GLU F 260 31.79 -15.66 15.01
CA GLU F 260 31.36 -15.23 13.66
C GLU F 260 31.58 -16.30 12.58
N LEU F 261 32.40 -17.30 12.89
N LEU F 261 32.38 -17.32 12.90
CA LEU F 261 32.65 -18.42 12.00
CA LEU F 261 32.65 -18.43 12.01
C LEU F 261 31.65 -19.57 12.20
C LEU F 261 31.67 -19.58 12.21
N ALA F 262 31.12 -19.71 13.42
CA ALA F 262 30.23 -20.84 13.74
C ALA F 262 29.01 -21.07 12.81
N PRO F 263 28.24 -19.99 12.45
CA PRO F 263 27.08 -20.20 11.57
C PRO F 263 27.42 -20.74 10.18
N ALA F 264 28.61 -20.45 9.67
CA ALA F 264 29.04 -21.05 8.39
C ALA F 264 29.19 -22.59 8.55
N TYR F 265 29.71 -23.05 9.68
CA TYR F 265 29.81 -24.50 9.96
C TYR F 265 28.43 -25.14 10.16
N VAL F 266 27.52 -24.41 10.82
CA VAL F 266 26.15 -24.88 11.04
C VAL F 266 25.45 -25.02 9.71
N TYR F 267 25.55 -24.03 8.85
CA TYR F 267 24.99 -24.09 7.51
C TYR F 267 25.52 -25.34 6.78
N LEU F 268 26.83 -25.54 6.78
CA LEU F 268 27.45 -26.69 6.05
C LEU F 268 27.18 -28.07 6.66
N ALA F 269 26.90 -28.13 7.96
CA ALA F 269 26.65 -29.39 8.66
C ALA F 269 25.22 -29.87 8.61
N SER F 270 24.27 -28.97 8.39
CA SER F 270 22.86 -29.32 8.42
C SER F 270 22.28 -29.49 7.04
N SER F 271 21.01 -29.89 7.02
CA SER F 271 20.22 -30.01 5.80
C SER F 271 20.02 -28.69 5.10
N ASP F 272 20.35 -27.58 5.76
CA ASP F 272 20.24 -26.28 5.13
C ASP F 272 21.05 -26.24 3.82
N SER F 273 22.15 -27.00 3.76
CA SER F 273 23.03 -27.05 2.61
C SER F 273 22.98 -28.36 1.83
N SER F 274 21.80 -28.98 1.79
CA SER F 274 21.60 -30.26 1.10
C SER F 274 22.01 -30.25 -0.36
N TYR F 275 21.98 -29.10 -1.02
CA TYR F 275 22.37 -29.06 -2.43
C TYR F 275 23.80 -28.53 -2.61
N VAL F 276 24.60 -28.53 -1.54
CA VAL F 276 25.95 -27.95 -1.56
C VAL F 276 27.02 -28.98 -1.22
N THR F 277 27.99 -29.13 -2.11
CA THR F 277 29.14 -29.99 -1.88
C THR F 277 30.32 -29.51 -2.73
N GLY F 278 31.53 -29.69 -2.19
CA GLY F 278 32.74 -29.31 -2.89
C GLY F 278 33.06 -27.81 -2.83
N GLN F 279 32.34 -27.08 -1.98
CA GLN F 279 32.47 -25.63 -1.91
C GLN F 279 33.23 -25.13 -0.69
N MET F 280 33.55 -23.83 -0.72
CA MET F 280 34.26 -23.15 0.34
C MET F 280 33.46 -21.88 0.72
N ILE F 281 33.24 -21.69 2.03
CA ILE F 281 32.61 -20.48 2.55
C ILE F 281 33.71 -19.58 3.12
N HIS F 282 33.90 -18.41 2.50
CA HIS F 282 34.91 -17.45 2.90
C HIS F 282 34.39 -16.44 3.92
N VAL F 283 34.88 -16.56 5.14
CA VAL F 283 34.49 -15.73 6.27
C VAL F 283 35.74 -14.94 6.66
N ASN F 284 35.97 -13.83 5.96
CA ASN F 284 37.27 -13.17 6.04
C ASN F 284 37.35 -11.66 6.13
N GLY F 285 36.22 -11.02 6.36
CA GLY F 285 36.20 -9.57 6.57
C GLY F 285 36.20 -8.74 5.30
N GLY F 286 35.90 -9.39 4.19
CA GLY F 286 35.78 -8.68 2.92
C GLY F 286 36.88 -8.86 1.91
N VAL F 287 37.83 -9.76 2.17
CA VAL F 287 38.92 -9.95 1.21
C VAL F 287 38.35 -10.67 -0.02
N ILE F 288 38.45 -10.05 -1.18
CA ILE F 288 37.98 -10.67 -2.40
C ILE F 288 38.99 -11.74 -2.85
N VAL F 289 38.50 -12.95 -3.13
CA VAL F 289 39.36 -14.09 -3.53
C VAL F 289 38.88 -14.78 -4.83
N ASN F 290 38.11 -14.06 -5.65
CA ASN F 290 37.59 -14.59 -6.90
C ASN F 290 36.65 -15.75 -6.60
N GLY F 291 36.05 -15.74 -5.42
CA GLY F 291 35.15 -16.84 -5.02
C GLY F 291 33.75 -16.81 -5.64
N PRO G 30 50.90 -45.84 -29.33
CA PRO G 30 50.61 -44.58 -30.03
C PRO G 30 51.37 -43.40 -29.40
N LEU G 31 52.65 -43.26 -29.73
CA LEU G 31 53.45 -42.22 -29.07
C LEU G 31 52.83 -40.83 -29.15
N PRO G 32 53.06 -40.03 -28.12
CA PRO G 32 52.68 -38.65 -28.19
C PRO G 32 53.80 -37.91 -28.91
N GLN G 33 53.49 -36.72 -29.40
CA GLN G 33 54.50 -35.86 -29.99
C GLN G 33 55.04 -35.00 -28.86
N PHE G 34 56.34 -35.08 -28.68
CA PHE G 34 57.03 -34.29 -27.72
C PHE G 34 57.63 -33.09 -28.41
N GLU G 35 57.40 -33.01 -29.71
CA GLU G 35 58.09 -32.01 -30.53
C GLU G 35 57.20 -31.47 -31.64
N ASP G 36 57.35 -30.18 -31.88
CA ASP G 36 56.65 -29.49 -32.94
C ASP G 36 57.69 -29.04 -33.94
N PRO G 37 57.75 -29.71 -35.11
CA PRO G 37 58.78 -29.33 -36.07
C PRO G 37 58.60 -27.90 -36.60
N ASN G 38 57.36 -27.42 -36.62
N ASN G 38 57.37 -27.40 -36.59
CA ASN G 38 57.07 -26.06 -37.06
CA ASN G 38 57.11 -26.07 -37.07
C ASN G 38 57.39 -25.01 -36.00
C ASN G 38 57.38 -25.01 -36.00
N TYR G 39 57.61 -25.42 -34.76
CA TYR G 39 57.90 -24.47 -33.68
C TYR G 39 59.32 -24.04 -33.86
N LYS G 40 59.49 -22.78 -34.24
CA LYS G 40 60.80 -22.20 -34.46
C LYS G 40 61.25 -21.40 -33.27
N GLY G 41 62.38 -21.78 -32.69
CA GLY G 41 62.95 -21.03 -31.58
C GLY G 41 63.37 -19.66 -32.04
N SER G 42 63.51 -18.75 -31.09
CA SER G 42 63.93 -17.39 -31.39
C SER G 42 64.87 -16.85 -30.29
N GLU G 43 65.68 -17.75 -29.73
CA GLU G 43 66.67 -17.38 -28.75
C GLU G 43 66.03 -16.73 -27.52
N LYS G 44 64.84 -17.19 -27.13
CA LYS G 44 64.15 -16.61 -25.99
C LYS G 44 64.88 -16.89 -24.70
N LEU G 45 65.53 -18.04 -24.62
CA LEU G 45 66.27 -18.45 -23.43
C LEU G 45 67.77 -18.65 -23.76
N LYS G 46 68.28 -17.88 -24.73
CA LYS G 46 69.68 -17.99 -25.15
C LYS G 46 70.65 -17.84 -23.98
N GLY G 47 71.40 -18.92 -23.71
CA GLY G 47 72.42 -18.93 -22.67
C GLY G 47 71.95 -19.31 -21.28
N LYS G 48 70.67 -19.15 -21.00
CA LYS G 48 70.14 -19.50 -19.69
C LYS G 48 70.41 -20.96 -19.34
N ASN G 49 70.59 -21.21 -18.04
CA ASN G 49 70.81 -22.53 -17.49
C ASN G 49 69.56 -22.96 -16.70
N VAL G 50 69.07 -24.14 -17.06
CA VAL G 50 67.81 -24.63 -16.56
C VAL G 50 67.93 -25.96 -15.83
N LEU G 51 67.24 -26.03 -14.70
CA LEU G 51 67.11 -27.24 -13.96
C LEU G 51 65.66 -27.66 -14.09
N ILE G 52 65.39 -28.84 -14.66
CA ILE G 52 63.98 -29.34 -14.76
C ILE G 52 63.92 -30.71 -14.09
N THR G 53 63.14 -30.79 -13.00
CA THR G 53 62.95 -32.04 -12.30
C THR G 53 61.88 -32.80 -13.06
N GLY G 54 62.14 -34.08 -13.31
CA GLY G 54 61.21 -34.90 -14.09
C GLY G 54 61.19 -34.42 -15.54
N GLY G 55 62.36 -34.08 -16.07
CA GLY G 55 62.47 -33.61 -17.47
C GLY G 55 62.77 -34.70 -18.50
N ASP G 56 62.68 -35.96 -18.09
CA ASP G 56 63.06 -37.07 -18.93
C ASP G 56 61.94 -37.62 -19.82
N SER G 57 60.68 -37.33 -19.48
CA SER G 57 59.58 -37.81 -20.29
C SER G 57 58.36 -36.87 -20.23
N GLY G 58 57.30 -37.28 -20.92
CA GLY G 58 56.03 -36.55 -20.94
C GLY G 58 56.18 -35.05 -21.17
N ILE G 59 55.54 -34.27 -20.33
CA ILE G 59 55.59 -32.81 -20.46
C ILE G 59 57.00 -32.29 -20.27
N GLY G 60 57.75 -32.89 -19.35
CA GLY G 60 59.09 -32.42 -19.08
C GLY G 60 60.07 -32.61 -20.22
N ARG G 61 59.88 -33.66 -21.01
CA ARG G 61 60.72 -33.90 -22.20
C ARG G 61 60.38 -32.80 -23.20
N ALA G 62 59.08 -32.57 -23.38
CA ALA G 62 58.57 -31.50 -24.25
C ALA G 62 59.20 -30.15 -23.86
N VAL G 63 59.18 -29.83 -22.59
CA VAL G 63 59.71 -28.54 -22.12
C VAL G 63 61.22 -28.51 -22.33
N SER G 64 61.92 -29.58 -21.93
CA SER G 64 63.38 -29.65 -22.07
C SER G 64 63.79 -29.30 -23.50
N ILE G 65 63.13 -29.97 -24.44
CA ILE G 65 63.41 -29.81 -25.87
C ILE G 65 63.12 -28.38 -26.37
N ALA G 66 61.94 -27.83 -26.04
CA ALA G 66 61.60 -26.45 -26.42
C ALA G 66 62.57 -25.41 -25.83
N PHE G 67 63.02 -25.63 -24.60
CA PHE G 67 63.95 -24.71 -23.94
C PHE G 67 65.28 -24.82 -24.66
N ALA G 68 65.61 -26.03 -25.14
CA ALA G 68 66.82 -26.23 -25.91
C ALA G 68 66.66 -25.44 -27.21
N LYS G 69 65.50 -25.58 -27.88
CA LYS G 69 65.27 -24.83 -29.12
C LYS G 69 65.39 -23.33 -28.95
N GLU G 70 65.09 -22.84 -27.75
CA GLU G 70 65.19 -21.41 -27.41
C GLU G 70 66.61 -21.05 -26.90
N GLY G 71 67.50 -22.03 -27.03
CA GLY G 71 68.92 -21.87 -26.74
C GLY G 71 69.34 -22.07 -25.31
N ALA G 72 68.58 -22.85 -24.57
CA ALA G 72 68.87 -23.03 -23.14
C ALA G 72 69.67 -24.27 -22.89
N ASN G 73 70.58 -24.21 -21.91
CA ASN G 73 71.32 -25.41 -21.45
C ASN G 73 70.40 -26.12 -20.42
N ILE G 74 70.26 -27.45 -20.50
CA ILE G 74 69.30 -28.16 -19.60
C ILE G 74 69.92 -29.24 -18.70
N ALA G 75 69.68 -29.12 -17.40
CA ALA G 75 70.06 -30.10 -16.39
C ALA G 75 68.75 -30.81 -16.15
N ILE G 76 68.69 -32.11 -16.41
CA ILE G 76 67.46 -32.86 -16.23
C ILE G 76 67.64 -33.78 -15.06
N ALA G 77 66.85 -33.58 -14.03
CA ALA G 77 66.86 -34.44 -12.88
C ALA G 77 65.73 -35.45 -13.15
N TYR G 78 66.00 -36.73 -12.98
CA TYR G 78 64.98 -37.77 -13.22
C TYR G 78 65.20 -38.90 -12.21
N LEU G 79 64.22 -39.81 -12.15
CA LEU G 79 64.29 -40.89 -11.18
C LEU G 79 65.26 -41.99 -11.63
N ASP G 80 64.76 -42.93 -12.44
CA ASP G 80 65.54 -44.07 -12.84
C ASP G 80 65.36 -44.46 -14.31
N GLU G 81 64.54 -43.71 -15.04
CA GLU G 81 64.24 -44.05 -16.43
C GLU G 81 65.38 -43.59 -17.37
N GLU G 82 66.57 -44.15 -17.15
CA GLU G 82 67.81 -43.80 -17.90
C GLU G 82 67.61 -43.76 -19.42
N GLY G 83 66.84 -44.73 -19.92
CA GLY G 83 66.52 -44.81 -21.35
C GLY G 83 65.76 -43.57 -21.80
N ASP G 84 64.71 -43.19 -21.08
CA ASP G 84 63.94 -41.99 -21.44
C ASP G 84 64.86 -40.76 -21.30
N ALA G 85 65.60 -40.68 -20.19
CA ALA G 85 66.54 -39.59 -19.94
C ALA G 85 67.52 -39.39 -21.12
N ASN G 86 68.11 -40.49 -21.60
CA ASN G 86 69.04 -40.46 -22.76
C ASN G 86 68.42 -39.97 -24.07
N GLU G 87 67.24 -40.51 -24.41
CA GLU G 87 66.51 -40.10 -25.61
C GLU G 87 66.29 -38.59 -25.57
N THR G 88 65.89 -38.08 -24.41
CA THR G 88 65.65 -36.63 -24.23
C THR G 88 66.97 -35.87 -24.38
N LYS G 89 68.04 -36.43 -23.82
CA LYS G 89 69.37 -35.86 -23.91
C LYS G 89 69.69 -35.64 -25.39
N GLN G 90 69.55 -36.72 -26.18
CA GLN G 90 69.80 -36.68 -27.60
C GLN G 90 69.07 -35.48 -28.24
N TYR G 91 67.76 -35.36 -27.99
CA TYR G 91 67.00 -34.26 -28.57
C TYR G 91 67.49 -32.88 -28.14
N VAL G 92 67.83 -32.71 -26.87
CA VAL G 92 68.32 -31.42 -26.36
C VAL G 92 69.64 -31.04 -26.99
N GLU G 93 70.60 -31.98 -27.03
CA GLU G 93 71.90 -31.67 -27.63
C GLU G 93 71.77 -31.35 -29.15
N LYS G 94 70.81 -32.00 -29.80
CA LYS G 94 70.52 -31.78 -31.22
C LYS G 94 70.34 -30.29 -31.54
N GLU G 95 69.95 -29.48 -30.54
CA GLU G 95 69.80 -28.01 -30.70
C GLU G 95 71.06 -27.21 -30.42
N GLY G 96 72.20 -27.88 -30.23
CA GLY G 96 73.45 -27.19 -29.97
C GLY G 96 73.59 -26.59 -28.58
N VAL G 97 72.96 -27.24 -27.59
CA VAL G 97 73.04 -26.81 -26.19
C VAL G 97 73.67 -27.90 -25.30
N LYS G 98 74.15 -27.46 -24.13
CA LYS G 98 74.73 -28.34 -23.13
C LYS G 98 73.56 -29.08 -22.44
N CYS G 99 73.64 -30.40 -22.30
CA CYS G 99 72.61 -31.17 -21.59
C CYS G 99 73.24 -32.03 -20.48
N VAL G 100 72.85 -31.81 -19.23
CA VAL G 100 73.37 -32.58 -18.07
C VAL G 100 72.30 -33.52 -17.49
N LEU G 101 72.62 -34.81 -17.34
CA LEU G 101 71.67 -35.79 -16.78
C LEU G 101 71.99 -36.02 -15.28
N LEU G 102 70.96 -35.92 -14.42
CA LEU G 102 71.18 -36.07 -12.96
C LEU G 102 70.20 -37.09 -12.36
N PRO G 103 70.57 -38.39 -12.39
CA PRO G 103 69.66 -39.40 -11.82
C PRO G 103 69.50 -39.33 -10.29
N GLY G 104 68.47 -40.02 -9.79
CA GLY G 104 68.30 -40.08 -8.35
C GLY G 104 66.93 -39.74 -7.78
N ASP G 105 66.84 -40.00 -6.48
CA ASP G 105 65.62 -39.91 -5.69
C ASP G 105 65.36 -38.52 -5.13
N LEU G 106 64.44 -37.80 -5.78
CA LEU G 106 64.10 -36.46 -5.31
C LEU G 106 63.26 -36.46 -4.01
N SER G 107 62.86 -37.63 -3.55
CA SER G 107 62.16 -37.70 -2.28
C SER G 107 63.17 -37.55 -1.13
N ASP G 108 64.46 -37.63 -1.41
CA ASP G 108 65.47 -37.42 -0.35
C ASP G 108 65.89 -35.97 -0.38
N GLU G 109 65.97 -35.35 0.79
CA GLU G 109 66.29 -33.94 0.88
C GLU G 109 67.66 -33.62 0.34
N GLN G 110 68.67 -34.28 0.89
CA GLN G 110 70.06 -34.07 0.44
C GLN G 110 70.20 -34.17 -1.09
N HIS G 111 69.54 -35.14 -1.71
CA HIS G 111 69.58 -35.27 -3.17
C HIS G 111 69.02 -34.03 -3.88
N CYS G 112 67.96 -33.41 -3.32
CA CYS G 112 67.39 -32.18 -3.91
C CYS G 112 68.46 -31.12 -3.88
N LYS G 113 69.20 -31.04 -2.77
CA LYS G 113 70.31 -30.09 -2.67
C LYS G 113 71.42 -30.47 -3.65
N ASP G 114 71.69 -31.77 -3.75
CA ASP G 114 72.75 -32.22 -4.64
C ASP G 114 72.47 -31.86 -6.12
N ILE G 115 71.23 -32.00 -6.58
CA ILE G 115 70.98 -31.73 -8.00
C ILE G 115 71.20 -30.26 -8.28
N VAL G 116 71.04 -29.42 -7.26
CA VAL G 116 71.19 -27.98 -7.47
C VAL G 116 72.66 -27.66 -7.60
N GLN G 117 73.43 -28.11 -6.62
CA GLN G 117 74.91 -27.94 -6.60
C GLN G 117 75.55 -28.47 -7.87
N GLU G 118 75.09 -29.64 -8.28
CA GLU G 118 75.60 -30.33 -9.45
C GLU G 118 75.26 -29.57 -10.73
N THR G 119 74.07 -28.96 -10.77
CA THR G 119 73.68 -28.17 -11.94
C THR G 119 74.55 -26.93 -12.03
N VAL G 120 74.82 -26.29 -10.90
CA VAL G 120 75.66 -25.10 -10.88
C VAL G 120 77.13 -25.43 -11.26
N ARG G 121 77.69 -26.50 -10.72
CA ARG G 121 79.09 -26.80 -11.04
C ARG G 121 79.23 -27.14 -12.52
N GLN G 122 78.39 -28.05 -13.03
CA GLN G 122 78.44 -28.48 -14.45
C GLN G 122 77.99 -27.43 -15.46
N LEU G 123 76.84 -26.81 -15.22
CA LEU G 123 76.32 -25.76 -16.13
C LEU G 123 76.97 -24.39 -15.90
N GLY G 124 77.43 -24.11 -14.68
CA GLY G 124 78.10 -22.84 -14.40
C GLY G 124 77.30 -21.93 -13.50
N SER G 125 75.99 -21.86 -13.76
CA SER G 125 75.02 -21.08 -12.97
C SER G 125 73.65 -21.73 -13.14
N LEU G 126 72.63 -21.19 -12.45
CA LEU G 126 71.23 -21.63 -12.60
C LEU G 126 70.37 -20.38 -12.70
N ASN G 127 69.63 -20.28 -13.81
CA ASN G 127 68.72 -19.15 -14.04
C ASN G 127 67.26 -19.52 -13.91
N ILE G 128 66.91 -20.74 -14.34
CA ILE G 128 65.51 -21.17 -14.38
C ILE G 128 65.33 -22.56 -13.74
N LEU G 129 64.31 -22.66 -12.89
CA LEU G 129 64.01 -23.88 -12.19
C LEU G 129 62.59 -24.30 -12.53
N VAL G 130 62.43 -25.43 -13.21
CA VAL G 130 61.11 -25.95 -13.49
C VAL G 130 60.94 -27.21 -12.60
N ASN G 131 60.09 -27.07 -11.59
CA ASN G 131 59.74 -28.14 -10.68
C ASN G 131 58.58 -28.85 -11.39
N ASN G 132 58.85 -30.06 -11.85
CA ASN G 132 57.87 -30.78 -12.67
C ASN G 132 57.70 -32.27 -12.30
N VAL G 133 58.51 -32.76 -11.39
CA VAL G 133 58.44 -34.16 -10.98
C VAL G 133 57.14 -34.52 -10.23
N ALA G 134 56.61 -35.70 -10.50
CA ALA G 134 55.39 -36.12 -9.83
C ALA G 134 55.12 -37.59 -10.03
N GLN G 135 54.41 -38.18 -9.06
CA GLN G 135 53.97 -39.56 -9.15
C GLN G 135 52.51 -39.58 -8.79
N GLN G 136 51.83 -40.62 -9.25
CA GLN G 136 50.42 -40.68 -8.96
C GLN G 136 49.97 -42.11 -8.91
N TYR G 137 49.12 -42.40 -7.93
CA TYR G 137 48.64 -43.73 -7.70
C TYR G 137 47.13 -43.71 -7.53
N PRO G 138 46.38 -43.84 -8.63
CA PRO G 138 44.91 -43.85 -8.59
C PRO G 138 44.33 -44.91 -7.65
N GLN G 139 43.31 -44.56 -6.90
CA GLN G 139 42.66 -45.49 -5.99
C GLN G 139 41.18 -45.26 -6.13
N GLN G 140 40.37 -46.30 -5.87
CA GLN G 140 38.95 -46.18 -6.08
C GLN G 140 38.27 -45.37 -4.98
N GLY G 141 39.01 -44.98 -3.94
CA GLY G 141 38.46 -44.21 -2.82
C GLY G 141 39.53 -43.94 -1.78
N LEU G 142 39.24 -43.03 -0.85
CA LEU G 142 40.18 -42.65 0.21
C LEU G 142 40.57 -43.83 1.10
N GLU G 143 39.64 -44.77 1.29
N GLU G 143 39.64 -44.77 1.25
CA GLU G 143 39.93 -45.91 2.13
CA GLU G 143 39.83 -45.96 2.08
C GLU G 143 41.08 -46.74 1.56
C GLU G 143 40.99 -46.80 1.53
N TYR G 144 41.29 -46.65 0.25
CA TYR G 144 42.41 -47.37 -0.42
C TYR G 144 43.74 -46.62 -0.47
N ILE G 145 43.87 -45.51 0.25
CA ILE G 145 45.15 -44.75 0.26
C ILE G 145 45.85 -45.03 1.57
N THR G 146 47.00 -45.71 1.51
CA THR G 146 47.75 -46.03 2.72
C THR G 146 48.56 -44.83 3.12
N ALA G 147 49.00 -44.81 4.37
CA ALA G 147 49.88 -43.77 4.89
C ALA G 147 51.12 -43.77 4.06
N GLU G 148 51.60 -44.97 3.72
N GLU G 148 51.59 -44.97 3.72
CA GLU G 148 52.79 -45.09 2.90
CA GLU G 148 52.79 -45.13 2.91
C GLU G 148 52.58 -44.34 1.60
C GLU G 148 52.63 -44.42 1.56
N GLN G 149 51.50 -44.65 0.88
CA GLN G 149 51.25 -43.98 -0.42
C GLN G 149 51.11 -42.46 -0.24
N LEU G 150 50.33 -42.02 0.76
CA LEU G 150 50.12 -40.58 1.02
C LEU G 150 51.44 -39.84 1.21
N GLU G 151 52.28 -40.36 2.09
CA GLU G 151 53.55 -39.70 2.37
C GLU G 151 54.49 -39.74 1.17
N LYS G 152 54.50 -40.85 0.44
CA LYS G 152 55.33 -41.00 -0.75
C LYS G 152 54.88 -39.95 -1.79
N THR G 153 53.56 -39.90 -2.03
CA THR G 153 53.01 -38.98 -3.02
C THR G 153 53.38 -37.57 -2.64
N PHE G 154 53.27 -37.20 -1.35
CA PHE G 154 53.66 -35.84 -0.86
C PHE G 154 55.14 -35.54 -0.88
N ARG G 155 55.94 -36.50 -0.46
CA ARG G 155 57.38 -36.32 -0.44
C ARG G 155 57.91 -35.99 -1.85
N ILE G 156 57.47 -36.74 -2.86
CA ILE G 156 57.93 -36.49 -4.23
C ILE G 156 57.26 -35.28 -4.93
N ASN G 157 55.94 -35.17 -4.81
CA ASN G 157 55.18 -34.12 -5.50
C ASN G 157 55.30 -32.70 -4.99
N ILE G 158 55.48 -32.53 -3.69
CA ILE G 158 55.55 -31.19 -3.10
C ILE G 158 56.73 -30.93 -2.18
N PHE G 159 57.15 -31.91 -1.39
CA PHE G 159 58.32 -31.70 -0.53
C PHE G 159 59.57 -31.48 -1.42
N SER G 160 59.60 -32.14 -2.60
CA SER G 160 60.72 -32.00 -3.55
C SER G 160 60.80 -30.59 -4.07
N TYR G 161 59.63 -29.97 -4.28
CA TYR G 161 59.55 -28.59 -4.77
C TYR G 161 60.07 -27.61 -3.72
N PHE G 162 59.84 -27.87 -2.43
CA PHE G 162 60.34 -26.99 -1.35
C PHE G 162 61.86 -27.11 -1.23
N HIS G 163 62.35 -28.34 -1.28
CA HIS G 163 63.78 -28.60 -1.07
C HIS G 163 64.63 -28.17 -2.26
N VAL G 164 64.18 -28.54 -3.46
CA VAL G 164 64.90 -28.18 -4.69
C VAL G 164 64.87 -26.66 -4.84
N THR G 165 63.70 -26.04 -4.64
CA THR G 165 63.58 -24.57 -4.71
C THR G 165 64.39 -23.83 -3.65
N LYS G 166 64.30 -24.31 -2.41
CA LYS G 166 65.03 -23.70 -1.30
C LYS G 166 66.53 -23.86 -1.56
N ALA G 167 66.93 -24.98 -2.14
CA ALA G 167 68.35 -25.17 -2.43
C ALA G 167 68.73 -24.23 -3.58
N ALA G 168 67.78 -23.92 -4.46
CA ALA G 168 68.06 -23.05 -5.60
C ALA G 168 68.22 -21.57 -5.24
N LEU G 169 67.55 -21.13 -4.17
CA LEU G 169 67.55 -19.72 -3.75
C LEU G 169 68.93 -19.05 -3.70
N SER G 170 69.93 -19.77 -3.19
CA SER G 170 71.30 -19.25 -3.09
C SER G 170 71.82 -18.71 -4.41
N HIS G 171 71.45 -19.41 -5.48
CA HIS G 171 71.95 -19.13 -6.83
C HIS G 171 71.00 -18.31 -7.68
N LEU G 172 69.88 -17.88 -7.09
CA LEU G 172 68.89 -17.11 -7.84
C LEU G 172 69.06 -15.62 -7.60
N LYS G 173 68.95 -14.87 -8.68
CA LYS G 173 69.13 -13.43 -8.67
C LYS G 173 67.99 -12.74 -9.41
N GLN G 174 68.02 -11.41 -9.39
CA GLN G 174 67.06 -10.58 -10.08
C GLN G 174 67.02 -11.00 -11.54
N GLY G 175 65.83 -11.34 -12.03
CA GLY G 175 65.66 -11.79 -13.38
C GLY G 175 65.51 -13.28 -13.52
N ASP G 176 65.83 -14.04 -12.47
CA ASP G 176 65.69 -15.52 -12.50
C ASP G 176 64.22 -15.92 -12.29
N VAL G 177 63.88 -17.13 -12.73
CA VAL G 177 62.47 -17.55 -12.79
C VAL G 177 62.23 -18.95 -12.23
N ILE G 178 61.11 -19.11 -11.52
CA ILE G 178 60.70 -20.41 -11.04
C ILE G 178 59.36 -20.74 -11.70
N ILE G 179 59.19 -21.98 -12.15
CA ILE G 179 57.92 -22.43 -12.73
C ILE G 179 57.58 -23.80 -12.09
N ASN G 180 56.38 -23.94 -11.55
CA ASN G 180 55.94 -25.15 -10.92
C ASN G 180 54.84 -25.81 -11.72
N THR G 181 54.95 -27.12 -11.95
CA THR G 181 53.87 -27.82 -12.63
C THR G 181 52.80 -28.23 -11.61
N ALA G 182 51.68 -27.56 -11.64
CA ALA G 182 50.56 -27.92 -10.79
C ALA G 182 49.73 -28.84 -11.68
N SER G 183 48.42 -28.64 -11.73
CA SER G 183 47.55 -29.51 -12.52
C SER G 183 46.10 -29.04 -12.45
N ILE G 184 45.32 -29.35 -13.47
CA ILE G 184 43.90 -29.04 -13.51
C ILE G 184 43.20 -29.63 -12.25
N VAL G 185 43.68 -30.78 -11.77
CA VAL G 185 43.03 -31.46 -10.64
C VAL G 185 42.95 -30.61 -9.37
N ALA G 186 43.96 -29.76 -9.15
CA ALA G 186 43.96 -28.87 -7.99
C ALA G 186 42.75 -27.93 -8.03
N TYR G 187 42.32 -27.56 -9.23
CA TYR G 187 41.24 -26.63 -9.45
C TYR G 187 39.89 -27.31 -9.58
N GLU G 188 39.85 -28.52 -10.18
CA GLU G 188 38.58 -29.23 -10.45
C GLU G 188 38.31 -30.46 -9.57
N GLY G 189 39.34 -30.90 -8.86
CA GLY G 189 39.26 -32.15 -8.10
C GLY G 189 39.36 -33.37 -9.05
N ASN G 190 39.74 -34.52 -8.49
CA ASN G 190 39.74 -35.80 -9.19
C ASN G 190 39.53 -36.87 -8.11
N GLU G 191 38.34 -37.48 -8.16
CA GLU G 191 37.89 -38.48 -7.22
C GLU G 191 38.79 -39.72 -7.08
N THR G 192 39.58 -40.02 -8.12
CA THR G 192 40.48 -41.17 -8.10
C THR G 192 41.92 -40.81 -7.75
N LEU G 193 42.19 -39.52 -7.55
CA LEU G 193 43.54 -39.05 -7.21
C LEU G 193 43.49 -38.05 -6.06
N ILE G 194 42.85 -38.45 -4.98
CA ILE G 194 42.63 -37.56 -3.83
C ILE G 194 43.96 -37.02 -3.26
N ASP G 195 44.91 -37.90 -2.98
CA ASP G 195 46.22 -37.46 -2.45
C ASP G 195 47.04 -36.71 -3.45
N TYR G 196 47.09 -37.19 -4.71
CA TYR G 196 47.78 -36.43 -5.77
C TYR G 196 47.09 -35.05 -5.93
N SER G 197 45.75 -35.01 -5.98
N SER G 197 45.76 -35.00 -5.98
CA SER G 197 45.02 -33.73 -6.10
CA SER G 197 45.08 -33.69 -6.14
C SER G 197 45.48 -32.79 -5.01
C SER G 197 45.52 -32.77 -5.01
N ALA G 198 45.51 -33.28 -3.77
CA ALA G 198 45.97 -32.53 -2.61
C ALA G 198 47.41 -32.02 -2.77
N THR G 199 48.34 -32.81 -3.31
CA THR G 199 49.72 -32.28 -3.49
C THR G 199 49.73 -31.16 -4.55
N LYS G 200 48.90 -31.33 -5.58
CA LYS G 200 48.80 -30.32 -6.63
C LYS G 200 48.20 -29.01 -6.08
N GLY G 201 47.24 -29.07 -5.17
CA GLY G 201 46.70 -27.84 -4.52
C GLY G 201 47.72 -27.19 -3.58
N ALA G 202 48.56 -28.00 -2.98
CA ALA G 202 49.62 -27.48 -2.15
C ALA G 202 50.65 -26.72 -3.02
N ILE G 203 50.78 -27.12 -4.28
CA ILE G 203 51.71 -26.50 -5.23
C ILE G 203 51.15 -25.15 -5.68
N VAL G 204 49.85 -25.10 -5.89
CA VAL G 204 49.24 -23.82 -6.29
C VAL G 204 49.48 -22.79 -5.19
N ALA G 205 49.23 -23.13 -3.92
CA ALA G 205 49.42 -22.19 -2.79
C ALA G 205 50.86 -21.83 -2.55
N PHE G 206 51.72 -22.83 -2.71
CA PHE G 206 53.17 -22.66 -2.67
C PHE G 206 53.56 -21.60 -3.72
N THR G 207 53.16 -21.86 -4.96
CA THR G 207 53.44 -20.93 -6.07
C THR G 207 53.02 -19.50 -5.65
N ARG G 208 51.78 -19.35 -5.15
CA ARG G 208 51.25 -18.03 -4.74
C ARG G 208 52.02 -17.34 -3.61
N SER G 209 52.28 -18.07 -2.55
CA SER G 209 52.97 -17.52 -1.37
C SER G 209 54.43 -17.20 -1.65
N LEU G 210 55.10 -18.07 -2.41
CA LEU G 210 56.49 -17.87 -2.77
C LEU G 210 56.60 -16.69 -3.75
N SER G 211 55.61 -16.53 -4.65
CA SER G 211 55.65 -15.40 -5.59
C SER G 211 55.73 -14.07 -4.83
N GLN G 212 55.01 -13.99 -3.72
CA GLN G 212 54.97 -12.80 -2.89
C GLN G 212 56.22 -12.68 -2.05
N SER G 213 56.79 -13.82 -1.68
CA SER G 213 57.99 -13.86 -0.89
C SER G 213 59.19 -13.28 -1.67
N LEU G 214 59.36 -13.72 -2.91
CA LEU G 214 60.52 -13.33 -3.75
C LEU G 214 60.27 -12.19 -4.77
N VAL G 215 59.10 -11.56 -4.71
CA VAL G 215 58.79 -10.48 -5.65
C VAL G 215 59.86 -9.38 -5.59
N GLN G 216 60.16 -8.90 -4.39
CA GLN G 216 61.13 -7.82 -4.28
C GLN G 216 62.55 -8.21 -4.67
N LYS G 217 62.87 -9.50 -4.62
CA LYS G 217 64.21 -9.93 -5.07
C LYS G 217 64.30 -10.16 -6.58
N GLY G 218 63.26 -9.82 -7.32
CA GLY G 218 63.28 -9.95 -8.77
C GLY G 218 63.15 -11.36 -9.29
N ILE G 219 62.54 -12.24 -8.48
CA ILE G 219 62.35 -13.64 -8.88
C ILE G 219 60.84 -13.84 -9.11
N ARG G 220 60.49 -14.39 -10.26
CA ARG G 220 59.08 -14.62 -10.58
C ARG G 220 58.75 -16.10 -10.33
N VAL G 221 57.56 -16.34 -9.80
CA VAL G 221 57.10 -17.65 -9.48
C VAL G 221 55.71 -17.81 -10.08
N ASN G 222 55.59 -18.75 -11.01
CA ASN G 222 54.34 -19.01 -11.70
C ASN G 222 54.16 -20.50 -11.91
N GLY G 223 53.03 -20.90 -12.47
CA GLY G 223 52.81 -22.31 -12.68
C GLY G 223 52.05 -22.58 -13.94
N VAL G 224 51.91 -23.87 -14.23
CA VAL G 224 51.16 -24.34 -15.37
C VAL G 224 50.30 -25.49 -14.88
N ALA G 225 49.05 -25.51 -15.30
CA ALA G 225 48.11 -26.51 -14.88
C ALA G 225 47.67 -27.27 -16.11
N PRO G 226 48.37 -28.38 -16.41
CA PRO G 226 47.97 -29.14 -17.57
C PRO G 226 46.74 -29.93 -17.33
N GLY G 227 46.02 -30.15 -18.41
CA GLY G 227 44.92 -31.05 -18.42
C GLY G 227 45.49 -32.42 -18.76
N PRO G 228 44.73 -33.23 -19.52
CA PRO G 228 45.15 -34.61 -19.83
C PRO G 228 46.07 -34.70 -21.04
N ILE G 229 47.34 -35.04 -20.78
CA ILE G 229 48.34 -35.16 -21.85
C ILE G 229 48.72 -36.61 -22.11
N GLY G 247 41.50 -38.02 -23.00
CA GLY G 247 41.11 -36.62 -23.16
C GLY G 247 39.77 -36.38 -23.85
N SER G 248 38.95 -37.43 -23.96
CA SER G 248 37.63 -37.30 -24.60
C SER G 248 36.67 -36.53 -23.69
N ASN G 249 37.02 -36.41 -22.42
CA ASN G 249 36.20 -35.66 -21.44
C ASN G 249 36.25 -34.13 -21.58
N VAL G 250 37.31 -33.58 -22.17
CA VAL G 250 37.47 -32.13 -22.32
C VAL G 250 36.75 -31.58 -23.57
N PRO G 251 36.51 -30.25 -23.63
CA PRO G 251 35.80 -29.64 -24.78
C PRO G 251 36.44 -29.83 -26.17
N MET G 252 37.78 -29.82 -26.27
CA MET G 252 38.46 -30.09 -27.53
C MET G 252 38.33 -31.59 -27.96
N GLN G 253 37.73 -32.40 -27.10
CA GLN G 253 37.47 -33.81 -27.35
C GLN G 253 38.69 -34.63 -27.73
N ARG G 254 39.85 -34.23 -27.24
CA ARG G 254 41.09 -34.97 -27.48
C ARG G 254 42.06 -34.58 -26.37
N PRO G 255 43.01 -35.47 -26.02
CA PRO G 255 43.97 -35.07 -25.01
C PRO G 255 44.92 -34.11 -25.67
N GLY G 256 45.80 -33.54 -24.87
CA GLY G 256 46.78 -32.63 -25.41
C GLY G 256 48.08 -33.35 -25.62
N GLN G 257 48.83 -32.96 -26.66
CA GLN G 257 50.16 -33.52 -26.90
C GLN G 257 51.16 -32.79 -25.99
N PRO G 258 52.23 -33.49 -25.55
CA PRO G 258 53.19 -32.79 -24.70
C PRO G 258 53.74 -31.53 -25.33
N TYR G 259 54.04 -31.52 -26.63
CA TYR G 259 54.61 -30.28 -27.23
C TYR G 259 53.68 -29.09 -27.03
N GLU G 260 52.37 -29.37 -26.99
CA GLU G 260 51.36 -28.34 -26.82
C GLU G 260 51.46 -27.64 -25.45
N LEU G 261 52.24 -28.15 -24.51
CA LEU G 261 52.43 -27.47 -23.21
C LEU G 261 53.69 -26.63 -23.12
N ALA G 262 54.68 -26.96 -23.90
CA ALA G 262 55.99 -26.29 -23.86
C ALA G 262 56.01 -24.77 -24.00
N PRO G 263 55.22 -24.21 -24.95
CA PRO G 263 55.30 -22.78 -25.11
C PRO G 263 54.74 -22.01 -23.91
N ALA G 264 53.82 -22.60 -23.14
CA ALA G 264 53.36 -21.94 -21.92
C ALA G 264 54.57 -21.78 -20.97
N TYR G 265 55.41 -22.82 -20.88
CA TYR G 265 56.59 -22.75 -20.01
C TYR G 265 57.60 -21.75 -20.57
N VAL G 266 57.78 -21.80 -21.91
CA VAL G 266 58.60 -20.80 -22.60
C VAL G 266 58.09 -19.39 -22.23
N TYR G 267 56.79 -19.13 -22.42
CA TYR G 267 56.25 -17.81 -22.06
C TYR G 267 56.67 -17.37 -20.63
N LEU G 268 56.45 -18.28 -19.66
CA LEU G 268 56.75 -18.00 -18.27
C LEU G 268 58.25 -17.96 -17.93
N ALA G 269 59.04 -18.80 -18.59
CA ALA G 269 60.47 -18.84 -18.36
C ALA G 269 61.19 -17.57 -18.87
N SER G 270 60.68 -16.94 -19.95
CA SER G 270 61.34 -15.75 -20.53
C SER G 270 60.81 -14.37 -20.08
N SER G 271 61.50 -13.31 -20.52
CA SER G 271 61.06 -11.91 -20.20
C SER G 271 59.75 -11.52 -20.87
N ASP G 272 59.22 -12.37 -21.74
CA ASP G 272 57.90 -12.20 -22.32
C ASP G 272 56.86 -12.10 -21.21
N SER G 273 57.13 -12.77 -20.09
CA SER G 273 56.25 -12.74 -18.90
C SER G 273 56.81 -11.85 -17.80
N SER G 274 57.60 -10.83 -18.14
CA SER G 274 58.23 -9.99 -17.10
C SER G 274 57.27 -9.49 -16.01
N TYR G 275 56.08 -9.04 -16.40
CA TYR G 275 55.09 -8.53 -15.43
C TYR G 275 54.10 -9.57 -14.90
N VAL G 276 54.45 -10.86 -15.00
CA VAL G 276 53.58 -11.93 -14.55
C VAL G 276 54.22 -12.75 -13.43
N THR G 277 53.57 -12.84 -12.28
CA THR G 277 54.04 -13.69 -11.15
C THR G 277 52.86 -14.05 -10.26
N GLY G 278 52.92 -15.19 -9.60
CA GLY G 278 51.85 -15.66 -8.75
C GLY G 278 50.74 -16.30 -9.56
N GLN G 279 50.97 -16.50 -10.86
CA GLN G 279 49.90 -16.93 -11.75
C GLN G 279 49.96 -18.37 -12.23
N MET G 280 48.87 -18.78 -12.89
CA MET G 280 48.72 -20.13 -13.43
C MET G 280 48.24 -20.11 -14.89
N ILE G 281 48.97 -20.77 -15.77
CA ILE G 281 48.55 -20.89 -17.16
C ILE G 281 47.83 -22.24 -17.28
N HIS G 282 46.55 -22.18 -17.59
CA HIS G 282 45.75 -23.38 -17.77
C HIS G 282 45.77 -23.90 -19.22
N VAL G 283 46.35 -25.08 -19.40
CA VAL G 283 46.50 -25.70 -20.72
C VAL G 283 45.81 -27.07 -20.64
N ASN G 284 44.52 -27.07 -20.95
CA ASN G 284 43.69 -28.23 -20.68
C ASN G 284 42.59 -28.53 -21.70
N GLY G 285 42.67 -27.93 -22.88
CA GLY G 285 41.69 -28.19 -23.90
C GLY G 285 40.32 -27.60 -23.68
N GLY G 286 40.28 -26.52 -22.89
CA GLY G 286 39.06 -25.75 -22.73
C GLY G 286 38.27 -25.97 -21.47
N VAL G 287 38.81 -26.66 -20.49
CA VAL G 287 38.08 -26.88 -19.28
C VAL G 287 38.10 -25.55 -18.51
N ILE G 288 36.91 -25.01 -18.26
CA ILE G 288 36.78 -23.74 -17.52
C ILE G 288 37.03 -24.02 -16.05
N VAL G 289 37.99 -23.30 -15.46
CA VAL G 289 38.34 -23.44 -14.04
C VAL G 289 38.14 -22.11 -13.27
N ASN G 290 37.25 -21.24 -13.72
CA ASN G 290 37.10 -19.90 -13.10
C ASN G 290 38.46 -19.18 -13.05
N GLY G 291 39.37 -19.48 -13.98
CA GLY G 291 40.70 -18.84 -13.99
C GLY G 291 40.71 -17.39 -14.50
N HIS H 17 47.04 14.53 -15.91
CA HIS H 17 45.57 14.52 -16.02
C HIS H 17 45.22 14.89 -17.45
N GLN H 18 44.09 14.38 -17.94
CA GLN H 18 43.65 14.66 -19.30
C GLN H 18 42.15 14.99 -19.35
N ASN H 19 41.87 16.04 -20.10
CA ASN H 19 40.54 16.62 -20.23
C ASN H 19 39.46 15.64 -20.73
N LYS H 20 39.76 14.81 -21.72
CA LYS H 20 38.75 13.90 -22.28
C LYS H 20 39.19 12.49 -22.65
N GLN H 21 38.20 11.59 -22.72
CA GLN H 21 38.35 10.21 -23.18
C GLN H 21 37.82 10.09 -24.61
N PRO H 22 38.50 9.32 -25.46
CA PRO H 22 39.74 8.59 -25.14
C PRO H 22 40.98 9.51 -25.00
N GLY H 23 41.87 9.18 -24.07
CA GLY H 23 43.09 9.96 -23.86
C GLY H 23 44.10 9.81 -24.99
N ILE H 24 45.08 10.72 -25.03
CA ILE H 24 46.13 10.74 -26.07
C ILE H 24 47.54 10.52 -25.48
N GLU H 25 48.28 9.55 -26.05
CA GLU H 25 49.66 9.22 -25.60
C GLU H 25 50.69 10.32 -25.82
N SER H 26 50.52 11.12 -26.86
CA SER H 26 51.45 12.22 -27.17
C SER H 26 51.56 13.23 -26.01
N LEU H 27 50.44 13.42 -25.30
CA LEU H 27 50.37 14.36 -24.18
C LEU H 27 50.92 13.78 -22.87
N MET H 28 51.08 12.46 -22.82
CA MET H 28 51.54 11.80 -21.59
C MET H 28 53.02 12.01 -21.34
N ASN H 29 53.35 12.21 -20.06
CA ASN H 29 54.71 12.49 -19.62
C ASN H 29 55.71 11.32 -19.86
N PRO H 30 55.84 10.34 -18.93
CA PRO H 30 56.83 9.31 -19.30
C PRO H 30 56.30 8.37 -20.39
N LEU H 31 56.02 8.94 -21.57
CA LEU H 31 55.49 8.22 -22.72
C LEU H 31 55.58 6.73 -22.47
N PRO H 32 54.41 6.10 -22.28
CA PRO H 32 54.52 4.68 -22.00
C PRO H 32 55.37 3.98 -23.05
N GLN H 33 56.07 2.95 -22.62
CA GLN H 33 56.90 2.20 -23.52
C GLN H 33 56.01 1.17 -24.16
N PHE H 34 55.76 1.30 -25.46
CA PHE H 34 54.88 0.36 -26.16
C PHE H 34 55.67 -0.64 -26.97
N GLU H 35 56.98 -0.42 -27.01
CA GLU H 35 57.89 -1.24 -27.79
C GLU H 35 59.01 -1.79 -26.93
N ASP H 36 59.22 -3.09 -27.06
CA ASP H 36 60.33 -3.75 -26.43
C ASP H 36 61.47 -3.72 -27.47
N PRO H 37 62.49 -2.87 -27.26
CA PRO H 37 63.56 -2.84 -28.26
C PRO H 37 64.17 -4.23 -28.51
N ASN H 38 64.18 -5.08 -27.48
CA ASN H 38 64.76 -6.43 -27.60
C ASN H 38 63.81 -7.46 -28.21
N TYR H 39 62.65 -7.03 -28.69
CA TYR H 39 61.71 -7.97 -29.26
C TYR H 39 62.27 -8.62 -30.50
N LYS H 40 62.24 -9.94 -30.52
CA LYS H 40 62.70 -10.66 -31.67
C LYS H 40 61.54 -11.48 -32.19
N GLY H 41 60.93 -10.98 -33.25
CA GLY H 41 59.82 -11.69 -33.89
C GLY H 41 60.37 -12.97 -34.49
N SER H 42 59.48 -13.89 -34.80
CA SER H 42 59.88 -15.14 -35.38
C SER H 42 58.74 -15.71 -36.22
N GLU H 43 57.98 -14.82 -36.87
CA GLU H 43 56.96 -15.23 -37.80
C GLU H 43 55.84 -16.06 -37.17
N LYS H 44 55.58 -15.84 -35.89
CA LYS H 44 54.50 -16.53 -35.20
C LYS H 44 53.11 -16.33 -35.80
N LEU H 45 52.91 -15.20 -36.47
CA LEU H 45 51.60 -14.85 -37.02
C LEU H 45 51.67 -14.48 -38.52
N LYS H 46 52.66 -15.07 -39.22
CA LYS H 46 52.90 -14.80 -40.65
C LYS H 46 51.69 -14.92 -41.56
N GLY H 47 51.39 -13.81 -42.24
CA GLY H 47 50.25 -13.74 -43.14
C GLY H 47 48.91 -13.72 -42.46
N LYS H 48 48.91 -13.68 -41.13
CA LYS H 48 47.62 -13.61 -40.41
C LYS H 48 46.97 -12.23 -40.55
N ASN H 49 45.65 -12.21 -40.70
CA ASN H 49 44.91 -10.97 -40.81
C ASN H 49 44.21 -10.74 -39.47
N VAL H 50 44.60 -9.65 -38.82
CA VAL H 50 44.12 -9.30 -37.50
C VAL H 50 43.26 -8.03 -37.49
N LEU H 51 42.23 -8.05 -36.67
CA LEU H 51 41.42 -6.88 -36.39
C LEU H 51 41.59 -6.66 -34.91
N ILE H 52 42.11 -5.50 -34.51
N ILE H 52 42.06 -5.48 -34.53
CA ILE H 52 42.24 -5.15 -33.10
CA ILE H 52 42.26 -5.10 -33.15
C ILE H 52 41.50 -3.83 -32.82
C ILE H 52 41.48 -3.81 -32.85
N THR H 53 40.52 -3.89 -31.93
CA THR H 53 39.72 -2.72 -31.53
C THR H 53 40.44 -2.02 -30.37
N GLY H 54 40.57 -0.69 -30.44
CA GLY H 54 41.34 0.08 -29.45
C GLY H 54 42.84 -0.15 -29.63
N GLY H 55 43.25 -0.46 -30.84
CA GLY H 55 44.65 -0.76 -31.09
C GLY H 55 45.54 0.45 -31.33
N ASP H 56 45.03 1.65 -31.07
CA ASP H 56 45.75 2.90 -31.43
C ASP H 56 46.65 3.51 -30.40
N SER H 57 46.53 3.04 -29.17
CA SER H 57 47.33 3.55 -28.08
C SER H 57 47.32 2.50 -26.97
N GLY H 58 48.06 2.79 -25.90
CA GLY H 58 48.18 1.89 -24.76
C GLY H 58 48.51 0.46 -25.12
N ILE H 59 47.84 -0.47 -24.45
CA ILE H 59 48.03 -1.90 -24.69
C ILE H 59 47.74 -2.31 -26.13
N GLY H 60 46.72 -1.67 -26.72
CA GLY H 60 46.34 -1.94 -28.09
C GLY H 60 47.46 -1.69 -29.08
N ARG H 61 48.23 -0.63 -28.82
CA ARG H 61 49.31 -0.25 -29.68
C ARG H 61 50.44 -1.26 -29.59
N ALA H 62 50.69 -1.73 -28.36
CA ALA H 62 51.70 -2.72 -28.10
C ALA H 62 51.34 -4.02 -28.84
N VAL H 63 50.09 -4.47 -28.72
CA VAL H 63 49.68 -5.70 -29.40
C VAL H 63 49.79 -5.54 -30.93
N SER H 64 49.34 -4.39 -31.48
CA SER H 64 49.41 -4.15 -32.92
C SER H 64 50.83 -4.32 -33.47
N ILE H 65 51.78 -3.68 -32.79
CA ILE H 65 53.16 -3.67 -33.20
C ILE H 65 53.83 -5.04 -33.06
N ALA H 66 53.61 -5.67 -31.90
CA ALA H 66 54.15 -6.99 -31.62
C ALA H 66 53.61 -7.96 -32.66
N PHE H 67 52.31 -7.87 -32.96
CA PHE H 67 51.68 -8.72 -33.97
C PHE H 67 52.33 -8.50 -35.36
N ALA H 68 52.64 -7.23 -35.68
CA ALA H 68 53.31 -6.87 -36.94
C ALA H 68 54.70 -7.51 -36.97
N LYS H 69 55.40 -7.47 -35.84
CA LYS H 69 56.72 -8.11 -35.77
C LYS H 69 56.66 -9.60 -35.96
N GLU H 70 55.50 -10.22 -35.80
CA GLU H 70 55.36 -11.64 -36.01
C GLU H 70 54.83 -11.96 -37.40
N GLY H 71 54.70 -10.92 -38.23
CA GLY H 71 54.31 -11.03 -39.63
C GLY H 71 52.86 -10.88 -39.98
N ALA H 72 52.04 -10.43 -39.00
CA ALA H 72 50.61 -10.25 -39.19
C ALA H 72 50.28 -8.87 -39.75
N ASN H 73 49.21 -8.86 -40.53
CA ASN H 73 48.64 -7.65 -41.10
C ASN H 73 47.61 -7.16 -40.07
N ILE H 74 47.56 -5.85 -39.82
CA ILE H 74 46.76 -5.26 -38.73
C ILE H 74 45.72 -4.20 -39.15
N ALA H 75 44.45 -4.48 -38.89
CA ALA H 75 43.37 -3.51 -39.07
C ALA H 75 43.12 -3.01 -37.65
N ILE H 76 43.35 -1.72 -37.46
CA ILE H 76 43.22 -1.05 -36.17
C ILE H 76 41.93 -0.22 -36.08
N ALA H 77 40.99 -0.64 -35.24
CA ALA H 77 39.77 0.12 -35.01
C ALA H 77 40.03 1.01 -33.78
N TYR H 78 39.52 2.23 -33.83
CA TYR H 78 39.71 3.20 -32.76
C TYR H 78 38.62 4.26 -32.89
N LEU H 79 38.43 5.09 -31.88
CA LEU H 79 37.36 6.12 -31.94
C LEU H 79 37.71 7.30 -32.85
N ASP H 80 38.61 8.15 -32.38
CA ASP H 80 38.94 9.37 -33.10
C ASP H 80 40.33 9.96 -32.89
N GLU H 81 41.25 9.24 -32.25
N GLU H 81 41.25 9.26 -32.21
CA GLU H 81 42.57 9.79 -31.98
CA GLU H 81 42.59 9.79 -31.98
C GLU H 81 43.44 9.52 -33.23
C GLU H 81 43.43 9.53 -33.23
N GLU H 82 43.30 10.40 -34.21
CA GLU H 82 44.01 10.26 -35.49
C GLU H 82 45.52 10.27 -35.33
N GLY H 83 46.03 11.19 -34.51
CA GLY H 83 47.46 11.28 -34.26
C GLY H 83 48.01 9.95 -33.77
N ASP H 84 47.43 9.41 -32.71
CA ASP H 84 47.84 8.11 -32.14
C ASP H 84 47.66 6.97 -33.12
N ALA H 85 46.57 6.92 -33.88
CA ALA H 85 46.37 5.83 -34.84
C ALA H 85 47.45 5.95 -35.92
N ASN H 86 47.75 7.17 -36.36
CA ASN H 86 48.78 7.39 -37.37
C ASN H 86 50.14 6.90 -36.93
N GLU H 87 50.59 7.31 -35.75
CA GLU H 87 51.88 6.84 -35.20
C GLU H 87 51.96 5.32 -35.12
N THR H 88 50.89 4.71 -34.66
CA THR H 88 50.85 3.27 -34.53
C THR H 88 50.96 2.60 -35.91
N LYS H 89 50.32 3.20 -36.90
CA LYS H 89 50.35 2.69 -38.26
C LYS H 89 51.78 2.70 -38.78
N GLN H 90 52.54 3.73 -38.40
CA GLN H 90 53.92 3.86 -38.84
C GLN H 90 54.76 2.77 -38.26
N TYR H 91 54.68 2.58 -36.94
CA TYR H 91 55.43 1.50 -36.31
C TYR H 91 55.04 0.14 -36.90
N VAL H 92 53.75 -0.09 -37.16
CA VAL H 92 53.30 -1.35 -37.79
C VAL H 92 53.88 -1.59 -39.18
N GLU H 93 53.76 -0.57 -40.04
CA GLU H 93 54.23 -0.62 -41.42
C GLU H 93 55.75 -0.68 -41.57
N LYS H 94 56.46 -0.18 -40.55
CA LYS H 94 57.89 -0.28 -40.50
C LYS H 94 58.28 -1.78 -40.50
N GLU H 95 57.39 -2.66 -40.03
CA GLU H 95 57.68 -4.09 -39.99
C GLU H 95 57.42 -4.77 -41.34
N GLY H 96 57.00 -4.01 -42.35
CA GLY H 96 56.78 -4.54 -43.67
C GLY H 96 55.44 -5.22 -43.92
N VAL H 97 54.48 -5.05 -43.02
CA VAL H 97 53.16 -5.64 -43.18
C VAL H 97 52.14 -4.53 -43.47
N LYS H 98 50.94 -4.94 -43.87
CA LYS H 98 49.83 -4.03 -44.19
C LYS H 98 49.18 -3.51 -42.89
N CYS H 99 48.64 -2.29 -42.97
CA CYS H 99 47.95 -1.68 -41.86
C CYS H 99 46.74 -0.91 -42.39
N VAL H 100 45.59 -1.15 -41.79
CA VAL H 100 44.34 -0.50 -42.16
C VAL H 100 43.82 0.28 -40.95
N LEU H 101 43.47 1.55 -41.13
CA LEU H 101 42.94 2.36 -40.02
C LEU H 101 41.43 2.47 -40.14
N LEU H 102 40.73 2.14 -39.05
CA LEU H 102 39.27 2.10 -39.03
C LEU H 102 38.70 2.95 -37.88
N PRO H 103 38.57 4.25 -38.10
CA PRO H 103 38.02 5.14 -37.09
C PRO H 103 36.51 5.00 -37.00
N GLY H 104 35.94 5.38 -35.86
CA GLY H 104 34.50 5.37 -35.69
C GLY H 104 34.05 4.85 -34.34
N ASP H 105 32.77 5.07 -34.06
CA ASP H 105 32.21 4.77 -32.78
C ASP H 105 31.72 3.35 -32.65
N LEU H 106 32.47 2.57 -31.89
CA LEU H 106 32.11 1.20 -31.67
C LEU H 106 30.89 1.03 -30.70
N SER H 107 30.30 2.10 -30.17
CA SER H 107 29.08 1.91 -29.40
C SER H 107 27.91 1.67 -30.38
N ASP H 108 28.13 1.83 -31.68
CA ASP H 108 27.09 1.61 -32.68
C ASP H 108 27.20 0.19 -33.30
N GLU H 109 26.12 -0.58 -33.28
CA GLU H 109 26.14 -1.96 -33.84
C GLU H 109 26.56 -2.00 -35.30
N GLN H 110 25.98 -1.13 -36.13
CA GLN H 110 26.31 -1.17 -37.57
C GLN H 110 27.78 -0.93 -37.81
N HIS H 111 28.37 0.00 -37.04
CA HIS H 111 29.79 0.28 -37.18
C HIS H 111 30.61 -0.93 -36.77
N CYS H 112 30.13 -1.65 -35.76
CA CYS H 112 30.80 -2.88 -35.39
C CYS H 112 30.79 -3.89 -36.57
N LYS H 113 29.68 -3.98 -37.29
CA LYS H 113 29.61 -4.88 -38.46
C LYS H 113 30.53 -4.36 -39.59
N ASP H 114 30.50 -3.04 -39.80
CA ASP H 114 31.33 -2.38 -40.80
C ASP H 114 32.85 -2.56 -40.64
N ILE H 115 33.36 -2.51 -39.41
CA ILE H 115 34.81 -2.63 -39.25
C ILE H 115 35.29 -4.07 -39.58
N VAL H 116 34.40 -5.05 -39.40
CA VAL H 116 34.74 -6.44 -39.77
C VAL H 116 34.65 -6.59 -41.29
N GLN H 117 33.54 -6.12 -41.87
CA GLN H 117 33.35 -6.19 -43.31
C GLN H 117 34.51 -5.47 -43.97
N GLU H 118 34.93 -4.34 -43.40
CA GLU H 118 36.03 -3.56 -43.98
C GLU H 118 37.34 -4.29 -43.87
N THR H 119 37.62 -4.86 -42.71
CA THR H 119 38.86 -5.60 -42.48
C THR H 119 39.02 -6.68 -43.57
N VAL H 120 37.94 -7.41 -43.88
CA VAL H 120 38.00 -8.51 -44.87
C VAL H 120 38.21 -7.96 -46.29
N ARG H 121 37.62 -6.80 -46.57
CA ARG H 121 37.76 -6.15 -47.87
C ARG H 121 39.20 -5.69 -48.15
N GLN H 122 39.84 -5.07 -47.16
CA GLN H 122 41.21 -4.56 -47.33
C GLN H 122 42.22 -5.67 -47.19
N LEU H 123 42.11 -6.46 -46.14
CA LEU H 123 43.11 -7.51 -45.88
C LEU H 123 42.82 -8.80 -46.62
N GLY H 124 41.57 -9.09 -46.96
CA GLY H 124 41.28 -10.31 -47.74
C GLY H 124 40.61 -11.43 -46.95
N SER H 125 40.89 -11.46 -45.65
CA SER H 125 40.29 -12.45 -44.75
C SER H 125 40.43 -11.95 -43.33
N LEU H 126 39.86 -12.69 -42.39
CA LEU H 126 40.04 -12.38 -40.98
C LEU H 126 40.33 -13.69 -40.25
N ASN H 127 41.49 -13.70 -39.59
CA ASN H 127 41.95 -14.84 -38.80
C ASN H 127 41.91 -14.63 -37.28
N ILE H 128 42.21 -13.41 -36.86
CA ILE H 128 42.38 -13.11 -35.44
C ILE H 128 41.65 -11.82 -35.04
N LEU H 129 40.80 -11.94 -34.03
CA LEU H 129 40.06 -10.82 -33.51
C LEU H 129 40.51 -10.54 -32.10
N VAL H 130 40.99 -9.31 -31.85
CA VAL H 130 41.34 -8.86 -30.50
C VAL H 130 40.37 -7.73 -30.07
N ASN H 131 39.46 -8.06 -29.16
CA ASN H 131 38.47 -7.14 -28.59
C ASN H 131 39.15 -6.46 -27.40
N ASN H 132 39.48 -5.18 -27.55
CA ASN H 132 40.25 -4.46 -26.55
C ASN H 132 39.77 -3.03 -26.19
N VAL H 133 38.74 -2.54 -26.87
CA VAL H 133 38.24 -1.18 -26.63
C VAL H 133 37.63 -1.06 -25.25
N ALA H 134 37.86 0.07 -24.57
CA ALA H 134 37.21 0.35 -23.29
C ALA H 134 37.21 1.84 -22.90
N GLN H 135 36.25 2.20 -22.05
CA GLN H 135 36.20 3.51 -21.43
C GLN H 135 35.91 3.27 -19.96
N GLN H 136 36.37 4.16 -19.09
CA GLN H 136 36.09 4.02 -17.66
C GLN H 136 35.90 5.42 -17.09
N TYR H 137 34.92 5.53 -16.20
CA TYR H 137 34.58 6.79 -15.56
C TYR H 137 34.50 6.61 -14.04
N PRO H 138 35.59 6.88 -13.31
CA PRO H 138 35.56 6.65 -11.89
C PRO H 138 34.54 7.53 -11.14
N GLN H 139 33.96 6.99 -10.08
CA GLN H 139 32.96 7.70 -9.28
C GLN H 139 33.16 7.33 -7.82
N GLN H 140 32.81 8.22 -6.90
N GLN H 140 32.80 8.25 -6.93
CA GLN H 140 33.04 7.88 -5.51
CA GLN H 140 32.93 8.00 -5.51
C GLN H 140 32.00 6.87 -4.97
C GLN H 140 31.89 7.05 -4.92
N GLY H 141 30.97 6.57 -5.75
CA GLY H 141 29.98 5.60 -5.33
C GLY H 141 28.95 5.33 -6.41
N LEU H 142 28.17 4.29 -6.21
CA LEU H 142 27.12 3.91 -7.16
C LEU H 142 26.12 5.04 -7.36
N GLU H 143 25.82 5.81 -6.33
CA GLU H 143 24.79 6.84 -6.45
C GLU H 143 25.23 8.04 -7.36
N TYR H 144 26.45 7.98 -7.86
CA TYR H 144 27.00 8.99 -8.71
C TYR H 144 27.13 8.48 -10.14
N ILE H 145 26.54 7.32 -10.44
CA ILE H 145 26.58 6.78 -11.77
C ILE H 145 25.23 7.03 -12.41
N THR H 146 25.22 7.85 -13.45
CA THR H 146 24.00 8.12 -14.16
C THR H 146 23.70 6.93 -15.08
N ALA H 147 22.45 6.83 -15.51
CA ALA H 147 22.03 5.84 -16.52
C ALA H 147 22.83 6.03 -17.80
N GLU H 148 23.11 7.29 -18.14
CA GLU H 148 23.83 7.59 -19.36
C GLU H 148 25.22 6.98 -19.29
N GLN H 149 25.94 7.24 -18.20
CA GLN H 149 27.26 6.63 -18.04
C GLN H 149 27.23 5.09 -17.97
N LEU H 150 26.29 4.54 -17.22
CA LEU H 150 26.17 3.08 -17.12
C LEU H 150 26.04 2.49 -18.52
N GLU H 151 25.07 3.02 -19.29
CA GLU H 151 24.79 2.50 -20.63
C GLU H 151 25.93 2.70 -21.62
N LYS H 152 26.58 3.86 -21.61
CA LYS H 152 27.72 4.09 -22.51
C LYS H 152 28.86 3.11 -22.21
N THR H 153 29.13 2.90 -20.91
CA THR H 153 30.17 2.01 -20.44
C THR H 153 29.92 0.57 -20.93
N PHE H 154 28.69 0.10 -20.81
CA PHE H 154 28.38 -1.22 -21.29
C PHE H 154 28.41 -1.35 -22.79
N ARG H 155 27.91 -0.32 -23.45
CA ARG H 155 27.79 -0.34 -24.90
C ARG H 155 29.18 -0.43 -25.54
N ILE H 156 30.15 0.30 -25.01
CA ILE H 156 31.52 0.25 -25.51
C ILE H 156 32.33 -0.96 -25.01
N ASN H 157 32.19 -1.26 -23.74
CA ASN H 157 33.05 -2.23 -23.10
C ASN H 157 32.67 -3.66 -23.34
N ILE H 158 31.40 -3.94 -23.49
CA ILE H 158 30.96 -5.30 -23.67
C ILE H 158 30.07 -5.50 -24.87
N PHE H 159 29.12 -4.60 -25.13
CA PHE H 159 28.29 -4.82 -26.31
C PHE H 159 29.12 -4.83 -27.59
N SER H 160 30.18 -4.01 -27.69
CA SER H 160 30.99 -4.01 -28.90
C SER H 160 31.68 -5.34 -29.06
N TYR H 161 31.94 -6.05 -27.95
CA TYR H 161 32.62 -7.36 -28.01
C TYR H 161 31.68 -8.38 -28.66
N PHE H 162 30.41 -8.33 -28.26
CA PHE H 162 29.35 -9.12 -28.88
C PHE H 162 29.15 -8.83 -30.38
N HIS H 163 29.00 -7.56 -30.73
CA HIS H 163 28.61 -7.24 -32.11
C HIS H 163 29.74 -7.47 -33.07
N VAL H 164 30.94 -7.08 -32.67
CA VAL H 164 32.11 -7.28 -33.49
C VAL H 164 32.44 -8.79 -33.66
N THR H 165 32.47 -9.53 -32.55
CA THR H 165 32.71 -10.98 -32.62
C THR H 165 31.63 -11.66 -33.45
N LYS H 166 30.37 -11.27 -33.24
CA LYS H 166 29.25 -11.81 -33.99
C LYS H 166 29.45 -11.62 -35.49
N ALA H 167 29.80 -10.41 -35.92
CA ALA H 167 30.01 -10.16 -37.33
C ALA H 167 31.23 -10.94 -37.83
N ALA H 168 32.24 -11.06 -36.99
CA ALA H 168 33.45 -11.80 -37.38
C ALA H 168 33.19 -13.31 -37.64
N LEU H 169 32.24 -13.90 -36.92
CA LEU H 169 31.95 -15.35 -37.03
C LEU H 169 31.75 -15.88 -38.45
N SER H 170 31.16 -15.05 -39.33
CA SER H 170 31.00 -15.36 -40.75
C SER H 170 32.32 -15.56 -41.46
N HIS H 171 33.42 -15.11 -40.84
CA HIS H 171 34.74 -15.13 -41.48
C HIS H 171 35.78 -15.97 -40.80
N LEU H 172 35.54 -16.31 -39.53
CA LEU H 172 36.44 -17.18 -38.80
C LEU H 172 36.16 -18.64 -39.17
N LYS H 173 37.24 -19.40 -39.31
CA LYS H 173 37.24 -20.81 -39.64
C LYS H 173 38.18 -21.53 -38.66
N GLN H 174 38.22 -22.86 -38.73
CA GLN H 174 39.15 -23.67 -37.95
C GLN H 174 40.54 -23.02 -37.98
N GLY H 175 41.23 -22.99 -36.84
CA GLY H 175 42.53 -22.30 -36.70
C GLY H 175 42.45 -20.82 -36.32
N ASP H 176 41.29 -20.20 -36.58
CA ASP H 176 41.07 -18.78 -36.19
C ASP H 176 40.89 -18.58 -34.69
N VAL H 177 41.08 -17.34 -34.27
CA VAL H 177 41.21 -17.06 -32.85
C VAL H 177 40.60 -15.73 -32.42
N ILE H 178 40.04 -15.72 -31.21
CA ILE H 178 39.47 -14.52 -30.62
C ILE H 178 40.20 -14.29 -29.29
N ILE H 179 40.57 -13.05 -29.02
CA ILE H 179 41.21 -12.64 -27.76
C ILE H 179 40.45 -11.43 -27.19
N ASN H 180 40.03 -11.54 -25.94
CA ASN H 180 39.26 -10.46 -25.28
C ASN H 180 40.03 -9.84 -24.11
N THR H 181 40.24 -8.53 -24.14
CA THR H 181 40.91 -7.86 -23.00
C THR H 181 39.89 -7.65 -21.86
N ALA H 182 40.14 -8.29 -20.71
CA ALA H 182 39.31 -8.16 -19.51
C ALA H 182 40.06 -7.15 -18.58
N SER H 183 40.17 -7.43 -17.29
CA SER H 183 40.88 -6.57 -16.33
C SER H 183 40.99 -7.27 -14.99
N ILE H 184 42.01 -6.91 -14.24
CA ILE H 184 42.17 -7.39 -12.90
C ILE H 184 40.90 -7.09 -12.09
N VAL H 185 40.22 -6.00 -12.40
CA VAL H 185 39.04 -5.59 -11.61
C VAL H 185 37.87 -6.56 -11.62
N ALA H 186 37.73 -7.38 -12.65
CA ALA H 186 36.64 -8.38 -12.67
C ALA H 186 36.90 -9.44 -11.60
N TYR H 187 38.16 -9.63 -11.23
CA TYR H 187 38.58 -10.65 -10.25
C TYR H 187 38.65 -10.12 -8.81
N GLU H 188 39.11 -8.89 -8.66
CA GLU H 188 39.32 -8.30 -7.35
C GLU H 188 38.33 -7.23 -6.95
N GLY H 189 37.59 -6.69 -7.91
CA GLY H 189 36.69 -5.58 -7.68
C GLY H 189 37.43 -4.27 -7.66
N ASN H 190 36.71 -3.19 -7.93
CA ASN H 190 37.26 -1.84 -7.77
C ASN H 190 36.14 -0.91 -7.33
N GLU H 191 36.23 -0.43 -6.09
CA GLU H 191 35.21 0.36 -5.49
C GLU H 191 34.92 1.68 -6.21
N THR H 192 35.90 2.22 -6.96
CA THR H 192 35.73 3.49 -7.68
C THR H 192 35.24 3.26 -9.13
N LEU H 193 35.11 2.00 -9.56
CA LEU H 193 34.79 1.66 -10.95
C LEU H 193 33.80 0.51 -10.99
N ILE H 194 32.64 0.73 -10.37
CA ILE H 194 31.67 -0.34 -10.22
C ILE H 194 31.07 -0.78 -11.57
N ASP H 195 30.71 0.19 -12.43
CA ASP H 195 30.14 -0.15 -13.73
C ASP H 195 31.20 -0.75 -14.65
N TYR H 196 32.36 -0.09 -14.70
CA TYR H 196 33.50 -0.60 -15.44
C TYR H 196 33.79 -2.05 -15.03
N SER H 197 33.93 -2.30 -13.73
N SER H 197 33.92 -2.31 -13.72
CA SER H 197 34.21 -3.67 -13.24
CA SER H 197 34.21 -3.68 -13.25
C SER H 197 33.15 -4.67 -13.70
C SER H 197 33.15 -4.67 -13.70
N ALA H 198 31.87 -4.27 -13.66
CA ALA H 198 30.78 -5.14 -14.12
C ALA H 198 30.97 -5.50 -15.60
N THR H 199 31.33 -4.53 -16.45
CA THR H 199 31.54 -4.86 -17.85
C THR H 199 32.70 -5.84 -18.06
N LYS H 200 33.77 -5.70 -17.26
CA LYS H 200 34.91 -6.59 -17.30
C LYS H 200 34.56 -8.00 -16.78
N GLY H 201 33.68 -8.11 -15.80
CA GLY H 201 33.18 -9.42 -15.35
C GLY H 201 32.32 -10.02 -16.49
N ALA H 202 31.62 -9.16 -17.22
CA ALA H 202 30.82 -9.57 -18.36
C ALA H 202 31.74 -10.17 -19.42
N ILE H 203 32.88 -9.54 -19.63
CA ILE H 203 33.89 -10.02 -20.59
C ILE H 203 34.42 -11.41 -20.22
N VAL H 204 34.70 -11.62 -18.94
CA VAL H 204 35.19 -12.91 -18.44
C VAL H 204 34.14 -14.00 -18.75
N ALA H 205 32.89 -13.78 -18.36
CA ALA H 205 31.84 -14.77 -18.64
C ALA H 205 31.65 -15.03 -20.14
N PHE H 206 31.65 -13.97 -20.94
CA PHE H 206 31.52 -14.03 -22.39
C PHE H 206 32.61 -14.94 -23.00
N THR H 207 33.85 -14.75 -22.58
CA THR H 207 34.97 -15.56 -23.02
C THR H 207 34.78 -17.06 -22.72
N ARG H 208 34.37 -17.33 -21.48
CA ARG H 208 34.14 -18.68 -21.05
C ARG H 208 33.03 -19.32 -21.88
N SER H 209 31.89 -18.65 -22.01
CA SER H 209 30.76 -19.22 -22.75
C SER H 209 31.02 -19.36 -24.25
N LEU H 210 31.61 -18.34 -24.86
CA LEU H 210 31.89 -18.39 -26.31
C LEU H 210 32.95 -19.43 -26.64
N SER H 211 33.92 -19.69 -25.75
CA SER H 211 34.92 -20.73 -26.03
C SER H 211 34.28 -22.10 -26.17
N GLN H 212 33.29 -22.37 -25.33
N GLN H 212 33.31 -22.42 -25.30
CA GLN H 212 32.63 -23.66 -25.33
CA GLN H 212 32.60 -23.70 -25.38
C GLN H 212 31.76 -23.74 -26.60
C GLN H 212 31.80 -23.74 -26.68
N SER H 213 31.15 -22.62 -26.99
CA SER H 213 30.33 -22.51 -28.22
C SER H 213 31.12 -22.76 -29.53
N LEU H 214 32.38 -22.33 -29.58
CA LEU H 214 33.15 -22.34 -30.80
C LEU H 214 34.20 -23.44 -30.87
N VAL H 215 34.33 -24.22 -29.80
CA VAL H 215 35.35 -25.25 -29.72
C VAL H 215 35.19 -26.29 -30.85
N GLN H 216 33.95 -26.68 -31.15
CA GLN H 216 33.76 -27.67 -32.22
C GLN H 216 34.04 -27.08 -33.60
N LYS H 217 33.99 -25.75 -33.74
CA LYS H 217 34.36 -25.08 -35.00
C LYS H 217 35.87 -24.79 -35.08
N GLY H 218 36.63 -25.23 -34.06
CA GLY H 218 38.05 -25.00 -34.04
C GLY H 218 38.48 -23.56 -33.90
N ILE H 219 37.66 -22.73 -33.25
CA ILE H 219 38.00 -21.34 -33.00
C ILE H 219 38.25 -21.21 -31.49
N ARG H 220 39.44 -20.78 -31.10
CA ARG H 220 39.78 -20.63 -29.70
C ARG H 220 39.36 -19.25 -29.22
N VAL H 221 38.95 -19.15 -27.96
CA VAL H 221 38.56 -17.85 -27.37
C VAL H 221 39.20 -17.76 -25.98
N ASN H 222 40.08 -16.77 -25.79
CA ASN H 222 40.75 -16.54 -24.51
C ASN H 222 40.80 -15.05 -24.16
N GLY H 223 41.32 -14.77 -22.95
CA GLY H 223 41.46 -13.41 -22.48
C GLY H 223 42.76 -13.06 -21.81
N VAL H 224 43.00 -11.76 -21.69
CA VAL H 224 44.13 -11.21 -20.97
C VAL H 224 43.53 -10.27 -19.94
N ALA H 225 44.00 -10.36 -18.68
CA ALA H 225 43.53 -9.48 -17.59
C ALA H 225 44.69 -8.64 -17.06
N PRO H 226 44.86 -7.44 -17.62
CA PRO H 226 45.91 -6.55 -17.14
C PRO H 226 45.62 -5.97 -15.78
N GLY H 227 46.67 -5.65 -15.03
CA GLY H 227 46.56 -4.90 -13.81
C GLY H 227 46.84 -3.46 -14.25
N PRO H 228 47.37 -2.63 -13.35
CA PRO H 228 47.59 -1.25 -13.77
C PRO H 228 48.70 -1.12 -14.83
N ILE H 229 48.36 -0.49 -15.95
CA ILE H 229 49.30 -0.29 -17.02
C ILE H 229 49.31 1.21 -17.29
N TRP H 230 50.49 1.82 -17.34
CA TRP H 230 50.62 3.25 -17.63
C TRP H 230 50.20 3.53 -19.10
N THR H 231 48.94 3.95 -19.29
CA THR H 231 48.34 4.23 -20.62
C THR H 231 47.54 5.56 -20.59
N PRO H 232 47.06 6.04 -21.76
CA PRO H 232 46.24 7.26 -21.79
C PRO H 232 44.89 7.12 -21.08
N LEU H 233 44.45 5.88 -20.86
CA LEU H 233 43.21 5.63 -20.11
C LEU H 233 43.32 6.16 -18.66
N ILE H 234 44.53 6.23 -18.11
CA ILE H 234 44.74 6.66 -16.71
C ILE H 234 44.57 8.17 -16.49
N PRO H 235 45.42 9.01 -17.13
CA PRO H 235 45.24 10.47 -16.94
C PRO H 235 43.89 11.06 -17.43
N SER H 236 43.18 10.34 -18.31
CA SER H 236 41.91 10.83 -18.86
C SER H 236 40.69 10.40 -18.04
N SER H 237 40.90 9.62 -16.97
CA SER H 237 39.81 9.17 -16.09
C SER H 237 40.14 9.42 -14.60
N PHE H 238 41.24 8.86 -14.10
CA PHE H 238 41.64 9.09 -12.70
C PHE H 238 42.12 10.52 -12.56
N SER H 244 49.03 9.07 -10.52
CA SER H 244 50.31 9.54 -10.01
C SER H 244 50.94 8.54 -9.04
N GLN H 245 50.09 7.96 -8.19
CA GLN H 245 50.46 6.88 -7.27
C GLN H 245 49.93 5.58 -7.90
N PHE H 246 49.69 5.64 -9.21
CA PHE H 246 49.15 4.54 -9.99
C PHE H 246 50.19 3.41 -10.09
N GLY H 247 49.76 2.18 -9.78
CA GLY H 247 50.62 0.99 -9.84
C GLY H 247 51.52 0.71 -8.65
N SER H 248 51.55 1.61 -7.66
CA SER H 248 52.39 1.44 -6.47
C SER H 248 51.83 0.44 -5.45
N ASN H 249 50.50 0.31 -5.39
CA ASN H 249 49.86 -0.60 -4.46
C ASN H 249 49.92 -2.09 -4.84
N VAL H 250 50.46 -2.42 -6.02
CA VAL H 250 50.63 -3.82 -6.45
C VAL H 250 51.98 -4.35 -5.93
N PRO H 251 52.18 -5.71 -5.93
CA PRO H 251 53.44 -6.31 -5.42
C PRO H 251 54.75 -5.90 -6.12
N MET H 252 54.85 -5.95 -7.46
CA MET H 252 56.10 -5.47 -8.13
C MET H 252 56.33 -3.96 -7.92
N GLN H 253 55.38 -3.30 -7.25
CA GLN H 253 55.45 -1.87 -6.87
C GLN H 253 55.65 -0.90 -8.04
N ARG H 254 54.99 -1.19 -9.15
CA ARG H 254 55.03 -0.35 -10.34
C ARG H 254 53.95 -0.77 -11.33
N PRO H 255 53.50 0.18 -12.17
CA PRO H 255 52.55 -0.20 -13.21
C PRO H 255 53.35 -0.90 -14.28
N GLY H 256 52.69 -1.71 -15.11
CA GLY H 256 53.38 -2.38 -16.20
C GLY H 256 53.38 -1.49 -17.45
N GLN H 257 54.41 -1.65 -18.28
CA GLN H 257 54.47 -0.91 -19.52
C GLN H 257 53.64 -1.64 -20.55
N PRO H 258 53.07 -0.91 -21.50
CA PRO H 258 52.27 -1.64 -22.48
C PRO H 258 52.98 -2.80 -23.17
N TYR H 259 54.28 -2.67 -23.43
CA TYR H 259 55.00 -3.71 -24.16
C TYR H 259 54.99 -5.03 -23.38
N GLU H 260 54.85 -4.96 -22.05
CA GLU H 260 54.83 -6.17 -21.20
C GLU H 260 53.57 -7.03 -21.31
N LEU H 261 52.55 -6.47 -21.95
CA LEU H 261 51.29 -7.14 -22.19
C LEU H 261 51.26 -7.87 -23.53
N ALA H 262 51.99 -7.36 -24.52
CA ALA H 262 51.95 -7.89 -25.88
C ALA H 262 52.31 -9.38 -26.01
N PRO H 263 53.32 -9.86 -25.29
CA PRO H 263 53.60 -11.32 -25.46
C PRO H 263 52.49 -12.33 -25.08
N ALA H 264 51.62 -11.96 -24.13
CA ALA H 264 50.49 -12.78 -23.76
C ALA H 264 49.55 -12.90 -24.94
N TYR H 265 49.33 -11.77 -25.63
CA TYR H 265 48.45 -11.76 -26.81
C TYR H 265 49.02 -12.60 -27.95
N VAL H 266 50.33 -12.56 -28.14
CA VAL H 266 51.01 -13.41 -29.14
C VAL H 266 50.85 -14.92 -28.89
N TYR H 267 51.01 -15.33 -27.63
CA TYR H 267 50.81 -16.71 -27.20
C TYR H 267 49.35 -17.18 -27.46
N LEU H 268 48.37 -16.36 -27.08
N LEU H 268 48.38 -16.35 -27.06
CA LEU H 268 46.98 -16.71 -27.29
CA LEU H 268 46.96 -16.66 -27.26
C LEU H 268 46.60 -16.61 -28.76
C LEU H 268 46.61 -16.61 -28.75
N ALA H 269 47.24 -15.70 -29.49
CA ALA H 269 46.97 -15.52 -30.95
C ALA H 269 47.55 -16.60 -31.89
N SER H 270 48.69 -17.14 -31.51
CA SER H 270 49.42 -18.13 -32.31
C SER H 270 49.09 -19.60 -31.95
N SER H 271 49.75 -20.53 -32.65
CA SER H 271 49.63 -21.99 -32.40
C SER H 271 50.35 -22.47 -31.16
N ASP H 272 51.11 -21.60 -30.54
CA ASP H 272 51.72 -21.93 -29.25
C ASP H 272 50.65 -22.30 -28.18
N SER H 273 49.43 -21.77 -28.31
CA SER H 273 48.35 -22.00 -27.34
C SER H 273 47.22 -22.85 -27.94
N SER H 274 47.58 -23.79 -28.83
CA SER H 274 46.61 -24.66 -29.54
C SER H 274 45.74 -25.52 -28.63
N TYR H 275 46.24 -25.85 -27.44
CA TYR H 275 45.44 -26.65 -26.49
C TYR H 275 44.85 -25.75 -25.40
N VAL H 276 44.66 -24.47 -25.71
CA VAL H 276 44.12 -23.45 -24.76
C VAL H 276 42.92 -22.65 -25.26
N THR H 277 41.77 -22.88 -24.65
CA THR H 277 40.58 -22.11 -24.92
C THR H 277 39.79 -21.89 -23.61
N GLY H 278 39.08 -20.76 -23.53
CA GLY H 278 38.30 -20.40 -22.35
C GLY H 278 39.08 -19.86 -21.14
N GLN H 279 40.35 -19.50 -21.33
CA GLN H 279 41.23 -19.10 -20.21
C GLN H 279 41.57 -17.63 -20.14
N MET H 280 42.27 -17.26 -19.05
CA MET H 280 42.69 -15.88 -18.79
C MET H 280 44.14 -15.83 -18.37
N ILE H 281 44.91 -14.95 -18.97
CA ILE H 281 46.32 -14.73 -18.60
C ILE H 281 46.38 -13.44 -17.82
N HIS H 282 46.79 -13.52 -16.56
CA HIS H 282 46.86 -12.40 -15.61
C HIS H 282 48.21 -11.76 -15.62
N VAL H 283 48.29 -10.55 -16.17
CA VAL H 283 49.56 -9.82 -16.29
C VAL H 283 49.35 -8.59 -15.47
N ASN H 284 49.68 -8.68 -14.18
CA ASN H 284 49.24 -7.65 -13.23
C ASN H 284 50.16 -7.17 -12.12
N GLY H 285 51.44 -7.49 -12.22
CA GLY H 285 52.40 -7.08 -11.19
C GLY H 285 52.43 -7.95 -9.93
N GLY H 286 51.89 -9.16 -10.04
CA GLY H 286 51.88 -10.13 -8.97
C GLY H 286 50.65 -10.19 -8.06
N VAL H 287 49.56 -9.56 -8.45
CA VAL H 287 48.35 -9.62 -7.62
C VAL H 287 47.76 -11.00 -7.73
N ILE H 288 47.61 -11.66 -6.59
CA ILE H 288 47.09 -13.01 -6.56
C ILE H 288 45.57 -12.93 -6.70
N VAL H 289 45.00 -13.67 -7.64
CA VAL H 289 43.57 -13.60 -7.91
C VAL H 289 42.91 -14.98 -7.90
N ASN H 290 43.49 -15.92 -7.14
CA ASN H 290 43.00 -17.28 -7.10
C ASN H 290 42.91 -17.84 -8.53
N GLY H 291 43.89 -17.49 -9.36
CA GLY H 291 43.95 -17.92 -10.75
C GLY H 291 44.62 -19.28 -10.97
#